data_3LRS
#
_entry.id   3LRS
#
_cell.length_a   81.317
_cell.length_b   165.085
_cell.length_c   81.363
_cell.angle_alpha   90.00
_cell.angle_beta   91.55
_cell.angle_gamma   90.00
#
_symmetry.space_group_name_H-M   'P 1 21 1'
#
loop_
_entity.id
_entity.type
_entity.pdbx_description
1 polymer 'PG-16 Heavy Chain Fab'
2 polymer 'PG-16 Light Chain Fab'
3 non-polymer 2-acetamido-2-deoxy-beta-D-glucopyranose
4 water water
#
loop_
_entity_poly.entity_id
_entity_poly.type
_entity_poly.pdbx_seq_one_letter_code
_entity_poly.pdbx_strand_id
1 'polypeptide(L)'
;QEQLVESGGGVVQPGGSLRLSCLASGFTFHKYGMHWVRQAPGKGLEWVALISDDGMRKYHSDSMWGRVTISRDNSKNTLY
LQFSSLKVEDTAMFFCAREAGGPIWHDDVKYYDFNDGYYNYHYMDVWGKGTTVTVSSASTKGPSVFPLAPSSKSTSGGTA
ALGCLVKDYFPEPVTVSWNSGALTSGVHTFPAVLQSSGLYSLSSVVTVPSSSLGTQTYICNVNHKPSNTKVDKRVEPK
;
H,A,C,E
2 'polypeptide(L)'
;ALTQPASVSGSPGQTITISCNGTSSDVGGFDSVSWYQQSPGKAPKVMVFDVSHRPSGISNRFSGSKSGNTASLTISGLHI
EDEGDYFCSSLTDRSHRIFGGGTKVTVLGQPKAAPSVTLFPPSSEELQANKATLVCLISDFYPGAVTVAWKADSSPVKAG
VETTTPSKQSNNKYAASSYLSLTPEQWKSHKSYSCQVTHEGSTVEKTVAPT
;
L,B,D,F
#
loop_
_chem_comp.id
_chem_comp.type
_chem_comp.name
_chem_comp.formula
NAG D-saccharide, beta linking 2-acetamido-2-deoxy-beta-D-glucopyranose 'C8 H15 N O6'
#
# COMPACT_ATOMS: atom_id res chain seq x y z
N GLN A 1 29.52 9.05 20.13
CA GLN A 1 29.68 10.49 19.80
C GLN A 1 28.72 11.35 20.60
N GLU A 2 28.90 12.66 20.52
CA GLU A 2 28.15 13.63 21.33
C GLU A 2 26.64 13.58 21.07
N GLN A 3 25.87 13.22 22.10
CA GLN A 3 24.43 13.04 21.96
C GLN A 3 23.61 13.47 23.19
N LEU A 4 22.45 14.07 22.92
CA LEU A 4 21.48 14.42 23.95
C LEU A 4 20.11 13.88 23.56
N VAL A 5 19.40 13.28 24.50
CA VAL A 5 18.00 12.88 24.26
C VAL A 5 17.07 13.42 25.34
N GLU A 6 16.15 14.28 24.90
CA GLU A 6 15.14 14.84 25.76
C GLU A 6 14.08 13.79 26.05
N SER A 7 13.49 13.85 27.24
CA SER A 7 12.36 12.99 27.56
C SER A 7 11.53 13.60 28.68
N GLY A 8 10.25 13.27 28.72
CA GLY A 8 9.39 13.70 29.80
C GLY A 8 8.18 14.47 29.31
N GLY A 9 8.17 14.81 28.03
CA GLY A 9 7.02 15.47 27.44
C GLY A 9 5.78 14.59 27.41
N GLY A 10 4.75 15.06 26.72
CA GLY A 10 3.46 14.39 26.69
C GLY A 10 2.42 15.46 26.92
N VAL A 11 1.17 15.05 27.10
CA VAL A 11 0.07 15.99 27.36
C VAL A 11 -0.09 16.26 28.86
N VAL A 12 -0.11 17.55 29.21
CA VAL A 12 -0.19 17.97 30.60
C VAL A 12 -1.30 18.99 30.77
N GLN A 13 -1.68 19.24 32.02
CA GLN A 13 -2.83 20.06 32.31
C GLN A 13 -2.41 21.48 32.71
N PRO A 14 -3.16 22.49 32.23
CA PRO A 14 -2.84 23.86 32.63
C PRO A 14 -2.77 23.95 34.14
N GLY A 15 -1.97 24.87 34.68
CA GLY A 15 -1.86 25.05 36.11
C GLY A 15 -0.96 24.02 36.75
N GLY A 16 -0.83 22.87 36.10
CA GLY A 16 0.04 21.83 36.60
C GLY A 16 1.50 22.14 36.37
N SER A 17 2.33 21.25 36.92
CA SER A 17 3.78 21.32 36.76
C SER A 17 4.25 20.13 35.94
N LEU A 18 5.53 20.15 35.55
CA LEU A 18 6.12 19.08 34.75
C LEU A 18 7.64 19.13 34.83
N ARG A 19 8.30 17.99 34.71
CA ARG A 19 9.76 17.97 34.65
C ARG A 19 10.30 17.24 33.43
N LEU A 20 10.96 17.98 32.56
CA LEU A 20 11.63 17.38 31.42
C LEU A 20 13.05 16.99 31.82
N SER A 21 13.63 16.05 31.09
CA SER A 21 15.01 15.62 31.31
C SER A 21 15.77 15.49 30.01
N CYS A 22 17.06 15.79 30.07
CA CYS A 22 17.93 15.58 28.93
C CYS A 22 19.03 14.66 29.43
N LEU A 23 19.24 13.54 28.74
CA LEU A 23 20.27 12.59 29.13
C LEU A 23 21.45 12.69 28.18
N ALA A 24 22.62 13.05 28.70
CA ALA A 24 23.77 13.27 27.84
C ALA A 24 24.65 12.03 27.74
N SER A 25 25.54 12.05 26.76
CA SER A 25 26.50 10.96 26.56
C SER A 25 27.43 11.33 25.41
N GLY A 26 28.59 10.68 25.34
CA GLY A 26 29.55 10.94 24.28
C GLY A 26 30.46 12.12 24.54
N PHE A 27 30.39 12.67 25.74
CA PHE A 27 31.25 13.78 26.12
C PHE A 27 31.20 13.99 27.62
N THR A 28 32.23 14.64 28.17
CA THR A 28 32.30 14.89 29.61
C THR A 28 31.30 15.94 30.05
N PHE A 29 30.15 15.48 30.54
CA PHE A 29 29.01 16.35 30.84
C PHE A 29 29.39 17.51 31.77
N HIS A 30 29.95 17.19 32.93
CA HIS A 30 30.19 18.19 33.96
C HIS A 30 31.10 19.35 33.53
N LYS A 31 31.60 19.35 32.30
CA LYS A 31 32.46 20.44 31.82
C LYS A 31 31.76 21.51 30.95
N TYR A 32 30.48 21.29 30.62
CA TYR A 32 29.80 22.23 29.73
C TYR A 32 28.55 22.82 30.33
N GLY A 33 28.30 24.08 30.02
CA GLY A 33 26.99 24.66 30.29
C GLY A 33 25.97 23.99 29.39
N MET A 34 24.69 24.04 29.77
CA MET A 34 23.61 23.40 29.00
C MET A 34 22.43 24.35 28.90
N HIS A 35 21.77 24.41 27.76
CA HIS A 35 20.58 25.24 27.62
C HIS A 35 19.35 24.40 27.39
N TRP A 36 18.20 25.03 27.56
CA TRP A 36 16.95 24.54 27.01
C TRP A 36 16.52 25.60 26.01
N VAL A 37 15.99 25.16 24.89
CA VAL A 37 15.49 26.02 23.85
C VAL A 37 14.13 25.45 23.51
N ARG A 38 13.13 26.29 23.38
CA ARG A 38 11.83 25.81 23.01
C ARG A 38 11.41 26.32 21.65
N GLN A 39 10.38 25.69 21.09
CA GLN A 39 9.84 26.05 19.78
C GLN A 39 8.36 25.67 19.69
N ALA A 40 7.49 26.66 19.83
CA ALA A 40 6.07 26.45 19.67
C ALA A 40 5.84 25.92 18.26
N PRO A 41 4.71 25.26 18.04
CA PRO A 41 4.40 24.67 16.72
C PRO A 41 4.43 25.70 15.57
N GLY A 42 5.37 25.53 14.64
CA GLY A 42 5.48 26.43 13.51
C GLY A 42 5.98 27.85 13.80
N LYS A 43 6.59 28.08 14.96
CA LYS A 43 7.18 29.39 15.23
C LYS A 43 8.67 29.21 15.34
N GLY A 44 9.38 30.25 15.79
CA GLY A 44 10.83 30.21 15.81
C GLY A 44 11.44 29.56 17.04
N LEU A 45 12.77 29.42 17.01
CA LEU A 45 13.48 28.95 18.20
C LEU A 45 13.42 30.06 19.23
N GLU A 46 13.50 29.68 20.50
CA GLU A 46 13.28 30.63 21.56
C GLU A 46 14.03 30.18 22.78
N TRP A 47 14.92 31.05 23.29
CA TRP A 47 15.81 30.65 24.35
C TRP A 47 15.04 30.58 25.66
N VAL A 48 15.33 29.56 26.48
CA VAL A 48 14.61 29.40 27.76
C VAL A 48 15.51 29.55 28.97
N ALA A 49 16.61 28.79 29.03
CA ALA A 49 17.52 28.84 30.17
C ALA A 49 18.90 28.28 29.85
N LEU A 50 19.89 28.73 30.63
CA LEU A 50 21.26 28.23 30.60
C LEU A 50 21.69 27.92 32.04
N ILE A 51 22.43 26.83 32.22
CA ILE A 51 23.02 26.49 33.50
C ILE A 51 24.49 26.15 33.31
N SER A 52 25.33 26.55 34.26
CA SER A 52 26.78 26.39 34.10
C SER A 52 27.21 24.94 34.29
N ASP A 53 28.46 24.65 33.94
CA ASP A 53 28.99 23.30 34.07
C ASP A 53 28.68 22.67 35.45
N ASP A 54 28.91 23.43 36.52
CA ASP A 54 28.80 22.89 37.89
C ASP A 54 27.43 23.12 38.48
N GLY A 55 26.55 23.77 37.72
CA GLY A 55 25.16 23.86 38.10
C GLY A 55 24.91 24.83 39.21
N MET A 56 25.90 25.65 39.53
CA MET A 56 25.72 26.64 40.58
C MET A 56 25.26 27.98 40.01
N ARG A 57 25.28 28.13 38.70
CA ARG A 57 24.83 29.38 38.09
C ARG A 57 23.77 29.15 37.01
N LYS A 58 22.61 29.77 37.21
CA LYS A 58 21.51 29.62 36.28
C LYS A 58 21.17 30.99 35.72
N TYR A 59 20.69 31.01 34.47
CA TYR A 59 20.20 32.20 33.81
C TYR A 59 18.92 31.81 33.11
N HIS A 60 17.87 32.61 33.24
CA HIS A 60 16.58 32.32 32.63
C HIS A 60 16.10 33.49 31.78
N SER A 61 15.25 33.20 30.82
CA SER A 61 14.62 34.20 29.99
C SER A 61 13.61 34.99 30.80
N ASP A 62 13.65 36.31 30.64
CA ASP A 62 12.73 37.20 31.32
C ASP A 62 11.29 37.01 30.89
N SER A 63 11.07 36.39 29.74
CA SER A 63 9.71 36.25 29.26
C SER A 63 9.06 34.94 29.71
N MET A 64 9.80 34.14 30.47
CA MET A 64 9.21 32.99 31.16
C MET A 64 8.60 33.40 32.50
N TRP A 65 8.86 34.64 32.91
CA TRP A 65 8.28 35.20 34.14
C TRP A 65 8.56 34.40 35.39
N GLY A 66 9.65 33.63 35.39
CA GLY A 66 10.08 32.92 36.57
C GLY A 66 9.42 31.57 36.77
N ARG A 67 8.67 31.11 35.76
CA ARG A 67 7.90 29.87 35.82
C ARG A 67 8.75 28.64 35.55
N VAL A 68 9.95 28.85 35.03
CA VAL A 68 10.84 27.73 34.75
C VAL A 68 12.12 27.79 35.58
N THR A 69 12.54 26.61 36.03
CA THR A 69 13.75 26.46 36.79
C THR A 69 14.61 25.36 36.18
N ILE A 70 15.83 25.70 35.78
CA ILE A 70 16.70 24.72 35.17
C ILE A 70 17.57 24.18 36.30
N SER A 71 18.01 22.93 36.16
CA SER A 71 18.89 22.30 37.14
C SER A 71 19.57 21.11 36.48
N ARG A 72 20.51 20.48 37.16
CA ARG A 72 21.21 19.33 36.57
C ARG A 72 21.75 18.41 37.65
N ASP A 73 22.09 17.20 37.24
CA ASP A 73 22.76 16.24 38.11
C ASP A 73 23.94 15.66 37.32
N ASN A 74 25.15 16.07 37.67
CA ASN A 74 26.33 15.62 36.95
C ASN A 74 26.73 14.16 37.24
N SER A 75 26.18 13.59 38.30
CA SER A 75 26.39 12.19 38.60
C SER A 75 25.58 11.31 37.64
N LYS A 76 24.45 11.83 37.19
CA LYS A 76 23.57 11.11 36.26
C LYS A 76 23.76 11.55 34.81
N ASN A 77 24.70 12.46 34.59
CA ASN A 77 24.85 13.07 33.28
C ASN A 77 23.47 13.50 32.74
N THR A 78 22.71 14.20 33.57
CA THR A 78 21.35 14.61 33.20
C THR A 78 21.06 16.07 33.51
N LEU A 79 20.34 16.72 32.58
CA LEU A 79 19.91 18.10 32.73
C LEU A 79 18.38 18.07 32.91
N TYR A 80 17.83 19.02 33.65
CA TYR A 80 16.39 19.02 33.93
C TYR A 80 15.77 20.39 33.68
N LEU A 81 14.48 20.40 33.35
CA LEU A 81 13.74 21.66 33.32
C LEU A 81 12.41 21.48 34.00
N GLN A 82 12.09 22.40 34.90
CA GLN A 82 10.86 22.27 35.66
C GLN A 82 9.94 23.45 35.44
N PHE A 83 8.64 23.16 35.40
CA PHE A 83 7.62 24.19 35.32
C PHE A 83 6.77 24.30 36.58
N SER A 84 5.93 25.32 36.58
CA SER A 84 4.74 25.39 37.41
C SER A 84 3.77 26.28 36.62
N SER A 85 2.52 26.37 37.06
CA SER A 85 1.54 27.17 36.34
C SER A 85 1.72 27.06 34.84
N LEU A 86 1.63 25.83 34.33
CA LEU A 86 1.60 25.61 32.89
C LEU A 86 0.43 26.35 32.26
N LYS A 87 0.57 26.70 31.00
CA LYS A 87 -0.48 27.40 30.27
C LYS A 87 -0.52 26.79 28.88
N VAL A 88 -1.64 26.93 28.19
CA VAL A 88 -1.74 26.38 26.86
C VAL A 88 -0.65 26.97 25.96
N GLU A 89 -0.32 28.23 26.17
CA GLU A 89 0.66 28.90 25.31
C GLU A 89 2.08 28.41 25.59
N ASP A 90 2.21 27.42 26.47
CA ASP A 90 3.51 26.81 26.73
C ASP A 90 3.74 25.63 25.81
N THR A 91 2.67 25.15 25.19
CA THR A 91 2.76 24.08 24.21
C THR A 91 3.84 24.34 23.18
N ALA A 92 4.78 23.41 23.06
CA ALA A 92 5.95 23.58 22.20
C ALA A 92 6.82 22.33 22.25
N MET A 93 7.76 22.21 21.32
CA MET A 93 8.80 21.20 21.46
C MET A 93 9.96 21.76 22.29
N PHE A 94 10.66 20.90 23.04
CA PHE A 94 11.71 21.36 23.93
C PHE A 94 13.04 20.68 23.64
N PHE A 95 14.02 21.49 23.27
CA PHE A 95 15.32 20.99 22.87
C PHE A 95 16.30 21.25 23.97
N CYS A 96 17.13 20.26 24.22
CA CYS A 96 18.22 20.39 25.14
C CYS A 96 19.42 20.71 24.24
N ALA A 97 20.35 21.56 24.68
CA ALA A 97 21.50 21.90 23.83
C ALA A 97 22.73 22.21 24.67
N ARG A 98 23.89 21.90 24.13
CA ARG A 98 25.14 22.10 24.83
C ARG A 98 25.73 23.47 24.52
N GLU A 99 26.34 24.09 25.51
CA GLU A 99 27.08 25.33 25.31
C GLU A 99 28.51 24.97 24.99
N ALA A 100 28.87 25.09 23.71
CA ALA A 100 30.23 24.82 23.23
C ALA A 100 31.27 25.46 24.14
N GLY A 101 32.36 24.75 24.40
CA GLY A 101 33.43 25.29 25.24
C GLY A 101 34.74 24.54 25.26
N GLY A 102 35.78 25.19 25.78
CA GLY A 102 37.10 24.61 25.89
C GLY A 102 37.99 25.41 26.85
N PRO A 103 39.19 24.88 27.17
CA PRO A 103 40.17 25.54 28.05
C PRO A 103 40.42 27.02 27.75
N TYR A 118 36.69 25.07 31.90
CA TYR A 118 36.28 25.41 30.54
C TYR A 118 35.63 26.78 30.47
N TYR A 119 35.95 27.52 29.41
CA TYR A 119 35.27 28.76 29.11
C TYR A 119 34.12 28.44 28.18
N ASN A 120 33.01 29.15 28.37
CA ASN A 120 31.85 29.01 27.49
C ASN A 120 32.07 29.81 26.22
N TYR A 121 31.82 29.19 25.07
CA TYR A 121 32.19 29.77 23.78
C TYR A 121 31.06 30.51 23.05
N HIS A 122 29.84 30.40 23.57
CA HIS A 122 28.72 31.26 23.19
C HIS A 122 28.00 30.81 21.92
N TYR A 123 27.84 29.51 21.76
CA TYR A 123 26.92 28.96 20.75
C TYR A 123 26.57 27.53 21.12
N MET A 124 25.50 27.02 20.55
CA MET A 124 25.02 25.69 20.90
C MET A 124 25.47 24.68 19.85
N ASP A 125 26.39 23.80 20.22
CA ASP A 125 26.99 22.90 19.24
C ASP A 125 26.44 21.46 19.25
N VAL A 126 25.61 21.13 20.22
CA VAL A 126 25.00 19.81 20.26
C VAL A 126 23.54 19.92 20.67
N TRP A 127 22.65 19.31 19.87
CA TRP A 127 21.22 19.39 20.08
C TRP A 127 20.62 18.02 20.09
N GLY A 128 19.59 17.86 20.90
CA GLY A 128 18.77 16.67 20.86
C GLY A 128 17.63 16.89 19.89
N LYS A 129 16.97 15.82 19.50
CA LYS A 129 15.68 15.94 18.84
C LYS A 129 14.69 16.06 19.97
N GLY A 130 14.16 17.26 20.18
CA GLY A 130 13.43 17.56 21.40
C GLY A 130 12.25 16.69 21.79
N THR A 131 11.70 16.99 22.95
CA THR A 131 10.52 16.30 23.44
C THR A 131 9.35 17.27 23.38
N THR A 132 8.19 16.78 22.98
CA THR A 132 7.02 17.64 22.80
C THR A 132 6.16 17.71 24.04
N VAL A 133 5.80 18.93 24.41
CA VAL A 133 4.88 19.17 25.51
C VAL A 133 3.60 19.79 24.95
N THR A 134 2.47 19.11 25.16
CA THR A 134 1.17 19.61 24.72
C THR A 134 0.35 19.92 25.98
N VAL A 135 0.10 21.20 26.25
CA VAL A 135 -0.68 21.58 27.43
C VAL A 135 -2.15 21.84 27.12
N SER A 136 -3.03 20.96 27.57
CA SER A 136 -4.45 21.13 27.35
C SER A 136 -5.24 20.49 28.45
N SER A 137 -6.36 21.12 28.81
CA SER A 137 -7.17 20.63 29.91
C SER A 137 -8.24 19.65 29.43
N ALA A 138 -8.18 19.25 28.16
CA ALA A 138 -9.27 18.47 27.55
C ALA A 138 -9.01 16.96 27.54
N SER A 139 -10.10 16.19 27.52
CA SER A 139 -10.02 14.74 27.42
C SER A 139 -10.09 14.28 25.96
N THR A 140 -11.25 13.82 25.53
CA THR A 140 -11.47 13.48 24.12
C THR A 140 -12.71 14.24 23.64
N LYS A 141 -12.46 15.40 23.03
CA LYS A 141 -13.51 16.32 22.61
C LYS A 141 -13.85 16.15 21.14
N GLY A 142 -15.11 15.82 20.86
CA GLY A 142 -15.58 15.75 19.49
C GLY A 142 -15.79 17.14 18.90
N PRO A 143 -15.61 17.27 17.58
CA PRO A 143 -15.62 18.57 16.91
C PRO A 143 -17.02 19.13 16.69
N SER A 144 -17.12 20.46 16.67
CA SER A 144 -18.22 21.14 16.01
C SER A 144 -17.88 21.29 14.53
N VAL A 145 -18.88 21.16 13.66
CA VAL A 145 -18.68 21.35 12.22
C VAL A 145 -19.64 22.43 11.70
N PHE A 146 -19.09 23.61 11.38
CA PHE A 146 -19.88 24.72 10.89
C PHE A 146 -19.71 24.88 9.39
N PRO A 147 -20.80 25.10 8.64
CA PRO A 147 -20.68 25.18 7.17
C PRO A 147 -20.19 26.53 6.69
N LEU A 148 -19.14 26.54 5.87
CA LEU A 148 -18.68 27.76 5.20
C LEU A 148 -19.40 27.85 3.87
N ALA A 149 -20.51 28.58 3.84
CA ALA A 149 -21.38 28.59 2.67
C ALA A 149 -20.74 29.38 1.54
N PRO A 150 -21.09 29.04 0.31
CA PRO A 150 -20.63 29.82 -0.84
C PRO A 150 -21.25 31.22 -0.84
N SER A 151 -20.41 32.24 -0.88
CA SER A 151 -20.86 33.63 -0.84
C SER A 151 -21.44 34.07 -2.18
N SER A 152 -22.17 35.19 -2.17
CA SER A 152 -22.66 35.81 -3.40
C SER A 152 -21.53 36.14 -4.38
N LYS A 153 -21.53 35.47 -5.53
CA LYS A 153 -20.44 35.61 -6.52
C LYS A 153 -20.91 36.36 -7.76
N GLY A 157 -22.25 33.94 -11.19
CA GLY A 157 -20.93 33.59 -10.68
C GLY A 157 -20.13 32.65 -11.58
N GLY A 158 -18.82 32.57 -11.34
CA GLY A 158 -17.93 31.70 -12.10
C GLY A 158 -17.55 30.42 -11.36
N THR A 159 -16.54 30.52 -10.51
CA THR A 159 -16.17 29.42 -9.61
C THR A 159 -16.57 29.70 -8.16
N ALA A 160 -17.13 28.70 -7.51
CA ALA A 160 -17.64 28.84 -6.15
C ALA A 160 -16.77 28.06 -5.17
N ALA A 161 -16.44 28.69 -4.06
CA ALA A 161 -15.69 28.03 -2.99
C ALA A 161 -16.55 27.93 -1.73
N LEU A 162 -16.71 26.72 -1.23
CA LEU A 162 -17.50 26.46 -0.04
C LEU A 162 -16.75 25.43 0.79
N GLY A 163 -17.17 25.20 2.03
CA GLY A 163 -16.43 24.27 2.87
C GLY A 163 -17.02 23.95 4.23
N CYS A 164 -16.18 23.36 5.07
CA CYS A 164 -16.55 22.93 6.41
C CYS A 164 -15.46 23.41 7.38
N LEU A 165 -15.87 23.96 8.51
CA LEU A 165 -14.98 24.37 9.56
C LEU A 165 -15.10 23.38 10.70
N VAL A 166 -14.02 22.69 10.98
CA VAL A 166 -14.05 21.61 11.95
C VAL A 166 -13.26 22.03 13.17
N LYS A 167 -13.93 22.58 14.18
CA LYS A 167 -13.20 23.14 15.30
C LYS A 167 -13.53 22.55 16.66
N ASP A 168 -12.73 22.93 17.65
CA ASP A 168 -12.93 22.56 19.05
C ASP A 168 -12.80 21.07 19.29
N TYR A 169 -11.74 20.47 18.80
CA TYR A 169 -11.59 19.03 18.99
C TYR A 169 -10.24 18.70 19.58
N PHE A 170 -10.17 17.54 20.24
CA PHE A 170 -8.96 17.10 20.89
C PHE A 170 -9.11 15.63 21.20
N PRO A 171 -8.09 14.83 20.87
CA PRO A 171 -6.79 15.15 20.27
C PRO A 171 -6.85 15.10 18.75
N GLU A 172 -5.70 15.27 18.11
CA GLU A 172 -5.60 15.04 16.68
C GLU A 172 -5.59 13.54 16.42
N PRO A 173 -5.96 13.11 15.20
CA PRO A 173 -6.39 13.93 14.07
C PRO A 173 -7.86 13.75 13.80
N VAL A 174 -8.38 14.57 12.89
CA VAL A 174 -9.68 14.34 12.31
C VAL A 174 -9.47 14.23 10.81
N THR A 175 -10.28 13.38 10.20
CA THR A 175 -10.18 13.12 8.79
C THR A 175 -11.41 13.67 8.12
N VAL A 176 -11.28 14.11 6.86
CA VAL A 176 -12.39 14.74 6.16
C VAL A 176 -12.49 14.27 4.70
N SER A 177 -13.68 13.77 4.33
CA SER A 177 -13.98 13.49 2.93
C SER A 177 -15.18 14.33 2.52
N TRP A 178 -15.48 14.33 1.23
CA TRP A 178 -16.61 15.10 0.68
C TRP A 178 -17.53 14.21 -0.13
N ASN A 179 -18.83 14.36 0.09
CA ASN A 179 -19.83 13.54 -0.54
C ASN A 179 -19.43 12.06 -0.47
N SER A 180 -18.96 11.67 0.71
CA SER A 180 -18.59 10.29 1.00
C SER A 180 -17.48 9.79 0.09
N GLY A 181 -16.56 10.68 -0.26
CA GLY A 181 -15.41 10.29 -1.06
C GLY A 181 -15.67 10.35 -2.56
N ALA A 182 -16.92 10.61 -2.92
CA ALA A 182 -17.31 10.70 -4.32
C ALA A 182 -16.86 12.02 -4.95
N LEU A 183 -16.41 12.95 -4.11
CA LEU A 183 -15.90 14.23 -4.60
C LEU A 183 -14.45 14.36 -4.13
N THR A 184 -13.54 14.57 -5.08
CA THR A 184 -12.10 14.54 -4.80
C THR A 184 -11.33 15.66 -5.49
N SER A 185 -11.77 16.01 -6.69
CA SER A 185 -11.14 17.10 -7.41
C SER A 185 -11.48 18.43 -6.75
N GLY A 186 -10.54 19.36 -6.73
CA GLY A 186 -10.78 20.65 -6.13
C GLY A 186 -10.96 20.63 -4.61
N VAL A 187 -10.36 19.67 -3.93
CA VAL A 187 -10.46 19.61 -2.47
C VAL A 187 -9.17 20.00 -1.76
N HIS A 188 -9.24 21.07 -0.98
CA HIS A 188 -8.12 21.47 -0.15
C HIS A 188 -8.48 21.31 1.32
N THR A 189 -8.01 20.23 1.93
CA THR A 189 -8.13 20.03 3.37
C THR A 189 -6.83 20.54 4.02
N PHE A 190 -6.94 21.56 4.86
CA PHE A 190 -5.76 22.17 5.48
C PHE A 190 -5.39 21.52 6.81
N PRO A 191 -4.15 21.75 7.26
CA PRO A 191 -3.62 21.29 8.55
C PRO A 191 -4.28 21.98 9.74
N ALA A 192 -4.20 21.38 10.92
CA ALA A 192 -4.87 21.90 12.12
C ALA A 192 -4.07 22.93 12.91
N VAL A 193 -4.78 23.96 13.34
CA VAL A 193 -4.22 24.99 14.20
C VAL A 193 -4.55 24.62 15.65
N LEU A 194 -3.62 24.92 16.56
CA LEU A 194 -3.92 24.82 17.99
C LEU A 194 -4.36 26.20 18.47
N GLN A 195 -5.58 26.28 18.95
CA GLN A 195 -6.15 27.57 19.34
C GLN A 195 -5.70 27.96 20.74
N SER A 196 -6.10 29.15 21.15
CA SER A 196 -5.80 29.63 22.49
C SER A 196 -6.44 28.71 23.52
N SER A 197 -7.54 28.10 23.15
CA SER A 197 -8.34 27.33 24.09
C SER A 197 -7.65 26.05 24.56
N GLY A 198 -6.83 25.46 23.70
CA GLY A 198 -6.27 24.14 23.95
C GLY A 198 -6.94 23.10 23.06
N LEU A 199 -7.82 23.57 22.19
CA LEU A 199 -8.51 22.72 21.22
C LEU A 199 -8.04 23.06 19.82
N TYR A 200 -8.22 22.10 18.91
CA TYR A 200 -7.81 22.24 17.51
C TYR A 200 -8.95 22.65 16.57
N SER A 201 -8.59 23.36 15.51
CA SER A 201 -9.51 23.70 14.43
C SER A 201 -8.82 23.33 13.13
N LEU A 202 -9.58 22.89 12.13
CA LEU A 202 -9.04 22.77 10.80
C LEU A 202 -10.15 23.06 9.80
N SER A 203 -9.78 23.15 8.52
CA SER A 203 -10.74 23.52 7.48
C SER A 203 -10.58 22.64 6.26
N SER A 204 -11.66 22.56 5.47
CA SER A 204 -11.65 21.86 4.19
C SER A 204 -12.53 22.66 3.24
N VAL A 205 -11.98 23.02 2.09
CA VAL A 205 -12.74 23.68 1.04
C VAL A 205 -12.75 22.82 -0.21
N VAL A 206 -13.78 23.02 -1.01
CA VAL A 206 -13.86 22.40 -2.29
C VAL A 206 -14.18 23.52 -3.24
N THR A 207 -13.56 23.48 -4.42
CA THR A 207 -13.83 24.44 -5.47
C THR A 207 -14.77 23.80 -6.49
N VAL A 208 -15.95 24.37 -6.68
CA VAL A 208 -16.93 23.79 -7.60
C VAL A 208 -17.53 24.86 -8.53
N PRO A 209 -18.25 24.44 -9.57
CA PRO A 209 -18.80 25.44 -10.48
C PRO A 209 -19.98 26.13 -9.83
N SER A 210 -20.13 27.44 -10.00
CA SER A 210 -21.26 28.18 -9.44
C SER A 210 -22.57 27.64 -9.99
N SER A 211 -22.53 27.12 -11.21
CA SER A 211 -23.73 26.64 -11.87
C SER A 211 -24.29 25.40 -11.17
N SER A 212 -23.45 24.72 -10.37
CA SER A 212 -23.87 23.49 -9.72
C SER A 212 -24.50 23.72 -8.36
N LEU A 213 -24.61 24.99 -7.95
CA LEU A 213 -25.19 25.29 -6.65
C LEU A 213 -26.69 25.20 -6.71
N GLY A 214 -27.29 24.52 -5.75
CA GLY A 214 -28.70 24.26 -5.81
C GLY A 214 -29.06 23.08 -6.67
N THR A 215 -28.12 22.48 -7.40
CA THR A 215 -28.41 21.20 -8.05
C THR A 215 -27.48 20.05 -7.58
N GLN A 216 -26.20 20.30 -7.41
CA GLN A 216 -25.35 19.34 -6.70
C GLN A 216 -25.61 19.53 -5.20
N THR A 217 -25.35 18.50 -4.39
CA THR A 217 -25.39 18.61 -2.94
C THR A 217 -24.01 18.35 -2.33
N TYR A 218 -23.48 19.34 -1.62
CA TYR A 218 -22.16 19.23 -1.02
C TYR A 218 -22.19 18.97 0.49
N ILE A 219 -21.88 17.73 0.87
CA ILE A 219 -21.81 17.33 2.27
C ILE A 219 -20.38 16.98 2.63
N CYS A 220 -19.92 17.39 3.80
CA CYS A 220 -18.58 16.99 4.22
C CYS A 220 -18.68 16.00 5.35
N ASN A 221 -17.86 14.97 5.27
CA ASN A 221 -17.91 13.88 6.22
C ASN A 221 -16.66 13.92 7.09
N VAL A 222 -16.90 14.12 8.37
CA VAL A 222 -15.85 14.36 9.34
C VAL A 222 -15.81 13.19 10.31
N ASN A 223 -14.68 12.52 10.42
CA ASN A 223 -14.52 11.48 11.42
C ASN A 223 -13.39 11.83 12.39
N HIS A 224 -13.75 11.94 13.66
CA HIS A 224 -12.78 12.17 14.74
C HIS A 224 -12.61 10.87 15.51
N LYS A 225 -11.75 10.00 15.01
CA LYS A 225 -11.61 8.66 15.56
C LYS A 225 -11.52 8.67 17.10
N PRO A 226 -10.68 9.55 17.66
CA PRO A 226 -10.51 9.57 19.12
C PRO A 226 -11.81 9.63 19.92
N SER A 227 -12.65 10.65 19.70
CA SER A 227 -13.90 10.77 20.44
C SER A 227 -15.03 10.00 19.76
N ASN A 228 -14.66 9.15 18.81
CA ASN A 228 -15.60 8.34 18.03
C ASN A 228 -16.84 9.10 17.60
N THR A 229 -16.60 10.25 16.97
CA THR A 229 -17.63 11.14 16.47
C THR A 229 -17.52 11.24 14.97
N LYS A 230 -18.59 10.83 14.28
CA LYS A 230 -18.73 11.01 12.84
C LYS A 230 -19.85 11.99 12.59
N VAL A 231 -19.66 12.91 11.66
CA VAL A 231 -20.66 13.93 11.37
C VAL A 231 -20.63 14.29 9.89
N ASP A 232 -21.82 14.48 9.28
CA ASP A 232 -21.96 15.00 7.92
C ASP A 232 -22.71 16.33 7.96
N LYS A 233 -22.20 17.35 7.26
CA LYS A 233 -22.87 18.65 7.21
C LYS A 233 -23.09 19.16 5.78
N ARG A 234 -24.34 19.36 5.38
CA ARG A 234 -24.64 19.94 4.07
C ARG A 234 -24.23 21.40 4.07
N VAL A 235 -23.46 21.81 3.07
CA VAL A 235 -23.10 23.21 2.94
C VAL A 235 -23.92 23.79 1.81
N GLU A 236 -24.82 24.72 2.12
CA GLU A 236 -25.72 25.27 1.12
C GLU A 236 -25.65 26.80 1.10
N PRO A 237 -26.09 27.43 -0.01
CA PRO A 237 -26.14 28.90 -0.05
C PRO A 237 -27.22 29.49 0.85
N ALA B 1 13.23 39.58 20.24
CA ALA B 1 13.50 38.75 19.06
C ALA B 1 14.26 39.53 17.98
N LEU B 2 15.40 38.99 17.54
CA LEU B 2 16.15 39.61 16.46
C LEU B 2 15.33 39.47 15.18
N THR B 3 15.50 40.38 14.24
CA THR B 3 14.58 40.46 13.11
C THR B 3 15.18 39.94 11.81
N GLN B 4 14.57 38.86 11.31
CA GLN B 4 14.99 38.26 10.04
C GLN B 4 13.87 38.38 9.06
N PRO B 5 14.21 38.34 7.77
CA PRO B 5 13.19 38.24 6.74
C PRO B 5 12.43 36.93 6.90
N ALA B 6 11.10 36.97 6.83
CA ALA B 6 10.30 35.76 6.91
C ALA B 6 10.85 34.71 5.94
N SER B 7 11.26 35.16 4.76
CA SER B 7 11.55 34.25 3.67
C SER B 7 12.57 34.82 2.69
N VAL B 8 13.60 34.05 2.33
CA VAL B 8 14.46 34.39 1.21
C VAL B 8 14.67 33.19 0.31
N SER B 9 14.60 33.44 -1.00
CA SER B 9 14.62 32.37 -2.01
C SER B 9 15.70 32.63 -3.03
N GLY B 10 16.37 31.56 -3.47
CA GLY B 10 17.34 31.64 -4.55
C GLY B 10 17.27 30.38 -5.39
N SER B 11 17.76 30.45 -6.64
CA SER B 11 17.86 29.27 -7.49
C SER B 11 19.22 28.63 -7.29
N PRO B 12 19.33 27.33 -7.60
CA PRO B 12 20.60 26.62 -7.38
C PRO B 12 21.77 27.42 -7.94
N GLY B 13 22.92 27.37 -7.29
CA GLY B 13 24.12 28.02 -7.81
C GLY B 13 24.20 29.48 -7.44
N GLN B 14 23.04 30.11 -7.26
CA GLN B 14 22.99 31.53 -6.91
C GLN B 14 23.42 31.82 -5.45
N THR B 15 23.72 33.09 -5.17
CA THR B 15 24.25 33.52 -3.89
C THR B 15 23.25 34.42 -3.18
N ILE B 16 22.98 34.11 -1.92
CA ILE B 16 21.81 34.58 -1.22
C ILE B 16 22.20 35.01 0.19
N THR B 17 21.51 35.99 0.75
CA THR B 17 21.92 36.49 2.05
C THR B 17 20.73 36.84 2.96
N ILE B 18 20.82 36.32 4.20
CA ILE B 18 19.81 36.50 5.23
C ILE B 18 20.28 37.52 6.25
N SER B 19 19.54 38.61 6.45
CA SER B 19 19.93 39.63 7.43
C SER B 19 19.35 39.35 8.82
N CYS B 20 20.01 39.89 9.85
CA CYS B 20 19.63 39.67 11.25
C CYS B 20 19.73 40.97 12.02
N ASN B 21 18.70 41.80 11.99
CA ASN B 21 18.75 43.16 12.54
C ASN B 21 18.45 43.15 14.02
N GLY B 22 19.44 43.53 14.81
CA GLY B 22 19.28 43.57 16.25
C GLY B 22 19.51 44.97 16.77
N THR B 23 19.99 45.01 18.01
CA THR B 23 20.20 46.25 18.74
C THR B 23 21.60 46.20 19.33
N SER B 24 22.02 47.31 19.94
CA SER B 24 23.34 47.43 20.52
C SER B 24 23.50 46.65 21.82
N SER B 25 22.45 45.97 22.27
CA SER B 25 22.53 45.16 23.49
C SER B 25 22.82 43.72 23.18
N ASP B 26 22.79 43.40 21.89
CA ASP B 26 22.99 42.04 21.43
C ASP B 26 23.91 42.09 20.20
N VAL B 27 23.33 42.02 19.01
CA VAL B 27 24.13 41.92 17.80
C VAL B 27 25.28 42.90 17.84
N GLY B 28 25.01 44.14 18.25
CA GLY B 28 25.99 45.20 18.13
C GLY B 28 26.89 45.35 19.34
N GLY B 29 26.45 44.82 20.47
CA GLY B 29 27.21 44.92 21.71
C GLY B 29 28.22 43.81 21.89
N PHE B 30 28.12 42.74 21.09
CA PHE B 30 29.06 41.63 21.15
C PHE B 30 29.39 41.07 19.78
N ASP B 31 30.39 40.18 19.73
CA ASP B 31 30.78 39.49 18.51
C ASP B 31 30.50 38.02 18.70
N SER B 32 29.30 37.70 19.18
CA SER B 32 28.96 36.33 19.51
C SER B 32 27.65 35.97 18.84
N VAL B 33 27.65 36.11 17.51
CA VAL B 33 26.48 35.80 16.69
C VAL B 33 26.68 34.43 16.08
N SER B 34 25.68 33.57 16.22
CA SER B 34 25.72 32.23 15.64
C SER B 34 24.45 32.05 14.83
N TRP B 35 24.47 31.09 13.91
CA TRP B 35 23.38 30.85 12.97
C TRP B 35 23.11 29.35 12.95
N TYR B 36 21.83 28.96 12.95
CA TYR B 36 21.46 27.56 13.07
C TYR B 36 20.57 27.21 11.90
N GLN B 37 20.75 26.01 11.38
CA GLN B 37 19.94 25.51 10.29
C GLN B 37 19.07 24.41 10.82
N GLN B 38 17.78 24.53 10.59
CA GLN B 38 16.85 23.50 10.99
C GLN B 38 16.16 22.99 9.74
N SER B 39 16.38 21.72 9.41
CA SER B 39 15.73 21.13 8.24
C SER B 39 14.42 20.49 8.65
N PRO B 40 13.52 20.30 7.68
CA PRO B 40 12.19 19.75 7.94
C PRO B 40 12.25 18.53 8.84
N GLY B 41 11.70 18.63 10.05
CA GLY B 41 11.71 17.51 10.97
C GLY B 41 13.10 17.09 11.40
N LYS B 42 13.87 18.03 11.92
CA LYS B 42 15.18 17.73 12.48
C LYS B 42 15.49 18.69 13.62
N ALA B 43 16.56 18.41 14.35
CA ALA B 43 17.04 19.32 15.37
C ALA B 43 18.05 20.31 14.80
N PRO B 44 17.93 21.58 15.20
CA PRO B 44 18.82 22.60 14.63
C PRO B 44 20.29 22.17 14.59
N LYS B 45 21.07 22.85 13.76
CA LYS B 45 22.46 22.53 13.53
C LYS B 45 23.25 23.82 13.41
N VAL B 46 24.26 24.01 14.26
CA VAL B 46 25.13 25.18 14.16
C VAL B 46 25.81 25.29 12.78
N MET B 47 25.73 26.46 12.16
CA MET B 47 26.39 26.66 10.87
C MET B 47 27.53 27.67 11.03
N VAL B 48 27.28 28.74 11.77
CA VAL B 48 28.28 29.78 12.01
C VAL B 48 28.26 30.14 13.50
N PHE B 49 29.36 30.70 14.00
CA PHE B 49 29.42 31.20 15.39
C PHE B 49 30.48 32.30 15.47
N ASP B 50 30.45 33.08 16.56
CA ASP B 50 31.33 34.25 16.67
C ASP B 50 31.34 35.05 15.35
N VAL B 51 30.15 35.22 14.76
CA VAL B 51 29.92 36.02 13.55
C VAL B 51 30.28 35.33 12.25
N SER B 52 31.54 34.97 12.09
CA SER B 52 32.04 34.55 10.79
C SER B 52 32.73 33.21 10.81
N HIS B 53 32.72 32.51 11.93
CA HIS B 53 33.49 31.29 12.04
C HIS B 53 32.61 30.10 11.69
N ARG B 54 33.21 29.07 11.10
CA ARG B 54 32.49 27.85 10.77
C ARG B 54 33.00 26.65 11.54
N PRO B 55 32.07 25.90 12.16
CA PRO B 55 32.44 24.67 12.87
C PRO B 55 33.11 23.65 11.95
N SER B 56 33.87 22.76 12.56
CA SER B 56 34.59 21.73 11.82
C SER B 56 33.61 20.93 10.97
N GLY B 57 33.81 20.95 9.66
CA GLY B 57 33.03 20.12 8.75
C GLY B 57 31.74 20.77 8.29
N ILE B 58 31.79 22.06 8.03
CA ILE B 58 30.62 22.77 7.51
C ILE B 58 30.99 23.56 6.28
N SER B 59 30.20 23.39 5.22
CA SER B 59 30.57 23.89 3.91
C SER B 59 31.04 25.33 3.93
N ASN B 60 32.14 25.57 3.21
CA ASN B 60 32.71 26.89 3.06
C ASN B 60 31.79 27.84 2.33
N ARG B 61 30.71 27.34 1.76
CA ARG B 61 29.80 28.26 1.10
C ARG B 61 28.79 28.90 2.07
N PHE B 62 28.96 28.66 3.37
CA PHE B 62 28.25 29.39 4.42
C PHE B 62 29.21 30.38 5.11
N SER B 63 28.94 31.68 5.04
CA SER B 63 29.79 32.67 5.71
C SER B 63 28.95 33.73 6.40
N GLY B 64 29.48 34.28 7.49
CA GLY B 64 28.76 35.25 8.31
C GLY B 64 29.47 36.59 8.36
N SER B 65 28.69 37.65 8.61
CA SER B 65 29.22 39.01 8.67
C SER B 65 28.44 39.81 9.69
N LYS B 66 28.95 41.01 9.97
CA LYS B 66 28.29 41.94 10.88
C LYS B 66 28.65 43.38 10.52
N SER B 67 27.65 44.25 10.44
CA SER B 67 27.88 45.68 10.36
C SER B 67 26.95 46.37 11.33
N GLY B 68 27.50 47.18 12.23
CA GLY B 68 26.72 47.82 13.25
C GLY B 68 25.91 46.83 14.08
N ASN B 69 24.59 46.94 14.03
CA ASN B 69 23.71 46.13 14.86
C ASN B 69 23.04 45.01 14.07
N THR B 70 23.46 44.80 12.83
CA THR B 70 22.88 43.71 12.05
C THR B 70 23.95 42.72 11.59
N ALA B 71 23.67 41.45 11.77
CA ALA B 71 24.51 40.39 11.24
C ALA B 71 23.89 39.87 9.94
N SER B 72 24.68 39.11 9.17
CA SER B 72 24.23 38.56 7.90
C SER B 72 24.78 37.15 7.75
N LEU B 73 24.02 36.30 7.08
CA LEU B 73 24.46 34.96 6.73
C LEU B 73 24.38 34.84 5.22
N THR B 74 25.47 34.43 4.60
CA THR B 74 25.54 34.37 3.15
C THR B 74 25.75 32.94 2.70
N ILE B 75 25.01 32.53 1.69
CA ILE B 75 25.13 31.18 1.16
C ILE B 75 25.40 31.28 -0.32
N SER B 76 26.64 31.07 -0.72
CA SER B 76 27.01 31.18 -2.13
C SER B 76 26.91 29.82 -2.81
N GLY B 77 26.30 29.79 -3.99
CA GLY B 77 26.11 28.53 -4.68
C GLY B 77 25.13 27.61 -3.98
N LEU B 78 23.94 28.14 -3.70
CA LEU B 78 22.84 27.34 -3.14
C LEU B 78 22.69 25.92 -3.71
N HIS B 79 22.59 24.94 -2.82
CA HIS B 79 22.20 23.57 -3.16
C HIS B 79 20.82 23.29 -2.61
N ILE B 80 20.18 22.26 -3.16
CA ILE B 80 18.85 21.86 -2.72
C ILE B 80 18.91 21.49 -1.24
N GLU B 81 19.99 20.84 -0.82
CA GLU B 81 20.15 20.38 0.55
C GLU B 81 20.16 21.52 1.58
N ASP B 82 20.15 22.77 1.10
CA ASP B 82 20.19 23.91 1.99
C ASP B 82 18.81 24.35 2.47
N GLU B 83 17.77 23.98 1.73
CA GLU B 83 16.41 24.38 2.08
C GLU B 83 16.18 24.10 3.56
N GLY B 84 15.43 24.97 4.22
CA GLY B 84 15.12 24.80 5.62
C GLY B 84 14.90 26.16 6.25
N ASP B 85 14.80 26.19 7.58
CA ASP B 85 14.68 27.43 8.33
C ASP B 85 16.04 27.77 8.96
N TYR B 86 16.35 29.05 9.08
CA TYR B 86 17.63 29.50 9.60
C TYR B 86 17.43 30.57 10.65
N PHE B 87 18.11 30.42 11.79
CA PHE B 87 17.96 31.36 12.89
C PHE B 87 19.29 31.96 13.29
N CYS B 88 19.33 33.29 13.42
CA CYS B 88 20.48 33.92 14.07
C CYS B 88 20.26 33.91 15.58
N SER B 89 21.34 34.06 16.32
CA SER B 89 21.26 34.09 17.76
C SER B 89 22.39 34.90 18.31
N SER B 90 22.15 35.63 19.39
CA SER B 90 23.22 36.42 19.96
C SER B 90 23.22 36.37 21.47
N LEU B 91 24.40 36.64 22.01
CA LEU B 91 24.60 36.90 23.40
C LEU B 91 23.94 38.26 23.68
N THR B 92 23.40 38.47 24.90
CA THR B 92 22.81 39.77 25.26
C THR B 92 23.52 40.45 26.45
N ASP B 93 23.09 41.69 26.71
CA ASP B 93 23.53 42.51 27.83
C ASP B 93 23.30 41.88 29.18
N ARG B 94 22.26 41.08 29.28
CA ARG B 94 21.87 40.49 30.55
C ARG B 94 22.42 39.08 30.65
N SER B 95 23.42 38.78 29.83
CA SER B 95 24.03 37.46 29.77
C SER B 95 23.05 36.36 29.38
N HIS B 96 22.00 36.75 28.65
CA HIS B 96 21.08 35.78 28.09
C HIS B 96 21.40 35.52 26.64
N ARG B 97 20.68 34.56 26.05
CA ARG B 97 20.72 34.34 24.60
C ARG B 97 19.41 34.82 24.00
N ILE B 98 19.42 35.14 22.72
CA ILE B 98 18.22 35.53 22.04
C ILE B 98 18.29 35.08 20.60
N PHE B 99 17.15 34.62 20.05
CA PHE B 99 17.08 34.17 18.66
C PHE B 99 16.34 35.18 17.77
N GLY B 100 16.64 35.16 16.48
CA GLY B 100 15.81 35.84 15.50
C GLY B 100 14.57 35.02 15.20
N GLY B 101 13.56 35.63 14.60
CA GLY B 101 12.31 34.96 14.33
C GLY B 101 12.43 33.84 13.31
N GLY B 102 13.48 33.90 12.49
CA GLY B 102 13.74 32.84 11.52
C GLY B 102 13.41 33.24 10.09
N THR B 103 14.02 32.51 9.14
CA THR B 103 13.88 32.78 7.71
C THR B 103 13.77 31.44 7.02
N LYS B 104 12.70 31.23 6.25
CA LYS B 104 12.60 30.06 5.41
C LYS B 104 13.38 30.28 4.13
N VAL B 105 14.41 29.49 3.89
CA VAL B 105 15.15 29.57 2.64
C VAL B 105 14.61 28.53 1.70
N THR B 106 14.15 28.95 0.52
CA THR B 106 13.78 27.98 -0.49
C THR B 106 14.73 28.06 -1.68
N VAL B 107 15.04 26.89 -2.24
CA VAL B 107 15.83 26.78 -3.43
C VAL B 107 14.87 26.56 -4.59
N LEU B 108 14.49 27.65 -5.24
CA LEU B 108 13.51 27.61 -6.32
C LEU B 108 13.79 26.46 -7.27
N GLY B 109 12.75 25.68 -7.57
CA GLY B 109 12.85 24.63 -8.57
C GLY B 109 11.75 24.70 -9.60
N GLN B 110 10.83 25.63 -9.43
CA GLN B 110 9.78 25.86 -10.42
C GLN B 110 9.43 27.34 -10.45
N PRO B 111 8.71 27.77 -11.48
CA PRO B 111 8.37 29.20 -11.62
C PRO B 111 7.51 29.71 -10.46
N LYS B 112 7.58 31.01 -10.19
CA LYS B 112 6.77 31.63 -9.17
C LYS B 112 5.29 31.35 -9.42
N ALA B 113 4.51 31.30 -8.35
CA ALA B 113 3.06 31.12 -8.44
C ALA B 113 2.39 31.98 -7.39
N ALA B 114 1.47 32.84 -7.82
CA ALA B 114 0.74 33.70 -6.89
C ALA B 114 -0.34 32.89 -6.19
N PRO B 115 -0.58 33.19 -4.90
CA PRO B 115 -1.56 32.46 -4.08
C PRO B 115 -2.99 32.81 -4.42
N SER B 116 -3.86 31.81 -4.46
CA SER B 116 -5.28 32.05 -4.54
C SER B 116 -5.81 32.22 -3.12
N VAL B 117 -6.54 33.31 -2.88
CA VAL B 117 -7.01 33.66 -1.55
C VAL B 117 -8.53 33.69 -1.47
N THR B 118 -9.09 32.95 -0.52
CA THR B 118 -10.53 32.99 -0.26
C THR B 118 -10.75 33.23 1.23
N LEU B 119 -11.65 34.15 1.57
CA LEU B 119 -11.91 34.48 2.99
C LEU B 119 -13.37 34.31 3.36
N PHE B 120 -13.68 33.40 4.29
CA PHE B 120 -15.06 33.18 4.75
C PHE B 120 -15.34 33.95 6.02
N PRO B 121 -16.58 34.44 6.17
CA PRO B 121 -17.03 35.11 7.39
C PRO B 121 -17.47 34.10 8.42
N PRO B 122 -17.89 34.55 9.61
CA PRO B 122 -18.51 33.62 10.54
C PRO B 122 -19.75 33.00 9.93
N SER B 123 -19.94 31.70 10.13
CA SER B 123 -21.17 31.05 9.72
C SER B 123 -22.28 31.55 10.62
N SER B 124 -23.53 31.31 10.23
CA SER B 124 -24.64 31.67 11.10
C SER B 124 -24.70 30.73 12.29
N GLU B 125 -24.34 29.47 12.04
CA GLU B 125 -24.43 28.43 13.05
C GLU B 125 -23.45 28.71 14.18
N GLU B 126 -22.31 29.28 13.85
CA GLU B 126 -21.30 29.59 14.85
C GLU B 126 -21.74 30.80 15.68
N LEU B 127 -22.20 31.85 15.02
CA LEU B 127 -22.62 33.05 15.74
C LEU B 127 -23.72 32.74 16.75
N GLN B 128 -24.67 31.87 16.40
CA GLN B 128 -25.75 31.51 17.32
C GLN B 128 -25.16 30.77 18.50
N ALA B 129 -24.18 29.90 18.23
CA ALA B 129 -23.47 29.21 19.30
C ALA B 129 -22.53 30.18 20.00
N ASN B 130 -22.74 31.47 19.74
CA ASN B 130 -22.06 32.55 20.43
C ASN B 130 -20.55 32.58 20.24
N LYS B 131 -20.11 32.28 19.03
CA LYS B 131 -18.71 32.34 18.68
C LYS B 131 -18.59 32.89 17.27
N ALA B 132 -17.37 33.23 16.87
CA ALA B 132 -17.12 33.78 15.54
C ALA B 132 -15.68 33.51 15.11
N THR B 133 -15.48 33.29 13.82
CA THR B 133 -14.17 32.96 13.30
C THR B 133 -14.09 33.31 11.82
N LEU B 134 -13.09 34.08 11.43
CA LEU B 134 -12.82 34.34 10.03
C LEU B 134 -11.83 33.32 9.56
N VAL B 135 -12.09 32.73 8.40
CA VAL B 135 -11.19 31.72 7.88
C VAL B 135 -10.67 32.14 6.53
N CYS B 136 -9.37 32.33 6.47
CA CYS B 136 -8.69 32.85 5.30
C CYS B 136 -7.84 31.72 4.73
N LEU B 137 -8.18 31.26 3.53
CA LEU B 137 -7.55 30.11 2.94
C LEU B 137 -6.65 30.52 1.78
N ILE B 138 -5.52 29.83 1.65
CA ILE B 138 -4.44 30.25 0.78
C ILE B 138 -3.86 29.02 0.09
N SER B 139 -3.75 29.06 -1.24
CA SER B 139 -3.33 27.87 -1.97
C SER B 139 -2.61 28.22 -3.26
N ASP B 140 -2.01 27.21 -3.88
CA ASP B 140 -1.40 27.35 -5.19
C ASP B 140 -0.22 28.33 -5.31
N PHE B 141 0.50 28.62 -4.23
CA PHE B 141 1.66 29.51 -4.34
C PHE B 141 3.02 28.81 -4.30
N TYR B 142 4.00 29.39 -4.99
CA TYR B 142 5.41 29.00 -4.88
C TYR B 142 6.24 30.27 -4.99
N PRO B 143 7.29 30.41 -4.16
CA PRO B 143 7.74 29.48 -3.12
C PRO B 143 6.71 29.43 -2.01
N GLY B 144 6.87 28.46 -1.09
CA GLY B 144 5.88 28.23 -0.07
C GLY B 144 6.10 29.08 1.16
N ALA B 145 6.05 30.40 0.99
CA ALA B 145 6.25 31.34 2.07
C ALA B 145 5.34 32.52 1.88
N VAL B 146 4.49 32.79 2.87
CA VAL B 146 3.58 33.92 2.81
C VAL B 146 3.56 34.65 4.13
N THR B 147 3.30 35.94 4.06
CA THR B 147 3.03 36.72 5.25
C THR B 147 1.55 37.07 5.25
N VAL B 148 0.86 36.77 6.34
CA VAL B 148 -0.56 37.04 6.45
C VAL B 148 -0.82 38.13 7.47
N ALA B 149 -1.35 39.25 7.00
CA ALA B 149 -1.64 40.37 7.87
C ALA B 149 -3.14 40.62 7.88
N TRP B 150 -3.72 40.73 9.07
CA TRP B 150 -5.15 41.00 9.20
C TRP B 150 -5.40 42.48 9.52
N LYS B 151 -6.61 42.94 9.20
CA LYS B 151 -7.02 44.31 9.47
C LYS B 151 -8.52 44.38 9.72
N ALA B 152 -8.91 44.97 10.85
CA ALA B 152 -10.30 45.27 11.12
C ALA B 152 -10.60 46.67 10.58
N ASP B 153 -11.43 46.74 9.55
CA ASP B 153 -11.64 47.99 8.81
C ASP B 153 -10.34 48.40 8.11
N SER B 154 -9.63 49.36 8.70
CA SER B 154 -8.38 49.84 8.12
C SER B 154 -7.20 49.61 9.07
N SER B 155 -7.50 49.37 10.34
CA SER B 155 -6.48 49.29 11.38
C SER B 155 -6.03 47.84 11.62
N PRO B 156 -4.72 47.63 11.82
CA PRO B 156 -4.12 46.31 12.00
C PRO B 156 -4.68 45.51 13.18
N VAL B 157 -4.40 44.21 13.21
CA VAL B 157 -4.96 43.29 14.21
C VAL B 157 -4.00 42.13 14.47
N LYS B 158 -3.61 41.91 15.73
CA LYS B 158 -2.71 40.80 16.05
C LYS B 158 -3.27 39.81 17.08
N ALA B 159 -4.36 40.19 17.75
CA ALA B 159 -4.99 39.34 18.76
C ALA B 159 -5.99 38.37 18.14
N GLY B 160 -5.78 37.07 18.37
CA GLY B 160 -6.66 36.04 17.86
C GLY B 160 -6.25 35.46 16.51
N VAL B 161 -5.05 35.78 16.07
CA VAL B 161 -4.56 35.32 14.76
C VAL B 161 -3.74 34.04 14.89
N GLU B 162 -4.07 33.04 14.08
CA GLU B 162 -3.35 31.77 14.09
C GLU B 162 -3.15 31.29 12.65
N THR B 163 -1.89 31.13 12.26
CA THR B 163 -1.55 30.86 10.88
C THR B 163 -0.77 29.57 10.77
N THR B 164 -1.12 28.71 9.82
CA THR B 164 -0.40 27.46 9.68
C THR B 164 0.86 27.63 8.85
N THR B 165 1.72 26.62 8.92
CA THR B 165 2.92 26.61 8.13
C THR B 165 2.52 26.01 6.80
N PRO B 166 2.95 26.65 5.71
CA PRO B 166 2.65 26.17 4.37
C PRO B 166 3.02 24.69 4.18
N SER B 167 2.12 23.93 3.56
CA SER B 167 2.37 22.53 3.23
C SER B 167 2.24 22.30 1.73
N LYS B 168 2.92 21.27 1.22
CA LYS B 168 2.88 20.95 -0.20
C LYS B 168 1.59 20.26 -0.61
N GLN B 169 0.89 20.88 -1.55
CA GLN B 169 -0.27 20.29 -2.16
C GLN B 169 0.20 19.14 -3.05
N SER B 170 -0.75 18.47 -3.70
CA SER B 170 -0.42 17.41 -4.65
C SER B 170 0.11 18.00 -5.96
N ASN B 171 -0.14 19.28 -6.21
CA ASN B 171 0.40 19.92 -7.42
C ASN B 171 1.76 20.59 -7.15
N ASN B 172 2.40 20.20 -6.05
CA ASN B 172 3.75 20.68 -5.70
C ASN B 172 3.80 22.16 -5.43
N LYS B 173 2.65 22.81 -5.40
CA LYS B 173 2.56 24.17 -4.88
C LYS B 173 2.11 24.08 -3.43
N TYR B 174 2.01 25.24 -2.76
CA TYR B 174 1.85 25.26 -1.31
C TYR B 174 0.53 25.87 -0.93
N ALA B 175 0.07 25.51 0.29
CA ALA B 175 -1.16 26.04 0.85
C ALA B 175 -0.96 26.33 2.31
N ALA B 176 -1.60 27.41 2.78
CA ALA B 176 -1.62 27.71 4.20
C ALA B 176 -3.01 28.21 4.56
N SER B 177 -3.32 28.26 5.86
CA SER B 177 -4.61 28.80 6.30
C SER B 177 -4.35 29.69 7.49
N SER B 178 -5.24 30.65 7.70
CA SER B 178 -5.07 31.65 8.74
C SER B 178 -6.43 31.96 9.35
N TYR B 179 -6.53 31.87 10.67
CA TYR B 179 -7.79 32.09 11.39
C TYR B 179 -7.73 33.34 12.25
N LEU B 180 -8.77 34.15 12.20
CA LEU B 180 -8.92 35.26 13.13
C LEU B 180 -10.11 34.96 14.03
N SER B 181 -9.85 34.73 15.31
CA SER B 181 -10.91 34.41 16.26
C SER B 181 -11.50 35.68 16.84
N LEU B 182 -12.81 35.85 16.70
CA LEU B 182 -13.50 37.04 17.21
C LEU B 182 -14.58 36.66 18.21
N THR B 183 -15.17 37.69 18.82
CA THR B 183 -16.40 37.54 19.57
C THR B 183 -17.53 38.03 18.67
N PRO B 184 -18.74 37.47 18.82
CA PRO B 184 -19.84 37.93 17.97
C PRO B 184 -20.02 39.46 17.97
N GLU B 185 -19.64 40.13 19.07
CA GLU B 185 -19.83 41.58 19.20
C GLU B 185 -18.76 42.39 18.46
N GLN B 186 -17.55 41.82 18.34
CA GLN B 186 -16.47 42.48 17.62
C GLN B 186 -16.75 42.46 16.11
N TRP B 187 -17.11 41.29 15.62
CA TRP B 187 -17.50 41.10 14.22
C TRP B 187 -18.57 42.10 13.82
N LYS B 188 -19.66 42.14 14.58
CA LYS B 188 -20.77 43.03 14.29
C LYS B 188 -20.38 44.52 14.39
N SER B 189 -19.40 44.83 15.22
CA SER B 189 -19.07 46.23 15.49
C SER B 189 -18.42 46.91 14.29
N HIS B 190 -17.60 46.18 13.55
CA HIS B 190 -16.80 46.77 12.48
C HIS B 190 -17.51 46.75 11.13
N LYS B 191 -17.01 47.58 10.22
CA LYS B 191 -17.59 47.73 8.89
C LYS B 191 -17.17 46.56 7.99
N SER B 192 -15.90 46.20 8.07
CA SER B 192 -15.36 45.12 7.25
C SER B 192 -14.21 44.44 7.96
N TYR B 193 -13.57 43.51 7.27
CA TYR B 193 -12.43 42.77 7.79
C TYR B 193 -11.62 42.21 6.63
N SER B 194 -10.46 42.79 6.34
CA SER B 194 -9.66 42.32 5.24
C SER B 194 -8.59 41.34 5.70
N CYS B 195 -8.19 40.45 4.81
CA CYS B 195 -7.13 39.50 5.06
C CYS B 195 -6.11 39.64 3.93
N GLN B 196 -4.89 40.09 4.26
CA GLN B 196 -3.88 40.39 3.26
C GLN B 196 -2.72 39.42 3.26
N VAL B 197 -2.56 38.66 2.17
CA VAL B 197 -1.45 37.74 2.04
C VAL B 197 -0.38 38.33 1.13
N THR B 198 0.83 38.41 1.65
CA THR B 198 1.94 38.95 0.89
C THR B 198 2.87 37.81 0.50
N HIS B 199 3.14 37.69 -0.79
CA HIS B 199 3.93 36.59 -1.32
C HIS B 199 4.90 37.10 -2.38
N GLU B 200 6.21 36.94 -2.13
CA GLU B 200 7.25 37.38 -3.06
C GLU B 200 7.05 38.81 -3.60
N GLY B 201 6.70 39.73 -2.72
CA GLY B 201 6.50 41.13 -3.11
C GLY B 201 5.06 41.59 -3.24
N SER B 202 4.26 40.87 -4.03
CA SER B 202 2.89 41.26 -4.34
C SER B 202 1.91 40.95 -3.20
N THR B 203 0.79 41.67 -3.15
CA THR B 203 -0.19 41.43 -2.10
C THR B 203 -1.64 41.30 -2.59
N VAL B 204 -2.16 40.08 -2.47
CA VAL B 204 -3.56 39.81 -2.74
C VAL B 204 -4.35 40.08 -1.47
N GLU B 205 -5.52 40.71 -1.61
CA GLU B 205 -6.37 41.01 -0.47
C GLU B 205 -7.82 40.62 -0.74
N LYS B 206 -8.48 40.09 0.30
CA LYS B 206 -9.91 39.77 0.22
C LYS B 206 -10.58 40.34 1.46
N THR B 207 -11.87 40.62 1.38
CA THR B 207 -12.57 41.33 2.44
C THR B 207 -14.00 40.79 2.65
N VAL B 208 -14.44 40.74 3.90
CA VAL B 208 -15.78 40.26 4.26
C VAL B 208 -16.49 41.24 5.21
N ALA B 209 -17.82 41.20 5.22
CA ALA B 209 -18.62 42.14 6.01
C ALA B 209 -19.77 41.44 6.74
N PRO B 210 -20.15 41.96 7.92
CA PRO B 210 -21.13 41.35 8.83
C PRO B 210 -22.50 40.96 8.24
N THR B 211 -23.23 41.90 7.63
CA THR B 211 -24.56 41.58 7.14
C THR B 211 -24.49 40.95 5.76
N GLN C 1 -21.41 -8.79 27.19
CA GLN C 1 -22.17 -9.88 27.88
C GLN C 1 -21.21 -10.99 28.30
N GLU C 2 -21.65 -12.24 28.22
CA GLU C 2 -20.86 -13.38 28.71
C GLU C 2 -19.51 -13.46 28.00
N GLN C 3 -18.44 -13.15 28.75
CA GLN C 3 -17.11 -12.99 28.16
C GLN C 3 -15.97 -13.50 29.04
N LEU C 4 -14.91 -13.98 28.41
CA LEU C 4 -13.68 -14.37 29.10
C LEU C 4 -12.48 -13.79 28.37
N VAL C 5 -11.56 -13.17 29.11
CA VAL C 5 -10.29 -12.73 28.52
C VAL C 5 -9.08 -13.31 29.25
N GLU C 6 -8.30 -14.09 28.52
CA GLU C 6 -7.08 -14.66 29.05
C GLU C 6 -6.01 -13.57 29.04
N SER C 7 -5.03 -13.72 29.92
CA SER C 7 -3.85 -12.86 29.92
C SER C 7 -2.76 -13.57 30.71
N GLY C 8 -1.51 -13.16 30.50
CA GLY C 8 -0.41 -13.70 31.27
C GLY C 8 0.57 -14.49 30.43
N GLY C 9 0.31 -14.55 29.14
CA GLY C 9 1.19 -15.25 28.22
C GLY C 9 2.33 -14.38 27.72
N GLY C 10 3.08 -14.93 26.78
CA GLY C 10 4.29 -14.30 26.30
C GLY C 10 5.37 -15.36 26.27
N VAL C 11 6.62 -14.94 26.09
CA VAL C 11 7.72 -15.89 26.01
C VAL C 11 8.34 -16.14 27.38
N VAL C 12 8.64 -17.40 27.66
CA VAL C 12 9.11 -17.81 28.97
C VAL C 12 10.11 -18.95 28.87
N GLN C 13 10.83 -19.19 29.96
CA GLN C 13 12.01 -20.06 29.93
C GLN C 13 11.71 -21.48 30.37
N PRO C 14 12.37 -22.46 29.75
CA PRO C 14 12.25 -23.85 30.20
C PRO C 14 12.69 -23.98 31.66
N GLY C 15 11.98 -24.79 32.43
CA GLY C 15 12.27 -24.97 33.84
C GLY C 15 11.64 -23.89 34.68
N GLY C 16 11.23 -22.81 34.02
CA GLY C 16 10.64 -21.68 34.69
C GLY C 16 9.19 -21.94 35.05
N SER C 17 8.66 -21.04 35.85
CA SER C 17 7.30 -21.13 36.35
C SER C 17 6.45 -20.07 35.63
N LEU C 18 5.15 -20.33 35.48
CA LEU C 18 4.26 -19.35 34.83
C LEU C 18 2.84 -19.38 35.35
N ARG C 19 2.20 -18.22 35.41
CA ARG C 19 0.82 -18.12 35.88
C ARG C 19 -0.06 -17.34 34.93
N LEU C 20 -1.06 -18.00 34.36
CA LEU C 20 -2.02 -17.34 33.52
C LEU C 20 -3.28 -17.00 34.33
N SER C 21 -4.06 -16.06 33.82
CA SER C 21 -5.31 -15.71 34.44
C SER C 21 -6.38 -15.49 33.37
N CYS C 22 -7.63 -15.65 33.77
CA CYS C 22 -8.78 -15.43 32.91
C CYS C 22 -9.75 -14.59 33.73
N LEU C 23 -10.26 -13.49 33.15
CA LEU C 23 -11.15 -12.60 33.87
C LEU C 23 -12.56 -12.64 33.26
N ALA C 24 -13.57 -12.87 34.10
CA ALA C 24 -14.91 -13.09 33.59
C ALA C 24 -15.77 -11.86 33.74
N SER C 25 -16.90 -11.87 33.03
CA SER C 25 -17.86 -10.77 33.08
C SER C 25 -19.13 -11.22 32.36
N GLY C 26 -20.24 -10.53 32.59
CA GLY C 26 -21.48 -10.86 31.93
C GLY C 26 -22.21 -12.08 32.49
N PHE C 27 -21.71 -12.62 33.59
CA PHE C 27 -22.40 -13.76 34.22
C PHE C 27 -21.95 -13.96 35.67
N THR C 28 -22.66 -14.81 36.40
CA THR C 28 -22.38 -15.04 37.81
C THR C 28 -21.28 -16.07 37.97
N PHE C 29 -20.04 -15.59 38.05
CA PHE C 29 -18.84 -16.43 38.00
C PHE C 29 -18.86 -17.57 39.01
N HIS C 30 -19.18 -17.28 40.26
CA HIS C 30 -19.05 -18.27 41.31
C HIS C 30 -20.02 -19.45 41.15
N LYS C 31 -20.92 -19.38 40.17
CA LYS C 31 -21.91 -20.44 39.97
C LYS C 31 -21.48 -21.51 38.97
N TYR C 32 -20.43 -21.24 38.19
CA TYR C 32 -20.03 -22.16 37.12
C TYR C 32 -18.66 -22.76 37.35
N GLY C 33 -18.51 -24.04 37.03
CA GLY C 33 -17.19 -24.62 36.94
C GLY C 33 -16.46 -24.00 35.76
N MET C 34 -15.13 -24.06 35.75
CA MET C 34 -14.32 -23.42 34.70
C MET C 34 -13.24 -24.37 34.21
N HIS C 35 -12.90 -24.30 32.93
CA HIS C 35 -11.83 -25.12 32.37
C HIS C 35 -10.68 -24.31 31.80
N TRP C 36 -9.52 -24.96 31.67
CA TRP C 36 -8.46 -24.52 30.76
C TRP C 36 -8.29 -25.59 29.69
N VAL C 37 -8.31 -25.16 28.45
CA VAL C 37 -8.11 -26.07 27.33
C VAL C 37 -6.91 -25.51 26.59
N ARG C 38 -5.94 -26.34 26.23
CA ARG C 38 -4.82 -25.82 25.49
C ARG C 38 -4.87 -26.28 24.05
N GLN C 39 -4.05 -25.65 23.21
CA GLN C 39 -4.00 -25.97 21.78
C GLN C 39 -2.64 -25.57 21.22
N ALA C 40 -1.76 -26.55 21.05
CA ALA C 40 -0.42 -26.31 20.50
C ALA C 40 -0.60 -25.79 19.08
N PRO C 41 0.40 -25.10 18.54
CA PRO C 41 0.28 -24.51 17.19
C PRO C 41 0.04 -25.54 16.09
N GLY C 42 -1.14 -25.47 15.46
CA GLY C 42 -1.47 -26.36 14.37
C GLY C 42 -1.91 -27.73 14.81
N LYS C 43 -2.18 -27.91 16.10
CA LYS C 43 -2.65 -29.19 16.58
C LYS C 43 -4.06 -29.01 17.10
N GLY C 44 -4.58 -30.02 17.80
CA GLY C 44 -5.97 -30.00 18.25
C GLY C 44 -6.21 -29.43 19.64
N LEU C 45 -7.48 -29.26 19.98
CA LEU C 45 -7.87 -28.92 21.33
C LEU C 45 -7.49 -30.06 22.25
N GLU C 46 -7.01 -29.71 23.43
CA GLU C 46 -6.56 -30.69 24.41
C GLU C 46 -6.97 -30.22 25.80
N TRP C 47 -7.67 -31.06 26.54
CA TRP C 47 -8.22 -30.63 27.84
C TRP C 47 -7.10 -30.55 28.88
N VAL C 48 -7.13 -29.50 29.70
CA VAL C 48 -6.09 -29.32 30.71
C VAL C 48 -6.63 -29.52 32.15
N ALA C 49 -7.63 -28.75 32.56
CA ALA C 49 -8.20 -28.94 33.89
C ALA C 49 -9.58 -28.33 34.02
N LEU C 50 -10.27 -28.75 35.07
CA LEU C 50 -11.56 -28.21 35.46
C LEU C 50 -11.51 -27.90 36.95
N ILE C 51 -12.08 -26.77 37.34
CA ILE C 51 -12.26 -26.45 38.74
C ILE C 51 -13.76 -26.19 38.99
N SER C 52 -14.24 -26.55 40.18
CA SER C 52 -15.66 -26.45 40.49
C SER C 52 -16.09 -25.01 40.82
N ASP C 53 -17.40 -24.77 40.80
CA ASP C 53 -17.91 -23.43 41.03
C ASP C 53 -17.19 -22.78 42.22
N ASP C 54 -17.09 -23.50 43.33
CA ASP C 54 -16.63 -22.91 44.59
C ASP C 54 -15.14 -23.08 44.85
N GLY C 55 -14.43 -23.71 43.92
CA GLY C 55 -12.98 -23.79 44.00
C GLY C 55 -12.45 -24.89 44.89
N MET C 56 -13.35 -25.69 45.45
CA MET C 56 -12.93 -26.73 46.37
C MET C 56 -12.57 -28.02 45.64
N ARG C 57 -13.00 -28.16 44.40
CA ARG C 57 -12.77 -29.39 43.64
C ARG C 57 -12.06 -29.16 42.32
N LYS C 58 -10.92 -29.83 42.15
CA LYS C 58 -10.12 -29.67 40.96
C LYS C 58 -9.92 -31.02 40.29
N TYR C 59 -9.88 -31.01 38.96
CA TYR C 59 -9.62 -32.18 38.13
C TYR C 59 -8.56 -31.78 37.10
N HIS C 60 -7.48 -32.56 36.96
CA HIS C 60 -6.46 -32.27 35.95
C HIS C 60 -6.25 -33.44 34.99
N SER C 61 -5.75 -33.14 33.81
CA SER C 61 -5.44 -34.14 32.82
C SER C 61 -4.29 -35.01 33.28
N ASP C 62 -4.45 -36.33 33.12
CA ASP C 62 -3.45 -37.29 33.54
C ASP C 62 -2.14 -37.16 32.78
N SER C 63 -2.14 -36.38 31.69
CA SER C 63 -0.96 -36.31 30.83
C SER C 63 -0.19 -35.01 31.02
N MET C 64 -0.69 -34.15 31.90
CA MET C 64 0.08 -33.00 32.37
C MET C 64 1.09 -33.45 33.41
N TRP C 65 0.94 -34.67 33.90
CA TRP C 65 1.91 -35.26 34.81
C TRP C 65 2.04 -34.51 36.13
N GLY C 66 1.02 -33.73 36.46
CA GLY C 66 0.99 -33.04 37.74
C GLY C 66 1.63 -31.67 37.76
N ARG C 67 2.07 -31.19 36.59
CA ARG C 67 2.81 -29.93 36.47
C ARG C 67 1.91 -28.68 36.46
N VAL C 68 0.60 -28.86 36.32
CA VAL C 68 -0.30 -27.72 36.36
C VAL C 68 -1.29 -27.77 37.51
N THR C 69 -1.59 -26.58 38.05
CA THR C 69 -2.53 -26.45 39.12
C THR C 69 -3.51 -25.34 38.75
N ILE C 70 -4.80 -25.63 38.83
CA ILE C 70 -5.81 -24.65 38.51
C ILE C 70 -6.29 -24.09 39.82
N SER C 71 -6.80 -22.86 39.79
CA SER C 71 -7.35 -22.21 40.97
C SER C 71 -8.17 -21.03 40.51
N ARG C 72 -8.88 -20.39 41.44
CA ARG C 72 -9.77 -19.28 41.12
C ARG C 72 -10.01 -18.37 42.31
N ASP C 73 -10.27 -17.10 42.02
CA ASP C 73 -10.65 -16.12 43.04
C ASP C 73 -12.06 -15.64 42.72
N ASN C 74 -13.04 -16.16 43.43
CA ASN C 74 -14.43 -15.85 43.12
C ASN C 74 -14.78 -14.39 43.42
N SER C 75 -14.06 -13.79 44.36
CA SER C 75 -14.25 -12.39 44.68
C SER C 75 -13.68 -11.49 43.58
N LYS C 76 -12.84 -12.07 42.72
CA LYS C 76 -12.24 -11.34 41.60
C LYS C 76 -12.79 -11.77 40.25
N ASN C 77 -13.77 -12.67 40.26
CA ASN C 77 -14.26 -13.25 39.02
C ASN C 77 -13.09 -13.66 38.13
N THR C 78 -12.03 -14.22 38.72
CA THR C 78 -10.82 -14.59 37.98
C THR C 78 -10.40 -16.04 38.20
N LEU C 79 -9.99 -16.70 37.12
CA LEU C 79 -9.54 -18.09 37.12
C LEU C 79 -8.06 -18.11 36.76
N TYR C 80 -7.27 -18.97 37.41
CA TYR C 80 -5.83 -18.99 37.19
C TYR C 80 -5.31 -20.36 36.81
N LEU C 81 -4.15 -20.40 36.14
CA LEU C 81 -3.47 -21.65 35.86
C LEU C 81 -2.00 -21.46 36.16
N GLN C 82 -1.40 -22.39 36.89
CA GLN C 82 0.01 -22.25 37.23
C GLN C 82 0.83 -23.44 36.76
N PHE C 83 2.04 -23.16 36.28
CA PHE C 83 2.96 -24.17 35.80
C PHE C 83 4.16 -24.34 36.71
N SER C 84 5.06 -25.22 36.28
CA SER C 84 6.36 -25.38 36.92
C SER C 84 7.16 -26.24 35.97
N SER C 85 8.49 -26.12 36.04
CA SER C 85 9.37 -26.78 35.08
C SER C 85 8.71 -26.82 33.69
N LEU C 86 8.52 -25.65 33.09
CA LEU C 86 8.01 -25.55 31.74
C LEU C 86 8.89 -26.39 30.81
N LYS C 87 8.34 -26.79 29.67
CA LYS C 87 9.10 -27.47 28.64
C LYS C 87 8.77 -26.80 27.30
N VAL C 88 9.59 -27.04 26.29
CA VAL C 88 9.33 -26.43 24.99
C VAL C 88 8.01 -26.94 24.44
N GLU C 89 7.71 -28.21 24.70
CA GLU C 89 6.51 -28.84 24.20
C GLU C 89 5.25 -28.30 24.86
N ASP C 90 5.42 -27.37 25.79
CA ASP C 90 4.26 -26.76 26.45
C ASP C 90 3.77 -25.53 25.68
N THR C 91 4.50 -25.16 24.64
CA THR C 91 4.12 -24.06 23.77
C THR C 91 2.73 -24.27 23.17
N ALA C 92 1.84 -23.30 23.39
CA ALA C 92 0.45 -23.48 23.03
C ALA C 92 -0.39 -22.20 23.21
N MET C 93 -1.50 -22.13 22.50
CA MET C 93 -2.56 -21.19 22.88
C MET C 93 -3.26 -21.79 24.10
N PHE C 94 -3.62 -20.96 25.08
CA PHE C 94 -4.36 -21.44 26.26
C PHE C 94 -5.69 -20.76 26.44
N PHE C 95 -6.74 -21.57 26.44
CA PHE C 95 -8.11 -21.07 26.41
C PHE C 95 -8.75 -21.23 27.77
N CYS C 96 -9.56 -20.26 28.12
CA CYS C 96 -10.36 -20.32 29.31
C CYS C 96 -11.78 -20.67 28.79
N ALA C 97 -12.51 -21.53 29.50
CA ALA C 97 -13.84 -21.88 29.03
C ALA C 97 -14.78 -22.29 30.16
N ARG C 98 -16.01 -21.78 30.10
CA ARG C 98 -16.99 -22.02 31.13
C ARG C 98 -17.63 -23.40 30.97
N GLU C 99 -17.92 -24.06 32.08
CA GLU C 99 -18.68 -25.30 32.06
C GLU C 99 -20.16 -24.95 32.18
N ALA C 100 -20.88 -25.02 31.07
CA ALA C 100 -22.31 -24.77 31.05
C ALA C 100 -23.03 -25.41 32.24
N GLY C 101 -24.04 -24.73 32.78
CA GLY C 101 -24.75 -25.25 33.94
C GLY C 101 -26.08 -24.57 34.24
N GLY C 102 -26.71 -25.02 35.31
CA GLY C 102 -28.01 -24.51 35.74
C GLY C 102 -28.59 -25.32 36.90
N PRO C 103 -29.68 -24.83 37.51
CA PRO C 103 -30.36 -25.48 38.64
C PRO C 103 -30.68 -26.96 38.42
N TYR C 118 -25.92 -25.37 41.42
CA TYR C 118 -25.93 -25.64 39.98
C TYR C 118 -25.35 -26.99 39.64
N TYR C 119 -25.91 -27.58 38.60
CA TYR C 119 -25.43 -28.82 38.06
C TYR C 119 -24.55 -28.50 36.86
N ASN C 120 -23.45 -29.23 36.74
CA ASN C 120 -22.56 -29.09 35.60
C ASN C 120 -23.13 -29.86 34.42
N TYR C 121 -23.27 -29.20 33.27
CA TYR C 121 -23.96 -29.79 32.12
C TYR C 121 -23.04 -30.50 31.13
N HIS C 122 -21.74 -30.49 31.42
CA HIS C 122 -20.77 -31.29 30.68
C HIS C 122 -20.59 -30.87 29.23
N TYR C 123 -20.50 -29.57 29.01
CA TYR C 123 -19.95 -29.05 27.77
C TYR C 123 -19.53 -27.61 28.03
N MET C 124 -18.67 -27.05 27.19
CA MET C 124 -18.13 -25.73 27.45
C MET C 124 -18.82 -24.70 26.57
N ASP C 125 -19.61 -23.81 27.16
CA ASP C 125 -20.47 -22.94 26.37
C ASP C 125 -19.96 -21.52 26.16
N VAL C 126 -18.95 -21.11 26.92
CA VAL C 126 -18.34 -19.79 26.74
C VAL C 126 -16.83 -19.95 26.62
N TRP C 127 -16.24 -19.35 25.59
CA TRP C 127 -14.78 -19.42 25.38
C TRP C 127 -14.15 -18.07 25.22
N GLY C 128 -12.93 -17.94 25.68
CA GLY C 128 -12.14 -16.73 25.45
C GLY C 128 -11.33 -16.94 24.19
N LYS C 129 -10.57 -15.94 23.80
CA LYS C 129 -9.61 -16.11 22.72
C LYS C 129 -8.27 -16.14 23.41
N GLY C 130 -7.77 -17.35 23.63
CA GLY C 130 -6.72 -17.59 24.61
C GLY C 130 -5.54 -16.63 24.65
N THR C 131 -4.59 -16.97 25.49
CA THR C 131 -3.35 -16.24 25.55
C THR C 131 -2.30 -17.18 25.01
N THR C 132 -1.36 -16.66 24.25
CA THR C 132 -0.37 -17.52 23.65
C THR C 132 0.85 -17.63 24.58
N VAL C 133 1.38 -18.84 24.71
CA VAL C 133 2.56 -19.09 25.53
C VAL C 133 3.65 -19.75 24.68
N THR C 134 4.79 -19.08 24.53
CA THR C 134 5.91 -19.64 23.80
C THR C 134 7.03 -19.95 24.78
N VAL C 135 7.51 -21.19 24.81
CA VAL C 135 8.59 -21.57 25.72
C VAL C 135 9.92 -21.81 25.00
N SER C 136 10.91 -20.97 25.28
CA SER C 136 12.18 -21.08 24.59
C SER C 136 13.33 -20.52 25.43
N SER C 137 14.41 -21.29 25.53
CA SER C 137 15.57 -20.84 26.28
C SER C 137 16.30 -19.73 25.54
N ALA C 138 16.03 -19.59 24.25
CA ALA C 138 16.81 -18.73 23.37
C ALA C 138 16.49 -17.24 23.48
N SER C 139 17.47 -16.42 23.16
CA SER C 139 17.32 -14.98 23.24
C SER C 139 16.92 -14.44 21.87
N THR C 140 17.92 -14.01 21.11
CA THR C 140 17.70 -13.53 19.76
C THR C 140 18.75 -14.21 18.89
N LYS C 141 18.33 -15.29 18.24
CA LYS C 141 19.26 -16.14 17.51
C LYS C 141 19.11 -15.99 16.01
N GLY C 142 20.23 -15.73 15.33
CA GLY C 142 20.25 -15.66 13.89
C GLY C 142 20.22 -17.05 13.28
N PRO C 143 19.69 -17.15 12.04
CA PRO C 143 19.54 -18.40 11.29
C PRO C 143 20.85 -18.95 10.73
N SER C 144 20.97 -20.28 10.68
CA SER C 144 21.87 -20.93 9.75
C SER C 144 21.10 -21.06 8.43
N VAL C 145 21.79 -21.12 7.31
CA VAL C 145 21.13 -21.31 6.01
C VAL C 145 21.85 -22.38 5.24
N PHE C 146 21.19 -23.53 5.09
CA PHE C 146 21.77 -24.66 4.36
C PHE C 146 21.19 -24.74 2.96
N PRO C 147 22.04 -25.03 1.96
CA PRO C 147 21.51 -25.05 0.59
C PRO C 147 20.81 -26.37 0.29
N LEU C 148 19.63 -26.32 -0.33
CA LEU C 148 18.93 -27.52 -0.76
C LEU C 148 19.18 -27.69 -2.25
N ALA C 149 20.26 -28.39 -2.58
CA ALA C 149 20.72 -28.48 -3.97
C ALA C 149 19.74 -29.29 -4.81
N PRO C 150 19.66 -29.00 -6.11
CA PRO C 150 18.84 -29.71 -7.09
C PRO C 150 19.18 -31.19 -7.15
N SER C 151 18.18 -32.05 -6.98
CA SER C 151 18.45 -33.49 -7.02
C SER C 151 19.03 -33.84 -8.38
N SER C 152 19.89 -34.85 -8.40
CA SER C 152 20.50 -35.33 -9.64
C SER C 152 19.47 -35.99 -10.56
N LYS C 153 18.30 -36.32 -10.03
CA LYS C 153 17.23 -36.92 -10.83
C LYS C 153 16.91 -36.04 -12.05
N SER C 154 16.86 -34.73 -11.82
CA SER C 154 16.52 -33.78 -12.89
C SER C 154 17.75 -33.10 -13.48
N GLY C 157 17.07 -33.06 -17.25
CA GLY C 157 15.96 -32.46 -17.97
C GLY C 157 14.68 -32.37 -17.15
N GLY C 158 13.73 -31.55 -17.62
CA GLY C 158 12.49 -31.29 -16.91
C GLY C 158 12.56 -30.00 -16.10
N THR C 159 11.92 -29.98 -14.93
CA THR C 159 12.06 -28.84 -14.04
C THR C 159 12.73 -29.25 -12.74
N ALA C 160 13.77 -28.51 -12.37
CA ALA C 160 14.53 -28.77 -11.17
C ALA C 160 13.95 -27.97 -10.03
N ALA C 161 13.82 -28.60 -8.86
CA ALA C 161 13.48 -27.86 -7.64
C ALA C 161 14.72 -27.76 -6.73
N LEU C 162 15.03 -26.55 -6.28
CA LEU C 162 16.15 -26.30 -5.38
C LEU C 162 15.72 -25.23 -4.39
N GLY C 163 16.48 -25.00 -3.34
CA GLY C 163 16.05 -24.03 -2.35
C GLY C 163 17.02 -23.75 -1.23
N CYS C 164 16.48 -23.26 -0.11
CA CYS C 164 17.22 -22.93 1.10
C CYS C 164 16.46 -23.44 2.32
N LEU C 165 17.17 -24.10 3.23
CA LEU C 165 16.64 -24.46 4.54
C LEU C 165 17.16 -23.49 5.59
N VAL C 166 16.23 -22.78 6.22
CA VAL C 166 16.56 -21.68 7.10
C VAL C 166 16.21 -22.12 8.51
N LYS C 167 17.14 -22.75 9.20
CA LYS C 167 16.79 -23.37 10.47
C LYS C 167 17.47 -22.76 11.69
N ASP C 168 16.85 -23.01 12.85
CA ASP C 168 17.39 -22.65 14.16
C ASP C 168 17.40 -21.15 14.43
N TYR C 169 16.24 -20.49 14.32
CA TYR C 169 16.19 -19.05 14.57
C TYR C 169 15.10 -18.67 15.58
N PHE C 170 15.18 -17.44 16.07
CA PHE C 170 14.25 -16.98 17.08
C PHE C 170 14.43 -15.49 17.36
N PRO C 171 13.33 -14.73 17.37
CA PRO C 171 11.94 -15.17 17.15
C PRO C 171 11.58 -15.02 15.70
N GLU C 172 10.33 -15.30 15.34
CA GLU C 172 9.84 -14.96 14.03
C GLU C 172 9.81 -13.44 13.88
N PRO C 173 9.78 -12.93 12.64
CA PRO C 173 9.78 -13.68 11.39
C PRO C 173 11.12 -13.61 10.69
N VAL C 174 11.24 -14.37 9.61
CA VAL C 174 12.31 -14.19 8.63
C VAL C 174 11.66 -13.91 7.28
N THR C 175 12.33 -13.10 6.47
CA THR C 175 11.88 -12.83 5.12
C THR C 175 12.85 -13.54 4.18
N VAL C 176 12.39 -13.91 2.99
CA VAL C 176 13.25 -14.61 2.05
C VAL C 176 12.91 -14.20 0.63
N SER C 177 13.90 -13.69 -0.09
CA SER C 177 13.74 -13.43 -1.51
C SER C 177 14.78 -14.24 -2.26
N TRP C 178 14.72 -14.21 -3.59
CA TRP C 178 15.65 -14.94 -4.42
C TRP C 178 16.25 -14.03 -5.45
N ASN C 179 17.56 -14.17 -5.63
CA ASN C 179 18.30 -13.36 -6.58
C ASN C 179 18.00 -11.89 -6.37
N SER C 180 17.81 -11.55 -5.10
CA SER C 180 17.55 -10.19 -4.66
C SER C 180 16.23 -9.64 -5.20
N GLY C 181 15.22 -10.51 -5.32
CA GLY C 181 13.89 -10.10 -5.72
C GLY C 181 13.67 -10.20 -7.21
N ALA C 182 14.74 -10.45 -7.96
CA ALA C 182 14.67 -10.55 -9.41
C ALA C 182 13.97 -11.85 -9.84
N LEU C 183 13.95 -12.82 -8.94
CA LEU C 183 13.33 -14.11 -9.21
C LEU C 183 12.08 -14.25 -8.34
N THR C 184 10.92 -14.39 -8.98
CA THR C 184 9.64 -14.42 -8.28
C THR C 184 8.74 -15.60 -8.66
N SER C 185 8.77 -15.99 -9.94
CA SER C 185 7.93 -17.10 -10.39
C SER C 185 8.47 -18.44 -9.96
N GLY C 186 7.56 -19.32 -9.57
CA GLY C 186 7.97 -20.61 -9.08
C GLY C 186 8.64 -20.53 -7.72
N VAL C 187 8.33 -19.51 -6.92
CA VAL C 187 8.83 -19.45 -5.55
C VAL C 187 7.78 -19.86 -4.54
N HIS C 188 8.06 -20.93 -3.82
CA HIS C 188 7.22 -21.32 -2.71
C HIS C 188 7.99 -21.13 -1.42
N THR C 189 7.66 -20.08 -0.66
CA THR C 189 8.22 -19.92 0.68
C THR C 189 7.23 -20.36 1.77
N PHE C 190 7.55 -21.44 2.45
CA PHE C 190 6.65 -22.03 3.44
C PHE C 190 6.71 -21.34 4.79
N PRO C 191 5.66 -21.51 5.61
CA PRO C 191 5.61 -20.99 6.98
C PRO C 191 6.50 -21.79 7.91
N ALA C 192 6.81 -21.22 9.07
CA ALA C 192 7.81 -21.79 9.97
C ALA C 192 7.23 -22.71 11.01
N VAL C 193 7.95 -23.79 11.26
CA VAL C 193 7.59 -24.70 12.32
C VAL C 193 8.47 -24.36 13.54
N LEU C 194 7.98 -24.67 14.73
CA LEU C 194 8.82 -24.64 15.93
C LEU C 194 9.16 -26.08 16.23
N GLN C 195 10.43 -26.37 16.42
CA GLN C 195 10.85 -27.73 16.70
C GLN C 195 10.99 -27.93 18.20
N SER C 196 11.37 -29.14 18.58
CA SER C 196 11.64 -29.47 19.97
C SER C 196 12.71 -28.53 20.52
N SER C 197 13.64 -28.12 19.66
CA SER C 197 14.79 -27.34 20.09
C SER C 197 14.39 -26.08 20.86
N GLY C 198 13.21 -25.53 20.54
CA GLY C 198 12.85 -24.20 20.99
C GLY C 198 13.16 -23.17 19.91
N LEU C 199 13.55 -23.66 18.74
CA LEU C 199 13.92 -22.81 17.61
C LEU C 199 13.04 -23.07 16.40
N TYR C 200 12.97 -22.08 15.51
CA TYR C 200 12.18 -22.15 14.28
C TYR C 200 13.00 -22.53 13.03
N SER C 201 12.36 -23.26 12.11
CA SER C 201 12.92 -23.54 10.79
C SER C 201 11.84 -23.26 9.74
N LEU C 202 12.24 -22.76 8.57
CA LEU C 202 11.32 -22.65 7.44
C LEU C 202 12.09 -22.95 6.17
N SER C 203 11.38 -23.12 5.05
CA SER C 203 12.04 -23.36 3.76
C SER C 203 11.43 -22.50 2.68
N SER C 204 12.28 -22.06 1.76
CA SER C 204 11.87 -21.45 0.51
C SER C 204 12.44 -22.31 -0.62
N VAL C 205 11.65 -22.63 -1.65
CA VAL C 205 12.15 -23.34 -2.81
C VAL C 205 11.61 -22.73 -4.09
N VAL C 206 12.42 -22.78 -5.12
CA VAL C 206 12.03 -22.22 -6.40
C VAL C 206 12.11 -23.34 -7.42
N THR C 207 11.19 -23.30 -8.37
CA THR C 207 11.13 -24.26 -9.45
C THR C 207 11.75 -23.62 -10.69
N VAL C 208 12.70 -24.29 -11.32
CA VAL C 208 13.43 -23.69 -12.44
C VAL C 208 13.71 -24.70 -13.55
N PRO C 209 13.97 -24.22 -14.78
CA PRO C 209 14.25 -25.20 -15.83
C PRO C 209 15.57 -25.86 -15.53
N SER C 210 15.66 -27.17 -15.69
CA SER C 210 16.89 -27.84 -15.34
C SER C 210 18.00 -27.49 -16.35
N SER C 211 17.59 -26.96 -17.50
CA SER C 211 18.55 -26.54 -18.49
C SER C 211 19.34 -25.33 -18.00
N SER C 212 18.80 -24.65 -16.98
CA SER C 212 19.36 -23.38 -16.55
C SER C 212 20.35 -23.59 -15.41
N LEU C 213 20.46 -24.82 -14.94
CA LEU C 213 21.41 -25.12 -13.87
C LEU C 213 22.79 -25.00 -14.48
N GLY C 214 23.64 -24.22 -13.86
CA GLY C 214 24.99 -24.04 -14.35
C GLY C 214 25.15 -22.79 -15.19
N THR C 215 24.05 -22.18 -15.61
CA THR C 215 24.17 -20.89 -16.28
C THR C 215 23.46 -19.76 -15.52
N GLN C 216 22.26 -20.01 -15.03
CA GLN C 216 21.67 -19.09 -14.06
C GLN C 216 22.38 -19.32 -12.71
N THR C 217 22.33 -18.32 -11.82
CA THR C 217 22.83 -18.48 -10.46
C THR C 217 21.70 -18.22 -9.46
N TYR C 218 21.47 -19.19 -8.57
CA TYR C 218 20.36 -19.12 -7.65
C TYR C 218 20.82 -18.81 -6.22
N ILE C 219 20.61 -17.57 -5.79
CA ILE C 219 20.97 -17.15 -4.45
C ILE C 219 19.74 -16.79 -3.64
N CYS C 220 19.62 -17.31 -2.42
CA CYS C 220 18.48 -16.93 -1.59
C CYS C 220 18.94 -15.91 -0.59
N ASN C 221 18.12 -14.89 -0.37
CA ASN C 221 18.48 -13.80 0.52
C ASN C 221 17.59 -13.79 1.76
N VAL C 222 18.15 -14.33 2.84
CA VAL C 222 17.45 -14.49 4.11
C VAL C 222 17.71 -13.28 5.00
N ASN C 223 16.66 -12.69 5.54
CA ASN C 223 16.84 -11.61 6.51
C ASN C 223 16.05 -11.90 7.79
N HIS C 224 16.75 -11.82 8.92
CA HIS C 224 16.15 -12.04 10.25
C HIS C 224 16.28 -10.73 11.01
N LYS C 225 15.30 -9.84 10.86
CA LYS C 225 15.37 -8.52 11.47
C LYS C 225 15.67 -8.56 12.97
N PRO C 226 15.08 -9.52 13.70
CA PRO C 226 15.35 -9.63 15.14
C PRO C 226 16.83 -9.62 15.53
N SER C 227 17.62 -10.59 15.05
CA SER C 227 19.05 -10.64 15.39
C SER C 227 19.88 -9.80 14.40
N ASN C 228 19.18 -9.00 13.61
CA ASN C 228 19.81 -8.22 12.54
C ASN C 228 20.86 -9.01 11.76
N THR C 229 20.40 -10.09 11.15
CA THR C 229 21.22 -10.98 10.36
C THR C 229 20.70 -11.04 8.91
N LYS C 230 21.56 -10.72 7.96
CA LYS C 230 21.29 -10.91 6.54
C LYS C 230 22.31 -11.88 5.97
N VAL C 231 21.82 -12.96 5.37
CA VAL C 231 22.69 -13.93 4.73
C VAL C 231 22.25 -14.17 3.28
N ASP C 232 23.22 -14.42 2.38
CA ASP C 232 22.97 -14.87 1.01
C ASP C 232 23.62 -16.25 0.82
N LYS C 233 22.90 -17.20 0.24
CA LYS C 233 23.45 -18.53 -0.01
C LYS C 233 23.25 -18.95 -1.46
N ARG C 234 24.34 -19.22 -2.17
CA ARG C 234 24.27 -19.77 -3.51
C ARG C 234 23.93 -21.24 -3.42
N VAL C 235 22.86 -21.63 -4.11
CA VAL C 235 22.46 -23.02 -4.21
C VAL C 235 22.92 -23.54 -5.57
N GLU C 236 23.68 -24.64 -5.57
CA GLU C 236 24.26 -25.15 -6.81
C GLU C 236 24.38 -26.67 -6.81
N PRO C 237 24.47 -27.25 -8.01
CA PRO C 237 24.48 -28.72 -8.19
C PRO C 237 25.74 -29.37 -7.62
N ALA D 1 -7.08 -40.06 23.23
CA ALA D 1 -7.61 -39.11 22.24
C ALA D 1 -8.74 -39.76 21.41
N LEU D 2 -9.84 -39.05 21.23
CA LEU D 2 -10.96 -39.55 20.44
C LEU D 2 -10.55 -39.45 18.97
N THR D 3 -10.97 -40.41 18.16
CA THR D 3 -10.48 -40.48 16.80
C THR D 3 -11.45 -39.90 15.76
N GLN D 4 -11.04 -38.81 15.12
CA GLN D 4 -11.81 -38.26 14.02
C GLN D 4 -11.03 -38.34 12.72
N PRO D 5 -11.74 -38.28 11.59
CA PRO D 5 -11.05 -38.14 10.30
C PRO D 5 -10.32 -36.80 10.24
N ALA D 6 -9.10 -36.78 9.69
CA ALA D 6 -8.31 -35.55 9.58
C ALA D 6 -9.08 -34.47 8.82
N SER D 7 -9.89 -34.92 7.86
CA SER D 7 -10.48 -34.04 6.89
C SER D 7 -11.72 -34.68 6.25
N VAL D 8 -12.82 -33.94 6.17
CA VAL D 8 -13.93 -34.32 5.31
C VAL D 8 -14.37 -33.13 4.44
N SER D 9 -14.62 -33.40 3.16
CA SER D 9 -14.98 -32.37 2.20
C SER D 9 -16.38 -32.57 1.66
N GLY D 10 -17.05 -31.47 1.35
CA GLY D 10 -18.36 -31.49 0.72
C GLY D 10 -18.53 -30.32 -0.24
N SER D 11 -19.61 -30.35 -1.02
CA SER D 11 -19.97 -29.24 -1.89
C SER D 11 -21.08 -28.45 -1.23
N PRO D 12 -21.22 -27.17 -1.57
CA PRO D 12 -22.32 -26.42 -0.95
C PRO D 12 -23.64 -27.15 -1.18
N GLY D 13 -24.49 -27.22 -0.16
CA GLY D 13 -25.80 -27.85 -0.31
C GLY D 13 -25.77 -29.33 0.04
N GLN D 14 -24.61 -29.93 -0.09
CA GLN D 14 -24.42 -31.34 0.24
C GLN D 14 -24.48 -31.65 1.76
N THR D 15 -24.70 -32.92 2.11
CA THR D 15 -24.79 -33.34 3.50
C THR D 15 -23.61 -34.24 3.86
N ILE D 16 -23.01 -34.00 5.02
CA ILE D 16 -21.68 -34.47 5.34
C ILE D 16 -21.58 -34.93 6.81
N THR D 17 -20.81 -35.98 7.07
CA THR D 17 -20.77 -36.56 8.42
C THR D 17 -19.33 -36.76 8.92
N ILE D 18 -19.07 -36.29 10.14
CA ILE D 18 -17.78 -36.41 10.78
C ILE D 18 -17.90 -37.41 11.92
N SER D 19 -17.14 -38.49 11.88
CA SER D 19 -17.23 -39.49 12.94
C SER D 19 -16.26 -39.17 14.06
N CYS D 20 -16.53 -39.75 15.23
CA CYS D 20 -15.77 -39.50 16.46
C CYS D 20 -15.73 -40.80 17.23
N ASN D 21 -14.71 -41.62 16.99
CA ASN D 21 -14.64 -42.97 17.49
C ASN D 21 -13.87 -43.05 18.80
N GLY D 22 -14.48 -43.61 19.82
CA GLY D 22 -13.88 -43.62 21.13
C GLY D 22 -13.99 -44.98 21.77
N THR D 23 -14.14 -44.98 23.10
CA THR D 23 -14.14 -46.21 23.87
C THR D 23 -15.27 -46.21 24.89
N SER D 24 -15.47 -47.34 25.54
CA SER D 24 -16.54 -47.47 26.51
C SER D 24 -16.29 -46.64 27.76
N SER D 25 -15.12 -46.00 27.85
CA SER D 25 -14.80 -45.17 29.02
C SER D 25 -15.25 -43.74 28.81
N ASP D 26 -15.58 -43.40 27.58
CA ASP D 26 -15.97 -42.04 27.25
C ASP D 26 -17.24 -42.06 26.41
N VAL D 27 -17.08 -41.99 25.09
CA VAL D 27 -18.21 -41.88 24.18
C VAL D 27 -19.29 -42.89 24.49
N GLY D 28 -18.91 -44.14 24.67
CA GLY D 28 -19.89 -45.20 24.88
C GLY D 28 -20.31 -45.33 26.33
N GLY D 29 -19.60 -44.65 27.22
CA GLY D 29 -19.88 -44.77 28.64
C GLY D 29 -20.81 -43.71 29.17
N PHE D 30 -21.05 -42.67 28.37
CA PHE D 30 -21.92 -41.56 28.77
C PHE D 30 -22.58 -40.97 27.54
N ASP D 31 -23.64 -40.20 27.76
CA ASP D 31 -24.31 -39.51 26.67
C ASP D 31 -24.02 -38.05 26.84
N SER D 32 -22.72 -37.73 26.88
CA SER D 32 -22.29 -36.36 27.14
C SER D 32 -21.26 -35.97 26.10
N VAL D 33 -21.62 -36.13 24.82
CA VAL D 33 -20.74 -35.78 23.72
C VAL D 33 -21.10 -34.38 23.24
N SER D 34 -20.09 -33.56 23.01
CA SER D 34 -20.31 -32.20 22.53
C SER D 34 -19.39 -32.01 21.34
N TRP D 35 -19.66 -30.99 20.53
CA TRP D 35 -18.93 -30.76 19.27
C TRP D 35 -18.63 -29.27 19.14
N TYR D 36 -17.40 -28.93 18.80
CA TYR D 36 -17.00 -27.54 18.76
C TYR D 36 -16.54 -27.18 17.34
N GLN D 37 -16.91 -25.98 16.90
CA GLN D 37 -16.48 -25.42 15.64
C GLN D 37 -15.45 -24.35 15.94
N GLN D 38 -14.32 -24.42 15.26
CA GLN D 38 -13.30 -23.41 15.40
C GLN D 38 -12.97 -22.86 14.03
N SER D 39 -13.38 -21.64 13.76
CA SER D 39 -13.06 -21.02 12.47
C SER D 39 -11.65 -20.44 12.57
N PRO D 40 -11.03 -20.19 11.41
CA PRO D 40 -9.63 -19.75 11.37
C PRO D 40 -9.37 -18.51 12.20
N GLY D 41 -8.40 -18.59 13.11
CA GLY D 41 -8.03 -17.45 13.92
C GLY D 41 -9.14 -16.99 14.86
N LYS D 42 -9.89 -17.95 15.40
CA LYS D 42 -10.96 -17.62 16.33
C LYS D 42 -10.98 -18.62 17.49
N ALA D 43 -11.96 -18.47 18.36
CA ALA D 43 -12.11 -19.34 19.51
C ALA D 43 -13.26 -20.31 19.32
N PRO D 44 -13.06 -21.57 19.74
CA PRO D 44 -14.08 -22.61 19.57
C PRO D 44 -15.47 -22.14 19.93
N LYS D 45 -16.47 -22.84 19.41
CA LYS D 45 -17.86 -22.51 19.62
C LYS D 45 -18.64 -23.82 19.72
N VAL D 46 -19.44 -24.00 20.77
CA VAL D 46 -20.23 -25.22 20.91
C VAL D 46 -21.29 -25.27 19.83
N MET D 47 -21.35 -26.38 19.10
CA MET D 47 -22.39 -26.57 18.13
C MET D 47 -23.41 -27.59 18.66
N VAL D 48 -22.93 -28.63 19.34
CA VAL D 48 -23.81 -29.66 19.87
C VAL D 48 -23.35 -30.12 21.26
N PHE D 49 -24.29 -30.56 22.09
CA PHE D 49 -23.95 -31.15 23.38
C PHE D 49 -24.90 -32.29 23.73
N ASP D 50 -24.54 -33.09 24.72
CA ASP D 50 -25.35 -34.25 25.10
C ASP D 50 -25.76 -35.07 23.87
N VAL D 51 -24.82 -35.22 22.94
CA VAL D 51 -24.97 -35.99 21.71
C VAL D 51 -25.76 -35.29 20.63
N SER D 52 -27.01 -34.93 20.93
CA SER D 52 -27.93 -34.49 19.89
C SER D 52 -28.51 -33.09 20.10
N HIS D 53 -28.11 -32.42 21.17
CA HIS D 53 -28.78 -31.17 21.51
C HIS D 53 -28.05 -29.95 20.95
N ARG D 54 -28.82 -28.95 20.55
CA ARG D 54 -28.27 -27.73 19.98
C ARG D 54 -28.48 -26.53 20.89
N PRO D 55 -27.39 -25.85 21.26
CA PRO D 55 -27.48 -24.59 22.01
C PRO D 55 -28.45 -23.64 21.32
N SER D 56 -29.05 -22.73 22.07
CA SER D 56 -30.00 -21.80 21.49
C SER D 56 -29.29 -20.96 20.45
N GLY D 57 -29.89 -20.82 19.29
CA GLY D 57 -29.37 -19.95 18.25
C GLY D 57 -28.31 -20.60 17.38
N ILE D 58 -28.35 -21.92 17.30
CA ILE D 58 -27.44 -22.63 16.42
C ILE D 58 -28.21 -23.40 15.37
N SER D 59 -27.75 -23.28 14.12
CA SER D 59 -28.50 -23.71 12.95
C SER D 59 -29.05 -25.14 13.02
N ASN D 60 -30.28 -25.31 12.54
CA ASN D 60 -30.90 -26.62 12.39
C ASN D 60 -30.01 -27.50 11.53
N ARG D 61 -29.08 -26.87 10.83
CA ARG D 61 -28.25 -27.59 9.90
C ARG D 61 -27.26 -28.55 10.59
N PHE D 62 -27.08 -28.41 11.90
CA PHE D 62 -26.12 -29.23 12.66
C PHE D 62 -26.82 -30.27 13.56
N SER D 63 -26.43 -31.54 13.44
CA SER D 63 -27.13 -32.64 14.09
C SER D 63 -26.12 -33.64 14.66
N GLY D 64 -26.44 -34.25 15.79
CA GLY D 64 -25.53 -35.17 16.46
C GLY D 64 -26.19 -36.50 16.75
N SER D 65 -25.45 -37.58 16.55
CA SER D 65 -25.96 -38.93 16.86
C SER D 65 -24.86 -39.74 17.53
N LYS D 66 -25.17 -41.00 17.81
CA LYS D 66 -24.26 -41.87 18.55
C LYS D 66 -24.66 -43.34 18.41
N SER D 67 -23.68 -44.21 18.30
CA SER D 67 -23.93 -45.65 18.22
C SER D 67 -22.74 -46.35 18.85
N GLY D 68 -22.99 -47.10 19.92
CA GLY D 68 -21.91 -47.73 20.66
C GLY D 68 -20.88 -46.71 21.13
N ASN D 69 -19.64 -46.84 20.64
CA ASN D 69 -18.54 -45.99 21.08
C ASN D 69 -18.20 -44.88 20.10
N THR D 70 -18.96 -44.79 19.02
CA THR D 70 -18.70 -43.79 17.99
C THR D 70 -19.84 -42.77 17.98
N ALA D 71 -19.51 -41.49 18.05
CA ALA D 71 -20.49 -40.44 17.81
C ALA D 71 -20.23 -39.78 16.47
N SER D 72 -21.18 -39.00 15.99
CA SER D 72 -21.01 -38.30 14.72
C SER D 72 -21.76 -36.99 14.63
N LEU D 73 -21.18 -36.07 13.87
CA LEU D 73 -21.74 -34.75 13.65
C LEU D 73 -22.15 -34.70 12.19
N THR D 74 -23.41 -34.38 11.95
CA THR D 74 -23.92 -34.33 10.60
C THR D 74 -24.22 -32.87 10.25
N ILE D 75 -23.73 -32.41 9.12
CA ILE D 75 -23.99 -31.05 8.65
C ILE D 75 -24.74 -31.11 7.33
N SER D 76 -26.03 -30.83 7.35
CA SER D 76 -26.82 -30.94 6.15
C SER D 76 -26.85 -29.61 5.39
N GLY D 77 -26.68 -29.68 4.08
CA GLY D 77 -26.65 -28.50 3.25
C GLY D 77 -25.54 -27.54 3.62
N LEU D 78 -24.29 -27.99 3.50
CA LEU D 78 -23.11 -27.14 3.75
C LEU D 78 -23.15 -25.74 3.10
N HIS D 79 -22.83 -24.71 3.89
CA HIS D 79 -22.54 -23.38 3.39
C HIS D 79 -21.06 -23.11 3.64
N ILE D 80 -20.49 -22.11 2.95
CA ILE D 80 -19.08 -21.77 3.20
C ILE D 80 -18.83 -21.45 4.66
N GLU D 81 -19.81 -20.84 5.32
CA GLU D 81 -19.62 -20.37 6.69
C GLU D 81 -19.21 -21.53 7.60
N ASP D 82 -19.53 -22.75 7.18
CA ASP D 82 -19.24 -23.94 7.96
C ASP D 82 -17.78 -24.35 7.99
N GLU D 83 -17.04 -23.87 7.01
CA GLU D 83 -15.63 -24.24 6.88
C GLU D 83 -14.89 -24.03 8.22
N GLY D 84 -13.88 -24.84 8.48
CA GLY D 84 -13.11 -24.74 9.71
C GLY D 84 -12.80 -26.10 10.29
N ASP D 85 -12.34 -26.14 11.54
CA ASP D 85 -12.02 -27.39 12.22
C ASP D 85 -13.09 -27.74 13.23
N TYR D 86 -13.34 -29.04 13.41
CA TYR D 86 -14.38 -29.48 14.31
C TYR D 86 -13.85 -30.52 15.29
N PHE D 87 -14.21 -30.36 16.57
CA PHE D 87 -13.74 -31.28 17.59
C PHE D 87 -14.89 -31.86 18.38
N CYS D 88 -14.90 -33.19 18.53
CA CYS D 88 -15.77 -33.81 19.51
C CYS D 88 -15.07 -33.81 20.86
N SER D 89 -15.82 -33.91 21.94
CA SER D 89 -15.22 -34.20 23.23
C SER D 89 -16.23 -34.98 24.03
N SER D 90 -15.72 -35.76 24.99
CA SER D 90 -16.62 -36.51 25.83
C SER D 90 -16.18 -36.43 27.25
N LEU D 91 -17.16 -36.65 28.13
CA LEU D 91 -16.92 -36.85 29.53
C LEU D 91 -16.22 -38.21 29.61
N THR D 92 -15.31 -38.41 30.57
CA THR D 92 -14.69 -39.73 30.75
C THR D 92 -15.04 -40.29 32.12
N ASP D 93 -14.73 -41.56 32.33
CA ASP D 93 -15.08 -42.22 33.57
C ASP D 93 -14.01 -42.03 34.65
N ARG D 94 -13.10 -41.09 34.45
CA ARG D 94 -12.27 -40.58 35.55
C ARG D 94 -12.67 -39.14 35.81
N SER D 95 -13.84 -38.78 35.28
CA SER D 95 -14.39 -37.43 35.35
C SER D 95 -13.48 -36.39 34.72
N HIS D 96 -12.82 -36.78 33.63
CA HIS D 96 -12.04 -35.84 32.85
C HIS D 96 -12.83 -35.45 31.62
N ARG D 97 -12.36 -34.45 30.89
CA ARG D 97 -12.82 -34.24 29.52
C ARG D 97 -11.72 -34.74 28.58
N ILE D 98 -12.12 -35.13 27.37
CA ILE D 98 -11.16 -35.51 26.37
C ILE D 98 -11.65 -34.99 25.03
N PHE D 99 -10.72 -34.61 24.15
CA PHE D 99 -11.07 -34.15 22.79
C PHE D 99 -10.61 -35.11 21.69
N GLY D 100 -11.30 -35.05 20.56
CA GLY D 100 -10.85 -35.72 19.35
C GLY D 100 -9.74 -34.93 18.69
N GLY D 101 -9.04 -35.57 17.76
CA GLY D 101 -7.93 -34.96 17.09
C GLY D 101 -8.35 -33.75 16.28
N GLY D 102 -9.61 -33.71 15.86
CA GLY D 102 -10.09 -32.61 15.05
C GLY D 102 -10.19 -32.97 13.57
N THR D 103 -11.09 -32.27 12.87
CA THR D 103 -11.40 -32.55 11.49
C THR D 103 -11.47 -31.24 10.74
N LYS D 104 -10.66 -31.07 9.70
CA LYS D 104 -10.80 -29.93 8.81
C LYS D 104 -11.91 -30.19 7.80
N VAL D 105 -12.98 -29.42 7.90
CA VAL D 105 -14.08 -29.49 6.94
C VAL D 105 -13.86 -28.48 5.83
N THR D 106 -13.93 -28.94 4.58
CA THR D 106 -13.78 -28.06 3.44
C THR D 106 -15.09 -28.05 2.65
N VAL D 107 -15.54 -26.86 2.27
CA VAL D 107 -16.68 -26.72 1.39
C VAL D 107 -16.12 -26.46 0.01
N LEU D 108 -15.92 -27.53 -0.74
CA LEU D 108 -15.27 -27.47 -2.05
C LEU D 108 -15.78 -26.33 -2.89
N GLY D 109 -14.87 -25.54 -3.45
CA GLY D 109 -15.22 -24.46 -4.33
C GLY D 109 -14.51 -24.51 -5.68
N GLN D 110 -13.65 -25.51 -5.85
CA GLN D 110 -12.93 -25.70 -7.10
C GLN D 110 -12.55 -27.16 -7.27
N PRO D 111 -12.21 -27.57 -8.49
CA PRO D 111 -11.85 -28.95 -8.82
C PRO D 111 -10.69 -29.45 -7.97
N LYS D 112 -10.69 -30.73 -7.60
CA LYS D 112 -9.58 -31.25 -6.83
C LYS D 112 -8.29 -31.20 -7.63
N ALA D 113 -7.20 -31.04 -6.91
CA ALA D 113 -5.88 -30.90 -7.50
C ALA D 113 -4.91 -31.69 -6.63
N ALA D 114 -4.19 -32.63 -7.23
CA ALA D 114 -3.31 -33.50 -6.45
C ALA D 114 -2.06 -32.74 -6.07
N PRO D 115 -1.41 -33.16 -4.97
CA PRO D 115 -0.25 -32.44 -4.44
C PRO D 115 1.03 -32.76 -5.20
N SER D 116 1.77 -31.71 -5.54
CA SER D 116 3.14 -31.88 -6.01
C SER D 116 4.09 -31.98 -4.83
N VAL D 117 4.80 -33.10 -4.69
CA VAL D 117 5.73 -33.26 -3.57
C VAL D 117 7.18 -33.44 -4.01
N THR D 118 8.08 -32.74 -3.30
CA THR D 118 9.51 -32.85 -3.51
C THR D 118 10.15 -33.12 -2.15
N LEU D 119 11.13 -34.02 -2.10
CA LEU D 119 11.77 -34.37 -0.83
C LEU D 119 13.28 -34.18 -0.91
N PHE D 120 13.83 -33.27 -0.13
CA PHE D 120 15.28 -33.05 -0.07
C PHE D 120 15.93 -33.85 1.02
N PRO D 121 17.18 -34.28 0.81
CA PRO D 121 17.98 -34.92 1.85
C PRO D 121 18.69 -33.86 2.68
N PRO D 122 19.45 -34.30 3.68
CA PRO D 122 20.23 -33.28 4.39
C PRO D 122 21.30 -32.72 3.46
N SER D 123 21.55 -31.41 3.52
CA SER D 123 22.66 -30.83 2.79
C SER D 123 23.95 -31.38 3.39
N SER D 124 25.05 -31.27 2.65
CA SER D 124 26.33 -31.73 3.19
C SER D 124 26.75 -30.84 4.32
N GLU D 125 26.32 -29.59 4.25
CA GLU D 125 26.79 -28.56 5.13
C GLU D 125 26.11 -28.73 6.50
N GLU D 126 24.87 -29.20 6.50
CA GLU D 126 24.21 -29.53 7.74
C GLU D 126 24.91 -30.74 8.37
N LEU D 127 25.31 -31.70 7.56
CA LEU D 127 25.93 -32.92 8.09
C LEU D 127 27.32 -32.70 8.70
N GLN D 128 28.09 -31.78 8.12
CA GLN D 128 29.38 -31.41 8.72
C GLN D 128 29.09 -30.67 10.02
N ALA D 129 27.99 -29.95 10.02
CA ALA D 129 27.53 -29.25 11.21
C ALA D 129 26.94 -30.26 12.18
N ASN D 130 27.06 -31.54 11.84
CA ASN D 130 26.66 -32.63 12.71
C ASN D 130 25.16 -32.69 13.00
N LYS D 131 24.36 -32.34 11.98
CA LYS D 131 22.92 -32.43 12.05
C LYS D 131 22.41 -32.96 10.73
N ALA D 132 21.11 -33.25 10.65
CA ALA D 132 20.52 -33.84 9.46
C ALA D 132 19.00 -33.60 9.44
N THR D 133 18.50 -33.00 8.37
CA THR D 133 17.09 -32.71 8.26
C THR D 133 16.53 -33.02 6.86
N LEU D 134 15.51 -33.89 6.82
CA LEU D 134 14.84 -34.22 5.59
C LEU D 134 13.71 -33.23 5.41
N VAL D 135 13.59 -32.68 4.20
CA VAL D 135 12.58 -31.67 3.97
C VAL D 135 11.64 -32.14 2.89
N CYS D 136 10.36 -32.22 3.25
CA CYS D 136 9.32 -32.65 2.34
C CYS D 136 8.38 -31.47 2.08
N LEU D 137 8.34 -31.01 0.83
CA LEU D 137 7.59 -29.81 0.48
C LEU D 137 6.42 -30.16 -0.40
N ILE D 138 5.25 -29.59 -0.11
CA ILE D 138 3.99 -30.03 -0.68
C ILE D 138 3.21 -28.82 -1.19
N SER D 139 2.66 -28.90 -2.39
CA SER D 139 2.08 -27.71 -3.01
C SER D 139 1.00 -28.03 -4.03
N ASP D 140 0.21 -27.02 -4.36
CA ASP D 140 -0.77 -27.11 -5.43
C ASP D 140 -1.93 -28.09 -5.20
N PHE D 141 -2.17 -28.50 -3.96
CA PHE D 141 -3.32 -29.36 -3.70
C PHE D 141 -4.59 -28.61 -3.33
N TYR D 142 -5.74 -29.25 -3.62
CA TYR D 142 -7.04 -28.81 -3.13
C TYR D 142 -7.96 -30.04 -3.06
N PRO D 143 -8.80 -30.13 -2.02
CA PRO D 143 -8.89 -29.26 -0.84
C PRO D 143 -7.58 -29.27 -0.04
N GLY D 144 -7.46 -28.34 0.91
CA GLY D 144 -6.22 -28.14 1.62
C GLY D 144 -6.04 -29.02 2.85
N ALA D 145 -5.99 -30.32 2.65
CA ALA D 145 -5.82 -31.23 3.75
C ALA D 145 -5.06 -32.46 3.27
N VAL D 146 -3.91 -32.71 3.88
CA VAL D 146 -3.10 -33.86 3.55
C VAL D 146 -2.68 -34.56 4.81
N THR D 147 -2.52 -35.87 4.74
CA THR D 147 -1.88 -36.63 5.81
C THR D 147 -0.45 -36.96 5.38
N VAL D 148 0.52 -36.63 6.21
CA VAL D 148 1.91 -36.92 5.91
C VAL D 148 2.44 -38.05 6.76
N ALA D 149 2.92 -39.11 6.10
CA ALA D 149 3.46 -40.27 6.79
C ALA D 149 4.89 -40.52 6.33
N TRP D 150 5.81 -40.65 7.28
CA TRP D 150 7.22 -40.92 6.97
C TRP D 150 7.56 -42.41 7.14
N LYS D 151 8.67 -42.83 6.53
CA LYS D 151 9.14 -44.20 6.66
C LYS D 151 10.66 -44.31 6.48
N ALA D 152 11.32 -44.89 7.47
CA ALA D 152 12.74 -45.26 7.34
C ALA D 152 12.82 -46.64 6.72
N ASP D 153 13.18 -46.69 5.44
CA ASP D 153 13.17 -47.93 4.67
C ASP D 153 11.74 -48.42 4.45
N SER D 154 11.34 -49.46 5.19
CA SER D 154 10.00 -50.04 5.04
C SER D 154 9.15 -49.82 6.29
N SER D 155 9.80 -49.43 7.38
CA SER D 155 9.10 -49.26 8.65
C SER D 155 8.73 -47.80 8.89
N PRO D 156 7.58 -47.57 9.53
CA PRO D 156 7.08 -46.22 9.83
C PRO D 156 7.95 -45.46 10.85
N VAL D 157 7.86 -44.13 10.85
CA VAL D 157 8.63 -43.29 11.78
C VAL D 157 7.82 -42.09 12.28
N LYS D 158 7.60 -42.01 13.59
CA LYS D 158 6.79 -40.93 14.17
C LYS D 158 7.60 -39.90 14.96
N ALA D 159 8.79 -40.30 15.44
CA ALA D 159 9.64 -39.41 16.23
C ALA D 159 10.47 -38.46 15.35
N GLY D 160 10.46 -37.17 15.68
CA GLY D 160 11.22 -36.16 14.97
C GLY D 160 10.46 -35.48 13.84
N VAL D 161 9.16 -35.72 13.77
CA VAL D 161 8.33 -35.26 12.66
C VAL D 161 7.50 -34.02 13.01
N GLU D 162 7.68 -32.95 12.23
CA GLU D 162 6.91 -31.74 12.42
C GLU D 162 6.33 -31.31 11.08
N THR D 163 5.01 -31.08 11.07
CA THR D 163 4.29 -30.80 9.84
C THR D 163 3.41 -29.57 9.97
N THR D 164 3.55 -28.61 9.06
CA THR D 164 2.80 -27.36 9.15
C THR D 164 1.36 -27.51 8.69
N THR D 165 0.57 -26.48 8.99
CA THR D 165 -0.80 -26.45 8.56
C THR D 165 -0.79 -25.91 7.15
N PRO D 166 -1.54 -26.56 6.24
CA PRO D 166 -1.67 -26.08 4.87
C PRO D 166 -2.02 -24.60 4.86
N SER D 167 -1.34 -23.83 4.02
CA SER D 167 -1.66 -22.42 3.81
C SER D 167 -1.99 -22.17 2.34
N LYS D 168 -2.84 -21.18 2.10
CA LYS D 168 -3.27 -20.85 0.74
C LYS D 168 -2.18 -20.13 -0.08
N GLN D 169 -1.97 -20.61 -1.30
CA GLN D 169 -1.02 -20.02 -2.22
C GLN D 169 -1.66 -18.85 -2.98
N SER D 170 -0.90 -18.20 -3.85
CA SER D 170 -1.46 -17.13 -4.67
C SER D 170 -2.39 -17.67 -5.78
N ASN D 171 -2.26 -18.94 -6.13
CA ASN D 171 -3.17 -19.55 -7.11
C ASN D 171 -4.31 -20.31 -6.43
N ASN D 172 -4.54 -20.04 -5.15
CA ASN D 172 -5.69 -20.54 -4.42
C ASN D 172 -5.68 -22.04 -4.14
N LYS D 173 -4.56 -22.69 -4.44
CA LYS D 173 -4.32 -24.05 -3.93
C LYS D 173 -3.55 -23.93 -2.62
N TYR D 174 -3.20 -25.05 -2.03
CA TYR D 174 -2.56 -25.08 -0.73
C TYR D 174 -1.20 -25.73 -0.77
N ALA D 175 -0.33 -25.23 0.10
CA ALA D 175 0.99 -25.79 0.32
C ALA D 175 1.14 -26.16 1.78
N ALA D 176 1.94 -27.18 2.05
CA ALA D 176 2.34 -27.51 3.42
C ALA D 176 3.77 -28.05 3.42
N SER D 177 4.40 -28.07 4.57
CA SER D 177 5.76 -28.56 4.68
C SER D 177 5.83 -29.55 5.83
N SER D 178 6.74 -30.51 5.71
CA SER D 178 6.92 -31.52 6.73
C SER D 178 8.42 -31.81 6.86
N TYR D 179 8.93 -31.71 8.09
CA TYR D 179 10.35 -31.92 8.37
C TYR D 179 10.54 -33.18 9.19
N LEU D 180 11.62 -33.89 8.92
CA LEU D 180 12.01 -35.05 9.70
C LEU D 180 13.43 -34.84 10.21
N SER D 181 13.57 -34.52 11.49
CA SER D 181 14.87 -34.31 12.10
C SER D 181 15.57 -35.64 12.38
N LEU D 182 16.87 -35.68 12.11
CA LEU D 182 17.65 -36.90 12.29
C LEU D 182 19.04 -36.58 12.82
N THR D 183 19.71 -37.63 13.30
CA THR D 183 21.11 -37.54 13.65
C THR D 183 21.88 -38.02 12.43
N PRO D 184 23.08 -37.45 12.20
CA PRO D 184 23.88 -37.89 11.05
C PRO D 184 23.99 -39.41 10.94
N GLU D 185 24.00 -40.12 12.08
CA GLU D 185 24.21 -41.57 12.11
C GLU D 185 22.96 -42.36 11.73
N GLN D 186 21.80 -41.89 12.16
CA GLN D 186 20.53 -42.51 11.78
C GLN D 186 20.35 -42.46 10.25
N TRP D 187 20.62 -41.30 9.68
CA TRP D 187 20.52 -41.07 8.24
C TRP D 187 21.37 -42.06 7.42
N LYS D 188 22.60 -42.27 7.85
CA LYS D 188 23.52 -43.13 7.11
C LYS D 188 23.17 -44.61 7.21
N SER D 189 22.58 -44.99 8.34
CA SER D 189 22.35 -46.40 8.64
C SER D 189 21.24 -47.02 7.77
N HIS D 190 20.25 -46.22 7.43
CA HIS D 190 19.10 -46.71 6.67
C HIS D 190 19.34 -46.68 5.16
N LYS D 191 18.77 -47.66 4.47
CA LYS D 191 18.86 -47.73 3.02
C LYS D 191 18.35 -46.43 2.39
N SER D 192 17.10 -46.09 2.72
CA SER D 192 16.49 -44.89 2.18
C SER D 192 15.46 -44.33 3.15
N TYR D 193 14.76 -43.29 2.72
CA TYR D 193 13.74 -42.65 3.52
C TYR D 193 12.65 -42.14 2.60
N SER D 194 11.40 -42.48 2.89
CA SER D 194 10.32 -41.99 2.06
C SER D 194 9.46 -40.95 2.79
N CYS D 195 8.86 -40.07 2.02
CA CYS D 195 7.84 -39.16 2.50
C CYS D 195 6.56 -39.49 1.71
N GLN D 196 5.48 -39.81 2.42
CA GLN D 196 4.22 -40.17 1.77
C GLN D 196 3.11 -39.23 2.17
N VAL D 197 2.64 -38.41 1.23
CA VAL D 197 1.52 -37.53 1.52
C VAL D 197 0.25 -38.07 0.86
N THR D 198 -0.77 -38.31 1.67
CA THR D 198 -2.01 -38.88 1.21
C THR D 198 -3.04 -37.75 1.09
N HIS D 199 -3.74 -37.69 -0.03
CA HIS D 199 -4.65 -36.59 -0.31
C HIS D 199 -5.87 -37.12 -1.05
N GLU D 200 -7.03 -37.09 -0.41
CA GLU D 200 -8.26 -37.56 -1.02
C GLU D 200 -8.12 -38.97 -1.56
N GLY D 201 -7.71 -39.90 -0.69
CA GLY D 201 -7.61 -41.30 -1.05
C GLY D 201 -6.38 -41.68 -1.87
N SER D 202 -5.70 -40.70 -2.47
CA SER D 202 -4.56 -40.98 -3.34
C SER D 202 -3.24 -40.59 -2.68
N THR D 203 -2.25 -41.48 -2.76
CA THR D 203 -0.97 -41.21 -2.11
C THR D 203 0.15 -40.97 -3.10
N VAL D 204 0.92 -39.91 -2.85
CA VAL D 204 2.11 -39.61 -3.60
C VAL D 204 3.33 -39.90 -2.72
N GLU D 205 4.36 -40.49 -3.30
CA GLU D 205 5.55 -40.84 -2.52
C GLU D 205 6.84 -40.42 -3.23
N LYS D 206 7.74 -39.80 -2.47
CA LYS D 206 9.08 -39.48 -2.96
C LYS D 206 10.06 -40.04 -1.96
N THR D 207 11.26 -40.40 -2.43
CA THR D 207 12.23 -41.06 -1.58
C THR D 207 13.64 -40.53 -1.84
N VAL D 208 14.51 -40.58 -0.82
CA VAL D 208 15.89 -40.13 -0.94
C VAL D 208 16.84 -41.11 -0.25
N ALA D 209 18.07 -41.19 -0.74
CA ALA D 209 19.07 -42.11 -0.19
C ALA D 209 20.32 -41.37 0.28
N PRO D 210 21.07 -41.98 1.21
CA PRO D 210 22.24 -41.38 1.85
C PRO D 210 23.47 -41.18 0.95
N THR D 211 23.99 -42.25 0.33
CA THR D 211 25.25 -42.15 -0.39
C THR D 211 25.24 -41.05 -1.46
N GLN E 1 7.65 10.17 -39.82
CA GLN E 1 7.25 10.04 -38.39
C GLN E 1 7.97 11.06 -37.53
N GLU E 2 7.78 10.94 -36.22
CA GLU E 2 8.41 11.83 -35.24
C GLU E 2 9.93 11.63 -35.20
N GLN E 3 10.64 12.74 -35.18
CA GLN E 3 12.09 12.66 -35.18
C GLN E 3 12.70 13.86 -34.48
N LEU E 4 13.86 13.62 -33.87
CA LEU E 4 14.63 14.68 -33.24
C LEU E 4 16.08 14.39 -33.58
N VAL E 5 16.84 15.41 -33.96
CA VAL E 5 18.28 15.24 -34.19
C VAL E 5 19.05 16.39 -33.54
N GLU E 6 20.05 16.03 -32.74
CA GLU E 6 20.82 17.00 -31.98
C GLU E 6 22.11 17.27 -32.74
N SER E 7 22.59 18.50 -32.64
CA SER E 7 23.91 18.84 -33.13
C SER E 7 24.51 19.86 -32.19
N GLY E 8 25.74 20.27 -32.44
CA GLY E 8 26.39 21.26 -31.61
C GLY E 8 27.50 20.63 -30.79
N GLY E 9 27.48 19.30 -30.72
CA GLY E 9 28.46 18.56 -29.94
C GLY E 9 29.88 18.77 -30.41
N GLY E 10 30.81 18.03 -29.80
CA GLY E 10 32.21 18.13 -30.14
C GLY E 10 33.07 18.54 -28.95
N VAL E 11 34.37 18.73 -29.20
CA VAL E 11 35.30 19.06 -28.13
C VAL E 11 35.24 20.55 -27.77
N VAL E 12 35.27 20.84 -26.47
CA VAL E 12 35.18 22.18 -25.95
C VAL E 12 35.98 22.26 -24.66
N GLN E 13 36.53 23.44 -24.36
CA GLN E 13 37.43 23.57 -23.23
C GLN E 13 36.70 23.89 -21.94
N PRO E 14 37.26 23.44 -20.81
CA PRO E 14 36.65 23.71 -19.50
C PRO E 14 36.48 25.21 -19.27
N GLY E 15 35.40 25.59 -18.60
CA GLY E 15 35.11 26.99 -18.38
C GLY E 15 34.34 27.60 -19.53
N GLY E 16 34.40 26.93 -20.68
CA GLY E 16 33.77 27.40 -21.89
C GLY E 16 32.26 27.19 -21.95
N SER E 17 31.66 27.92 -22.89
CA SER E 17 30.22 27.97 -23.09
C SER E 17 29.84 27.24 -24.37
N LEU E 18 28.76 26.47 -24.33
CA LEU E 18 28.35 25.64 -25.47
C LEU E 18 26.85 25.67 -25.69
N ARG E 19 26.43 25.70 -26.95
CA ARG E 19 24.99 25.68 -27.26
C ARG E 19 24.62 24.49 -28.15
N LEU E 20 23.80 23.59 -27.60
CA LEU E 20 23.30 22.44 -28.37
C LEU E 20 21.97 22.80 -28.99
N SER E 21 21.61 22.09 -30.07
CA SER E 21 20.38 22.35 -30.80
C SER E 21 19.68 21.04 -31.01
N CYS E 22 18.37 21.09 -31.16
CA CYS E 22 17.57 19.90 -31.38
C CYS E 22 16.49 20.23 -32.39
N LEU E 23 16.67 19.76 -33.62
CA LEU E 23 15.69 20.01 -34.67
C LEU E 23 14.60 18.94 -34.63
N ALA E 24 13.34 19.37 -34.53
CA ALA E 24 12.21 18.45 -34.50
C ALA E 24 11.46 18.45 -35.82
N SER E 25 11.06 17.26 -36.27
CA SER E 25 10.23 17.12 -37.46
C SER E 25 9.25 15.99 -37.20
N GLY E 26 8.20 15.91 -38.01
CA GLY E 26 7.23 14.83 -37.91
C GLY E 26 6.15 14.97 -36.84
N PHE E 27 5.99 16.17 -36.29
CA PHE E 27 4.89 16.45 -35.38
C PHE E 27 4.78 17.95 -35.11
N THR E 28 3.68 18.38 -34.50
CA THR E 28 3.51 19.80 -34.20
C THR E 28 4.31 20.16 -32.96
N PHE E 29 5.49 20.72 -33.19
CA PHE E 29 6.48 20.92 -32.16
C PHE E 29 5.98 21.76 -30.99
N HIS E 30 5.33 22.87 -31.29
CA HIS E 30 4.98 23.82 -30.25
C HIS E 30 3.91 23.29 -29.31
N LYS E 31 3.45 22.07 -29.56
CA LYS E 31 2.35 21.50 -28.80
C LYS E 31 2.82 20.67 -27.62
N TYR E 32 4.11 20.34 -27.59
CA TYR E 32 4.64 19.46 -26.56
C TYR E 32 5.71 20.12 -25.71
N GLY E 33 5.85 19.68 -24.47
CA GLY E 33 7.03 19.99 -23.69
C GLY E 33 8.20 19.23 -24.28
N MET E 34 9.42 19.69 -24.01
CA MET E 34 10.63 19.03 -24.51
C MET E 34 11.70 18.95 -23.42
N HIS E 35 12.34 17.79 -23.29
CA HIS E 35 13.42 17.59 -22.32
C HIS E 35 14.82 17.54 -22.92
N TRP E 36 15.80 17.71 -22.05
CA TRP E 36 17.17 17.30 -22.29
C TRP E 36 17.53 16.29 -21.21
N VAL E 37 18.28 15.28 -21.61
CA VAL E 37 18.67 14.20 -20.71
C VAL E 37 20.08 13.88 -21.16
N ARG E 38 20.99 13.63 -20.23
CA ARG E 38 22.37 13.38 -20.61
C ARG E 38 22.80 12.00 -20.15
N GLN E 39 23.96 11.58 -20.61
CA GLN E 39 24.48 10.27 -20.27
C GLN E 39 26.00 10.27 -20.44
N ALA E 40 26.71 10.32 -19.34
CA ALA E 40 28.16 10.22 -19.36
C ALA E 40 28.50 8.85 -19.87
N PRO E 41 29.70 8.70 -20.42
CA PRO E 41 30.08 7.42 -21.02
C PRO E 41 30.03 6.26 -20.02
N GLY E 42 29.17 5.27 -20.31
CA GLY E 42 29.05 4.10 -19.47
C GLY E 42 28.20 4.32 -18.23
N LYS E 43 27.65 5.52 -18.09
CA LYS E 43 26.78 5.84 -16.96
C LYS E 43 25.32 5.89 -17.39
N GLY E 44 24.45 6.27 -16.46
CA GLY E 44 23.03 6.19 -16.68
C GLY E 44 22.46 7.51 -17.13
N LEU E 45 21.21 7.46 -17.59
CA LEU E 45 20.55 8.69 -18.00
C LEU E 45 20.40 9.55 -16.77
N GLU E 46 20.45 10.85 -16.98
CA GLU E 46 20.28 11.82 -15.92
C GLU E 46 19.48 12.96 -16.52
N TRP E 47 18.33 13.27 -15.95
CA TRP E 47 17.50 14.36 -16.44
C TRP E 47 18.24 15.68 -16.32
N VAL E 48 18.13 16.53 -17.32
CA VAL E 48 18.80 17.82 -17.30
C VAL E 48 17.81 19.00 -17.23
N ALA E 49 16.76 19.01 -18.05
CA ALA E 49 15.84 20.16 -18.08
C ALA E 49 14.59 19.94 -18.91
N LEU E 50 13.52 20.65 -18.56
CA LEU E 50 12.25 20.55 -19.28
C LEU E 50 11.77 21.96 -19.61
N ILE E 51 11.07 22.11 -20.72
CA ILE E 51 10.50 23.40 -21.08
C ILE E 51 9.10 23.17 -21.59
N SER E 52 8.18 24.06 -21.28
CA SER E 52 6.80 23.89 -21.67
C SER E 52 6.60 24.15 -23.16
N ASP E 53 5.46 23.73 -23.67
CA ASP E 53 5.13 23.89 -25.09
C ASP E 53 5.39 25.31 -25.61
N ASP E 54 4.90 26.31 -24.87
CA ASP E 54 5.01 27.70 -25.27
C ASP E 54 6.31 28.30 -24.79
N GLY E 55 7.12 27.46 -24.15
CA GLY E 55 8.46 27.85 -23.72
C GLY E 55 8.51 28.94 -22.67
N MET E 56 7.41 29.11 -21.91
CA MET E 56 7.36 30.12 -20.85
C MET E 56 7.64 29.53 -19.48
N ARG E 57 7.42 28.23 -19.31
CA ARG E 57 7.74 27.54 -18.07
C ARG E 57 8.98 26.65 -18.25
N LYS E 58 9.99 26.85 -17.41
CA LYS E 58 11.21 26.04 -17.44
C LYS E 58 11.45 25.33 -16.11
N TYR E 59 12.19 24.23 -16.18
CA TYR E 59 12.51 23.40 -15.04
C TYR E 59 13.90 22.82 -15.25
N HIS E 60 14.84 23.08 -14.34
CA HIS E 60 16.20 22.61 -14.53
C HIS E 60 16.61 21.70 -13.38
N SER E 61 17.30 20.62 -13.68
CA SER E 61 17.87 19.79 -12.65
C SER E 61 18.55 20.67 -11.60
N ASP E 62 18.40 20.32 -10.32
CA ASP E 62 19.03 21.08 -9.22
C ASP E 62 20.53 20.83 -9.16
N SER E 63 20.96 19.70 -9.71
CA SER E 63 22.36 19.30 -9.65
C SER E 63 23.13 19.77 -10.89
N MET E 64 22.66 20.86 -11.50
CA MET E 64 23.43 21.56 -12.53
C MET E 64 23.89 22.93 -12.01
N TRP E 65 23.35 23.35 -10.87
CA TRP E 65 23.75 24.62 -10.24
C TRP E 65 23.54 25.80 -11.15
N GLY E 66 22.44 25.78 -11.89
CA GLY E 66 22.08 26.89 -12.73
C GLY E 66 23.00 27.08 -13.92
N ARG E 67 23.79 26.05 -14.23
CA ARG E 67 24.76 26.18 -15.31
C ARG E 67 24.14 26.08 -16.71
N VAL E 68 23.00 25.41 -16.84
CA VAL E 68 22.40 25.22 -18.17
C VAL E 68 21.11 26.00 -18.33
N THR E 69 20.78 26.34 -19.56
CA THR E 69 19.56 27.09 -19.84
C THR E 69 18.84 26.51 -21.04
N ILE E 70 17.63 26.01 -20.81
CA ILE E 70 16.84 25.45 -21.89
C ILE E 70 16.02 26.57 -22.53
N SER E 71 15.70 26.39 -23.81
CA SER E 71 14.91 27.39 -24.56
C SER E 71 14.42 26.76 -25.84
N ARG E 72 13.53 27.44 -26.54
CA ARG E 72 13.04 26.93 -27.81
C ARG E 72 12.67 28.05 -28.75
N ASP E 73 12.71 27.73 -30.04
CA ASP E 73 12.23 28.63 -31.07
C ASP E 73 11.19 27.87 -31.87
N ASN E 74 9.93 28.02 -31.49
CA ASN E 74 8.86 27.25 -32.11
C ASN E 74 8.71 27.48 -33.60
N SER E 75 9.03 28.68 -34.06
CA SER E 75 8.96 28.99 -35.48
C SER E 75 10.04 28.22 -36.25
N LYS E 76 11.14 27.92 -35.56
CA LYS E 76 12.23 27.16 -36.15
C LYS E 76 12.13 25.68 -35.78
N ASN E 77 11.12 25.33 -35.01
CA ASN E 77 10.96 23.95 -34.55
C ASN E 77 12.23 23.40 -33.86
N THR E 78 12.96 24.28 -33.16
CA THR E 78 14.20 23.86 -32.52
C THR E 78 14.18 24.05 -31.00
N LEU E 79 14.79 23.10 -30.29
CA LEU E 79 15.04 23.23 -28.86
C LEU E 79 16.54 23.46 -28.68
N TYR E 80 16.91 24.23 -27.66
CA TYR E 80 18.32 24.55 -27.41
C TYR E 80 18.72 24.23 -25.97
N LEU E 81 20.02 24.14 -25.74
CA LEU E 81 20.54 24.01 -24.40
C LEU E 81 21.84 24.80 -24.27
N GLN E 82 21.75 25.96 -23.62
CA GLN E 82 22.91 26.80 -23.39
C GLN E 82 23.69 26.38 -22.16
N PHE E 83 24.98 26.16 -22.32
CA PHE E 83 25.83 25.80 -21.21
C PHE E 83 26.61 26.99 -20.67
N SER E 84 27.54 26.66 -19.79
CA SER E 84 28.50 27.62 -19.26
C SER E 84 29.28 26.93 -18.15
N SER E 85 30.48 27.41 -17.88
CA SER E 85 31.28 26.86 -16.79
C SER E 85 31.50 25.35 -16.95
N LEU E 86 31.52 24.87 -18.20
CA LEU E 86 31.76 23.45 -18.45
C LEU E 86 32.89 22.91 -17.57
N LYS E 87 32.78 21.66 -17.16
CA LYS E 87 33.84 21.03 -16.38
C LYS E 87 34.17 19.72 -17.05
N VAL E 88 35.28 19.11 -16.66
CA VAL E 88 35.65 17.84 -17.28
C VAL E 88 34.54 16.82 -17.09
N GLU E 89 33.89 16.86 -15.93
CA GLU E 89 32.89 15.86 -15.57
C GLU E 89 31.56 16.03 -16.33
N ASP E 90 31.44 17.05 -17.16
CA ASP E 90 30.21 17.25 -17.91
C ASP E 90 30.22 16.53 -19.26
N THR E 91 31.37 15.93 -19.56
CA THR E 91 31.53 15.15 -20.78
C THR E 91 30.43 14.10 -20.91
N ALA E 92 29.55 14.24 -21.90
CA ALA E 92 28.44 13.30 -22.04
C ALA E 92 27.79 13.33 -23.42
N MET E 93 26.99 12.29 -23.67
CA MET E 93 26.06 12.27 -24.77
C MET E 93 24.82 13.03 -24.36
N PHE E 94 24.27 13.88 -25.22
CA PHE E 94 23.07 14.65 -24.89
C PHE E 94 21.90 14.31 -25.80
N PHE E 95 20.79 13.91 -25.19
CA PHE E 95 19.58 13.49 -25.89
C PHE E 95 18.50 14.55 -25.76
N CYS E 96 17.75 14.70 -26.82
CA CYS E 96 16.59 15.55 -26.87
C CYS E 96 15.48 14.55 -26.65
N ALA E 97 14.41 14.88 -25.93
CA ALA E 97 13.31 13.92 -25.81
C ALA E 97 11.97 14.60 -25.61
N ARG E 98 10.93 14.13 -26.29
CA ARG E 98 9.63 14.79 -26.20
C ARG E 98 8.85 14.32 -24.98
N GLU E 99 8.22 15.27 -24.30
CA GLU E 99 7.27 14.97 -23.24
C GLU E 99 5.97 14.48 -23.87
N ALA E 100 5.63 13.20 -23.71
CA ALA E 100 4.32 12.73 -24.17
C ALA E 100 3.26 13.70 -23.68
N GLY E 101 2.20 13.84 -24.46
CA GLY E 101 1.11 14.73 -24.09
C GLY E 101 0.03 14.80 -25.15
N GLY E 102 -1.20 15.00 -24.69
CA GLY E 102 -2.32 15.19 -25.58
C GLY E 102 -3.45 15.79 -24.77
N PRO E 103 -4.66 15.82 -25.35
CA PRO E 103 -5.82 16.37 -24.64
C PRO E 103 -6.41 15.38 -23.64
N ILE E 104 -6.69 15.84 -22.43
CA ILE E 104 -7.44 15.03 -21.46
C ILE E 104 -7.62 15.79 -20.14
N ASN E 115 -6.06 22.54 -30.81
CA ASN E 115 -5.27 23.76 -30.81
C ASN E 115 -5.18 24.37 -29.42
N ASP E 116 -6.28 24.27 -28.67
CA ASP E 116 -6.41 24.90 -27.35
C ASP E 116 -5.25 24.64 -26.37
N GLY E 117 -4.91 23.38 -26.13
CA GLY E 117 -3.84 23.07 -25.20
C GLY E 117 -3.70 21.59 -24.88
N TYR E 118 -2.45 21.15 -24.73
CA TYR E 118 -2.16 19.78 -24.33
C TYR E 118 -1.80 19.72 -22.84
N TYR E 119 -1.89 18.52 -22.29
CA TYR E 119 -1.48 18.26 -20.92
C TYR E 119 -0.34 17.26 -20.97
N ASN E 120 0.65 17.43 -20.12
CA ASN E 120 1.78 16.51 -20.07
C ASN E 120 1.38 15.16 -19.51
N TYR E 121 1.98 14.09 -20.04
CA TYR E 121 1.61 12.74 -19.62
C TYR E 121 2.66 12.15 -18.71
N HIS E 122 3.77 12.86 -18.54
CA HIS E 122 4.81 12.51 -17.58
C HIS E 122 5.63 11.29 -17.96
N TYR E 123 5.95 11.19 -19.24
CA TYR E 123 7.02 10.32 -19.71
C TYR E 123 7.52 10.84 -21.05
N MET E 124 8.65 10.29 -21.49
CA MET E 124 9.32 10.75 -22.71
C MET E 124 9.11 9.74 -23.83
N ASP E 125 8.22 10.04 -24.77
CA ASP E 125 7.86 9.08 -25.81
C ASP E 125 8.74 9.14 -27.05
N VAL E 126 9.38 10.28 -27.32
CA VAL E 126 10.20 10.40 -28.51
C VAL E 126 11.63 10.83 -28.18
N TRP E 127 12.61 10.17 -28.77
CA TRP E 127 14.00 10.46 -28.46
C TRP E 127 14.83 10.64 -29.70
N GLY E 128 15.68 11.66 -29.68
CA GLY E 128 16.69 11.78 -30.71
C GLY E 128 17.74 10.73 -30.43
N LYS E 129 18.68 10.54 -31.34
CA LYS E 129 19.91 9.88 -30.96
C LYS E 129 20.66 11.02 -30.33
N GLY E 130 21.89 10.81 -29.89
CA GLY E 130 22.55 11.86 -29.14
C GLY E 130 23.38 12.83 -29.95
N THR E 131 24.06 13.74 -29.25
CA THR E 131 25.20 14.46 -29.80
C THR E 131 26.27 14.42 -28.73
N THR E 132 27.44 13.86 -29.04
CA THR E 132 28.45 13.76 -28.02
C THR E 132 29.01 15.14 -27.70
N VAL E 133 29.39 15.32 -26.44
CA VAL E 133 30.04 16.53 -25.97
C VAL E 133 31.23 16.10 -25.16
N THR E 134 32.40 16.65 -25.47
CA THR E 134 33.60 16.24 -24.77
C THR E 134 34.38 17.46 -24.26
N VAL E 135 34.52 17.53 -22.95
CA VAL E 135 35.20 18.64 -22.30
C VAL E 135 36.63 18.27 -21.94
N SER E 136 37.61 18.92 -22.57
CA SER E 136 39.01 18.60 -22.32
C SER E 136 39.92 19.74 -22.74
N SER E 137 40.79 20.15 -21.82
CA SER E 137 41.70 21.25 -22.07
C SER E 137 42.76 20.89 -23.10
N ALA E 138 43.46 19.77 -22.87
CA ALA E 138 44.64 19.40 -23.65
C ALA E 138 44.44 19.43 -25.18
N SER E 139 43.32 18.89 -25.65
CA SER E 139 43.00 18.83 -27.08
C SER E 139 43.81 17.76 -27.84
N THR E 140 45.11 17.65 -27.57
CA THR E 140 45.95 16.64 -28.19
C THR E 140 47.16 16.37 -27.29
N LYS E 141 47.25 15.15 -26.79
CA LYS E 141 48.37 14.75 -25.94
C LYS E 141 48.79 13.31 -26.20
N GLY E 142 50.10 13.11 -26.41
CA GLY E 142 50.65 11.78 -26.57
C GLY E 142 50.84 11.05 -25.25
N PRO E 143 50.78 9.70 -25.29
CA PRO E 143 50.79 8.89 -24.07
C PRO E 143 52.16 8.79 -23.38
N SER E 144 52.18 8.10 -22.25
CA SER E 144 53.43 7.78 -21.56
C SER E 144 53.33 6.31 -21.13
N VAL E 145 54.26 5.48 -21.58
CA VAL E 145 54.11 4.04 -21.40
C VAL E 145 54.95 3.45 -20.28
N PHE E 146 54.29 2.72 -19.39
CA PHE E 146 54.94 2.07 -18.27
C PHE E 146 54.85 0.55 -18.37
N PRO E 147 55.91 -0.17 -18.01
CA PRO E 147 55.86 -1.64 -18.03
C PRO E 147 54.96 -2.18 -16.94
N LEU E 148 54.33 -3.31 -17.20
CA LEU E 148 53.60 -4.04 -16.19
C LEU E 148 54.33 -5.35 -16.06
N ALA E 149 55.38 -5.36 -15.25
CA ALA E 149 56.27 -6.51 -15.20
C ALA E 149 55.49 -7.71 -14.69
N PRO E 150 55.83 -8.92 -15.16
CA PRO E 150 55.26 -10.18 -14.68
C PRO E 150 55.85 -10.57 -13.34
N SER E 151 55.01 -10.81 -12.35
CA SER E 151 55.53 -10.99 -11.01
C SER E 151 54.52 -11.55 -10.02
N SER E 152 55.02 -12.36 -9.10
CA SER E 152 56.36 -12.90 -9.24
C SER E 152 56.24 -13.88 -10.38
N LYS E 153 54.98 -14.24 -10.65
CA LYS E 153 54.68 -15.48 -11.31
C LYS E 153 54.37 -15.30 -12.81
N SER E 154 53.25 -14.68 -13.21
CA SER E 154 52.06 -14.48 -12.39
C SER E 154 51.41 -15.85 -12.21
N THR E 155 51.84 -16.78 -13.08
CA THR E 155 51.53 -18.22 -13.00
C THR E 155 50.09 -18.60 -12.67
N SER E 156 49.13 -17.76 -13.07
CA SER E 156 47.73 -18.12 -12.91
C SER E 156 47.52 -19.57 -13.36
N GLY E 157 48.29 -20.02 -14.35
CA GLY E 157 48.19 -21.38 -14.83
C GLY E 157 49.42 -21.90 -15.58
N GLY E 158 50.59 -21.83 -14.98
CA GLY E 158 51.83 -22.15 -15.68
C GLY E 158 52.13 -21.05 -16.69
N THR E 159 51.50 -19.90 -16.44
CA THR E 159 51.39 -18.83 -17.41
C THR E 159 51.62 -17.49 -16.73
N ALA E 160 52.49 -16.66 -17.29
CA ALA E 160 52.74 -15.34 -16.72
C ALA E 160 51.96 -14.32 -17.50
N ALA E 161 51.45 -13.29 -16.83
CA ALA E 161 50.78 -12.19 -17.51
C ALA E 161 51.66 -10.96 -17.36
N LEU E 162 51.79 -10.17 -18.42
CA LEU E 162 52.65 -9.00 -18.43
C LEU E 162 52.17 -8.03 -19.49
N GLY E 163 52.41 -6.72 -19.33
CA GLY E 163 51.83 -5.76 -20.26
C GLY E 163 52.34 -4.34 -20.18
N CYS E 164 51.56 -3.40 -20.71
CA CYS E 164 51.92 -1.98 -20.77
C CYS E 164 50.72 -1.14 -20.38
N LEU E 165 50.97 -0.13 -19.57
CA LEU E 165 49.98 0.85 -19.17
C LEU E 165 50.21 2.11 -19.99
N VAL E 166 49.23 2.49 -20.80
CA VAL E 166 49.34 3.65 -21.69
C VAL E 166 48.55 4.81 -21.10
N LYS E 167 49.19 5.66 -20.31
CA LYS E 167 48.42 6.64 -19.54
C LYS E 167 48.51 8.07 -20.07
N ASP E 168 47.45 8.81 -19.79
CA ASP E 168 47.34 10.24 -20.10
C ASP E 168 47.52 10.57 -21.58
N TYR E 169 46.49 10.28 -22.37
CA TYR E 169 46.52 10.60 -23.79
C TYR E 169 45.15 11.07 -24.27
N PHE E 170 45.16 11.85 -25.35
CA PHE E 170 43.93 12.43 -25.88
C PHE E 170 44.17 12.90 -27.31
N PRO E 171 43.24 12.60 -28.23
CA PRO E 171 42.00 11.87 -27.98
C PRO E 171 42.15 10.41 -28.30
N GLU E 172 41.06 9.68 -28.20
CA GLU E 172 40.99 8.35 -28.78
C GLU E 172 41.40 8.52 -30.25
N PRO E 173 41.96 7.48 -30.86
CA PRO E 173 42.31 6.19 -30.27
C PRO E 173 43.82 5.98 -30.19
N VAL E 174 44.18 4.86 -29.59
CA VAL E 174 45.57 4.43 -29.48
C VAL E 174 45.64 2.99 -29.94
N THR E 175 46.75 2.62 -30.55
CA THR E 175 46.97 1.26 -31.06
C THR E 175 48.12 0.57 -30.31
N VAL E 176 47.98 -0.72 -30.03
CA VAL E 176 49.01 -1.45 -29.31
C VAL E 176 49.26 -2.81 -29.97
N SER E 177 50.53 -3.12 -30.24
CA SER E 177 50.86 -4.47 -30.68
C SER E 177 52.02 -5.00 -29.84
N TRP E 178 52.37 -6.26 -30.03
CA TRP E 178 53.45 -6.87 -29.26
C TRP E 178 54.53 -7.49 -30.14
N ASN E 179 55.78 -7.13 -29.87
CA ASN E 179 56.88 -7.66 -30.63
C ASN E 179 56.70 -7.35 -32.12
N SER E 180 56.10 -6.19 -32.38
CA SER E 180 55.91 -5.69 -33.74
C SER E 180 54.90 -6.53 -34.53
N GLY E 181 53.92 -7.07 -33.83
CA GLY E 181 52.90 -7.87 -34.48
C GLY E 181 53.21 -9.35 -34.38
N ALA E 182 54.44 -9.68 -34.00
CA ALA E 182 54.85 -11.07 -33.90
C ALA E 182 54.02 -11.87 -32.88
N LEU E 183 53.42 -11.18 -31.90
CA LEU E 183 52.58 -11.83 -30.90
C LEU E 183 51.12 -11.42 -31.04
N THR E 184 50.24 -12.42 -31.15
CA THR E 184 48.80 -12.17 -31.24
C THR E 184 48.01 -12.99 -30.22
N SER E 185 48.28 -14.29 -30.13
CA SER E 185 47.64 -15.12 -29.11
C SER E 185 47.97 -14.60 -27.71
N GLY E 186 46.97 -14.53 -26.84
CA GLY E 186 47.19 -14.15 -25.46
C GLY E 186 47.02 -12.67 -25.20
N VAL E 187 47.05 -11.86 -26.26
CA VAL E 187 46.87 -10.42 -26.14
C VAL E 187 45.44 -9.99 -25.84
N HIS E 188 45.24 -9.29 -24.73
CA HIS E 188 43.98 -8.66 -24.44
C HIS E 188 44.24 -7.17 -24.22
N THR E 189 43.81 -6.34 -25.16
CA THR E 189 43.98 -4.90 -25.06
C THR E 189 42.69 -4.23 -24.62
N PHE E 190 42.57 -4.01 -23.31
CA PHE E 190 41.35 -3.48 -22.73
C PHE E 190 41.04 -2.06 -23.23
N PRO E 191 39.75 -1.72 -23.36
CA PRO E 191 39.27 -0.38 -23.71
C PRO E 191 39.76 0.71 -22.75
N ALA E 192 39.84 1.95 -23.24
CA ALA E 192 40.33 3.07 -22.44
C ALA E 192 39.37 3.46 -21.34
N VAL E 193 39.68 4.58 -20.69
CA VAL E 193 38.83 5.14 -19.65
C VAL E 193 39.24 6.60 -19.44
N LEU E 194 38.29 7.51 -19.57
CA LEU E 194 38.59 8.93 -19.40
C LEU E 194 38.68 9.30 -17.94
N GLN E 195 39.89 9.29 -17.41
CA GLN E 195 40.09 9.64 -16.00
C GLN E 195 39.55 11.04 -15.72
N SER E 196 39.32 11.33 -14.45
CA SER E 196 38.76 12.61 -14.03
C SER E 196 39.58 13.78 -14.57
N SER E 197 40.88 13.58 -14.71
CA SER E 197 41.80 14.61 -15.21
C SER E 197 41.46 15.09 -16.62
N GLY E 198 40.58 14.36 -17.30
CA GLY E 198 40.17 14.71 -18.66
C GLY E 198 41.04 14.05 -19.72
N LEU E 199 41.71 12.97 -19.34
CA LEU E 199 42.60 12.26 -20.25
C LEU E 199 42.29 10.77 -20.22
N TYR E 200 42.65 10.10 -21.30
CA TYR E 200 42.42 8.67 -21.42
C TYR E 200 43.59 7.87 -20.88
N SER E 201 43.33 6.59 -20.60
CA SER E 201 44.36 5.63 -20.28
C SER E 201 43.82 4.27 -20.61
N LEU E 202 44.66 3.40 -21.19
CA LEU E 202 44.27 2.00 -21.37
C LEU E 202 45.38 1.06 -20.94
N SER E 203 45.17 -0.24 -21.13
CA SER E 203 46.14 -1.25 -20.75
C SER E 203 46.08 -2.38 -21.74
N SER E 204 47.26 -2.90 -22.08
CA SER E 204 47.32 -4.10 -22.89
C SER E 204 48.14 -5.13 -22.12
N VAL E 205 47.73 -6.38 -22.16
CA VAL E 205 48.48 -7.43 -21.49
C VAL E 205 48.49 -8.64 -22.39
N VAL E 206 49.63 -9.31 -22.43
CA VAL E 206 49.75 -10.56 -23.15
C VAL E 206 50.03 -11.64 -22.14
N THR E 207 49.54 -12.85 -22.40
CA THR E 207 49.78 -13.99 -21.54
C THR E 207 50.84 -14.86 -22.21
N VAL E 208 51.67 -15.56 -21.43
CA VAL E 208 52.85 -16.24 -21.98
C VAL E 208 53.34 -17.41 -21.12
N PRO E 209 53.89 -18.46 -21.76
CA PRO E 209 54.56 -19.51 -20.98
C PRO E 209 55.51 -18.91 -19.96
N SER E 210 55.48 -19.40 -18.73
CA SER E 210 56.38 -18.89 -17.69
C SER E 210 57.84 -19.18 -18.03
N SER E 211 58.07 -20.27 -18.73
CA SER E 211 59.42 -20.66 -19.17
C SER E 211 60.05 -19.62 -20.10
N SER E 212 59.22 -18.91 -20.87
CA SER E 212 59.71 -17.92 -21.82
C SER E 212 60.34 -16.73 -21.11
N LEU E 213 59.85 -16.42 -19.91
CA LEU E 213 60.42 -15.34 -19.12
C LEU E 213 61.94 -15.46 -18.95
N GLY E 214 62.67 -14.48 -19.46
CA GLY E 214 64.11 -14.53 -19.38
C GLY E 214 64.76 -14.75 -20.73
N THR E 215 64.19 -15.63 -21.53
CA THR E 215 64.75 -15.89 -22.84
C THR E 215 64.05 -15.09 -23.95
N GLN E 216 62.72 -15.03 -23.94
CA GLN E 216 61.98 -14.22 -24.91
C GLN E 216 62.00 -12.74 -24.51
N THR E 217 62.07 -11.85 -25.49
CA THR E 217 61.98 -10.40 -25.28
C THR E 217 60.54 -9.93 -25.52
N TYR E 218 59.98 -9.12 -24.62
CA TYR E 218 58.63 -8.57 -24.82
C TYR E 218 58.60 -7.05 -24.97
N ILE E 219 58.09 -6.58 -26.11
CA ILE E 219 58.08 -5.14 -26.37
C ILE E 219 56.70 -4.75 -26.83
N CYS E 220 56.18 -3.65 -26.31
CA CYS E 220 54.87 -3.21 -26.74
C CYS E 220 55.01 -1.96 -27.60
N ASN E 221 54.32 -1.98 -28.72
CA ASN E 221 54.37 -0.91 -29.68
C ASN E 221 53.12 -0.08 -29.57
N VAL E 222 53.29 1.11 -29.02
CA VAL E 222 52.19 1.96 -28.64
C VAL E 222 52.17 3.17 -29.56
N ASN E 223 51.14 3.24 -30.40
CA ASN E 223 51.02 4.26 -31.42
C ASN E 223 49.82 5.17 -31.16
N HIS E 224 50.05 6.48 -31.18
CA HIS E 224 48.99 7.45 -30.98
C HIS E 224 49.01 8.42 -32.17
N LYS E 225 48.29 8.06 -33.23
CA LYS E 225 48.33 8.83 -34.48
C LYS E 225 47.95 10.30 -34.29
N PRO E 226 46.93 10.58 -33.47
CA PRO E 226 46.51 11.96 -33.21
C PRO E 226 47.64 12.90 -32.81
N SER E 227 48.73 12.38 -32.27
CA SER E 227 49.87 13.22 -31.92
C SER E 227 51.16 12.65 -32.49
N ASN E 228 51.03 11.74 -33.44
CA ASN E 228 52.17 11.10 -34.09
C ASN E 228 53.24 10.61 -33.12
N THR E 229 52.80 9.88 -32.10
CA THR E 229 53.70 9.40 -31.06
C THR E 229 53.80 7.89 -31.09
N LYS E 230 55.01 7.39 -31.36
CA LYS E 230 55.26 5.95 -31.36
C LYS E 230 56.32 5.59 -30.32
N VAL E 231 55.89 4.94 -29.23
CA VAL E 231 56.77 4.53 -28.15
C VAL E 231 56.84 3.03 -28.04
N ASP E 232 58.05 2.50 -27.85
CA ASP E 232 58.24 1.05 -27.68
C ASP E 232 58.86 0.72 -26.33
N LYS E 233 58.06 0.16 -25.44
CA LYS E 233 58.53 -0.16 -24.09
C LYS E 233 58.79 -1.65 -23.99
N ARG E 234 59.95 -2.03 -23.49
CA ARG E 234 60.24 -3.43 -23.28
C ARG E 234 59.92 -3.75 -21.83
N VAL E 235 59.41 -4.96 -21.61
CA VAL E 235 58.81 -5.33 -20.33
C VAL E 235 59.56 -6.51 -19.77
N GLU E 236 60.42 -6.27 -18.78
CA GLU E 236 61.20 -7.35 -18.19
C GLU E 236 60.74 -7.61 -16.75
N PRO E 237 60.91 -8.86 -16.28
CA PRO E 237 60.54 -9.29 -14.93
C PRO E 237 61.27 -8.50 -13.84
N LYS E 238 60.68 -7.41 -13.36
CA LYS E 238 61.33 -6.54 -12.37
C LYS E 238 61.82 -7.34 -11.15
N ALA F 1 19.58 9.91 -7.00
CA ALA F 1 19.14 8.99 -8.06
C ALA F 1 18.41 7.78 -7.48
N LEU F 2 17.42 7.30 -8.22
CA LEU F 2 16.62 6.17 -7.78
C LEU F 2 17.56 4.98 -7.79
N THR F 3 17.29 3.99 -6.94
CA THR F 3 18.24 2.90 -6.76
C THR F 3 17.80 1.60 -7.44
N GLN F 4 18.51 1.24 -8.50
CA GLN F 4 18.28 -0.04 -9.16
C GLN F 4 19.53 -0.91 -8.99
N PRO F 5 19.36 -2.24 -9.05
CA PRO F 5 20.44 -3.23 -9.08
C PRO F 5 21.27 -3.11 -10.36
N ALA F 6 22.60 -3.10 -10.24
CA ALA F 6 23.45 -2.86 -11.39
C ALA F 6 23.18 -3.85 -12.51
N SER F 7 22.75 -5.04 -12.13
CA SER F 7 22.69 -6.15 -13.07
C SER F 7 21.59 -7.12 -12.71
N VAL F 8 20.78 -7.53 -13.68
CA VAL F 8 19.96 -8.73 -13.48
C VAL F 8 19.97 -9.63 -14.70
N SER F 9 20.00 -10.94 -14.45
CA SER F 9 20.13 -11.93 -15.50
C SER F 9 19.09 -13.02 -15.37
N GLY F 10 18.47 -13.33 -16.50
CA GLY F 10 17.44 -14.34 -16.58
C GLY F 10 17.62 -15.20 -17.80
N SER F 11 17.13 -16.43 -17.71
CA SER F 11 17.24 -17.35 -18.81
C SER F 11 16.16 -17.05 -19.85
N PRO F 12 16.36 -17.51 -21.09
CA PRO F 12 15.35 -17.25 -22.12
C PRO F 12 14.03 -17.85 -21.70
N GLY F 13 12.93 -17.12 -21.87
CA GLY F 13 11.62 -17.65 -21.56
C GLY F 13 11.27 -17.50 -20.09
N GLN F 14 12.23 -17.12 -19.26
CA GLN F 14 11.96 -16.98 -17.83
C GLN F 14 11.49 -15.58 -17.50
N THR F 15 11.08 -15.40 -16.24
CA THR F 15 10.64 -14.09 -15.77
C THR F 15 11.68 -13.48 -14.85
N ILE F 16 11.60 -12.17 -14.69
CA ILE F 16 12.73 -11.35 -14.26
C ILE F 16 12.14 -10.04 -13.73
N THR F 17 12.54 -9.56 -12.57
CA THR F 17 11.97 -8.32 -12.03
C THR F 17 13.09 -7.37 -11.64
N ILE F 18 12.85 -6.08 -11.83
CA ILE F 18 13.87 -5.06 -11.63
C ILE F 18 13.30 -4.01 -10.68
N SER F 19 13.93 -3.85 -9.51
CA SER F 19 13.40 -2.90 -8.54
C SER F 19 13.88 -1.50 -8.86
N CYS F 20 13.19 -0.50 -8.33
CA CYS F 20 13.51 0.89 -8.58
C CYS F 20 13.14 1.66 -7.32
N ASN F 21 14.15 1.84 -6.48
CA ASN F 21 14.01 2.24 -5.09
C ASN F 21 14.11 3.76 -4.91
N GLY F 22 12.98 4.41 -4.68
CA GLY F 22 12.97 5.85 -4.48
C GLY F 22 12.52 6.30 -3.09
N THR F 23 12.00 7.52 -3.04
CA THR F 23 11.49 8.12 -1.82
C THR F 23 10.07 8.67 -2.04
N SER F 24 9.45 9.19 -0.99
CA SER F 24 8.10 9.72 -1.08
C SER F 24 8.06 11.08 -1.77
N SER F 25 9.22 11.59 -2.16
CA SER F 25 9.27 12.81 -2.96
C SER F 25 9.12 12.52 -4.47
N ASP F 26 9.12 11.24 -4.82
CA ASP F 26 9.04 10.81 -6.22
C ASP F 26 8.20 9.55 -6.39
N VAL F 27 8.83 8.38 -6.43
CA VAL F 27 8.11 7.14 -6.68
C VAL F 27 6.90 6.99 -5.74
N GLY F 28 7.15 7.15 -4.45
CA GLY F 28 6.11 7.01 -3.44
C GLY F 28 5.24 8.24 -3.35
N GLY F 29 5.48 9.22 -4.21
CA GLY F 29 4.73 10.44 -4.15
C GLY F 29 3.84 10.68 -5.35
N PHE F 30 3.94 9.83 -6.36
CA PHE F 30 3.09 9.95 -7.56
C PHE F 30 2.86 8.61 -8.25
N ASP F 31 1.93 8.58 -9.17
CA ASP F 31 1.77 7.41 -10.03
C ASP F 31 2.31 7.74 -11.41
N SER F 32 3.51 8.32 -11.42
CA SER F 32 4.12 8.79 -12.66
C SER F 32 5.48 8.16 -12.86
N VAL F 33 5.54 6.83 -12.75
CA VAL F 33 6.79 6.11 -12.95
C VAL F 33 6.84 5.58 -14.38
N SER F 34 7.90 5.89 -15.11
CA SER F 34 8.07 5.33 -16.44
C SER F 34 9.34 4.53 -16.54
N TRP F 35 9.39 3.58 -17.45
CA TRP F 35 10.56 2.73 -17.64
C TRP F 35 11.07 2.81 -19.08
N TYR F 36 12.39 2.82 -19.24
CA TYR F 36 12.99 2.99 -20.56
C TYR F 36 13.96 1.85 -20.88
N GLN F 37 14.01 1.46 -22.14
CA GLN F 37 14.93 0.43 -22.56
C GLN F 37 15.90 1.04 -23.53
N GLN F 38 17.18 0.77 -23.33
CA GLN F 38 18.22 1.33 -24.17
C GLN F 38 19.11 0.21 -24.68
N SER F 39 18.99 -0.08 -25.97
CA SER F 39 19.78 -1.16 -26.56
C SER F 39 21.14 -0.60 -26.94
N PRO F 40 22.15 -1.47 -27.03
CA PRO F 40 23.52 -0.96 -27.24
C PRO F 40 23.58 -0.02 -28.43
N GLY F 41 24.16 1.17 -28.22
CA GLY F 41 24.32 2.16 -29.28
C GLY F 41 23.02 2.81 -29.74
N LYS F 42 21.91 2.44 -29.11
CA LYS F 42 20.59 2.95 -29.47
C LYS F 42 20.14 4.02 -28.45
N ALA F 43 19.09 4.76 -28.80
CA ALA F 43 18.50 5.72 -27.87
C ALA F 43 17.46 5.02 -27.00
N PRO F 44 17.08 5.65 -25.89
CA PRO F 44 16.09 5.06 -24.99
C PRO F 44 14.73 4.98 -25.62
N LYS F 45 14.00 3.92 -25.30
CA LYS F 45 12.67 3.65 -25.85
C LYS F 45 11.72 3.38 -24.68
N VAL F 46 10.63 4.12 -24.53
CA VAL F 46 9.70 3.87 -23.41
C VAL F 46 9.05 2.50 -23.46
N MET F 47 8.91 1.85 -22.32
CA MET F 47 8.23 0.56 -22.28
C MET F 47 7.00 0.64 -21.38
N VAL F 48 7.07 1.44 -20.34
CA VAL F 48 5.98 1.56 -19.38
C VAL F 48 5.86 2.99 -18.88
N PHE F 49 4.66 3.41 -18.52
CA PHE F 49 4.46 4.75 -17.95
C PHE F 49 3.29 4.76 -16.98
N ASP F 50 3.20 5.82 -16.18
CA ASP F 50 2.19 5.89 -15.14
C ASP F 50 2.13 4.57 -14.38
N VAL F 51 3.31 4.02 -14.09
CA VAL F 51 3.47 2.84 -13.25
C VAL F 51 3.27 1.51 -13.97
N SER F 52 2.10 1.34 -14.60
CA SER F 52 1.73 0.02 -15.13
C SER F 52 1.09 0.02 -16.52
N HIS F 53 1.19 1.12 -17.25
CA HIS F 53 0.54 1.25 -18.55
C HIS F 53 1.53 1.13 -19.71
N ARG F 54 1.13 0.44 -20.77
CA ARG F 54 2.00 0.26 -21.92
C ARG F 54 1.63 1.18 -23.08
N PRO F 55 2.64 1.77 -23.72
CA PRO F 55 2.46 2.56 -24.94
C PRO F 55 1.99 1.67 -26.06
N SER F 56 1.31 2.26 -27.03
CA SER F 56 0.81 1.49 -28.16
C SER F 56 1.98 0.73 -28.79
N GLY F 57 1.87 -0.59 -28.89
CA GLY F 57 2.85 -1.36 -29.62
C GLY F 57 3.92 -2.05 -28.80
N ILE F 58 3.97 -1.79 -27.49
CA ILE F 58 4.93 -2.50 -26.63
C ILE F 58 4.32 -3.81 -26.13
N SER F 59 5.11 -4.87 -26.17
CA SER F 59 4.65 -6.21 -25.82
C SER F 59 4.03 -6.25 -24.44
N ASN F 60 3.16 -7.22 -24.21
CA ASN F 60 2.50 -7.39 -22.91
C ASN F 60 3.37 -8.12 -21.89
N ARG F 61 4.55 -8.56 -22.32
CA ARG F 61 5.49 -9.22 -21.41
C ARG F 61 6.09 -8.22 -20.42
N PHE F 62 6.12 -6.95 -20.79
CA PHE F 62 6.60 -5.90 -19.90
C PHE F 62 5.46 -5.36 -19.04
N SER F 63 5.58 -5.47 -17.73
CA SER F 63 4.56 -4.92 -16.85
C SER F 63 5.18 -4.28 -15.63
N GLY F 64 4.67 -3.11 -15.24
CA GLY F 64 5.17 -2.41 -14.07
C GLY F 64 4.21 -2.43 -12.89
N SER F 65 4.76 -2.43 -11.68
CA SER F 65 3.96 -2.25 -10.49
C SER F 65 4.68 -1.30 -9.55
N LYS F 66 4.04 -1.00 -8.42
CA LYS F 66 4.58 -0.09 -7.42
C LYS F 66 4.11 -0.55 -6.07
N SER F 67 4.78 -0.09 -5.03
CA SER F 67 4.43 -0.46 -3.67
C SER F 67 5.25 0.43 -2.76
N GLY F 68 4.58 1.33 -2.06
CA GLY F 68 5.27 2.31 -1.25
C GLY F 68 6.20 3.13 -2.10
N ASN F 69 7.49 3.06 -1.80
CA ASN F 69 8.49 3.88 -2.49
C ASN F 69 9.25 3.12 -3.55
N THR F 70 8.87 1.88 -3.79
CA THR F 70 9.62 1.03 -4.69
C THR F 70 8.79 0.56 -5.89
N ALA F 71 9.28 0.87 -7.09
CA ALA F 71 8.63 0.46 -8.33
C ALA F 71 9.30 -0.80 -8.86
N SER F 72 8.56 -1.64 -9.57
CA SER F 72 9.15 -2.81 -10.20
C SER F 72 8.76 -2.95 -11.65
N LEU F 73 9.71 -3.39 -12.47
CA LEU F 73 9.42 -3.76 -13.84
C LEU F 73 9.63 -5.25 -13.96
N THR F 74 8.61 -5.93 -14.46
CA THR F 74 8.59 -7.38 -14.54
C THR F 74 8.55 -7.79 -16.00
N ILE F 75 9.53 -8.58 -16.43
CA ILE F 75 9.62 -9.01 -17.81
C ILE F 75 9.39 -10.51 -17.87
N SER F 76 8.26 -10.90 -18.46
CA SER F 76 7.92 -12.30 -18.60
C SER F 76 8.42 -12.87 -19.92
N GLY F 77 8.64 -14.18 -19.94
CA GLY F 77 9.13 -14.85 -21.13
C GLY F 77 10.23 -14.06 -21.80
N LEU F 78 11.42 -14.07 -21.20
CA LEU F 78 12.57 -13.32 -21.69
C LEU F 78 12.96 -13.67 -23.12
N HIS F 79 13.02 -12.65 -23.98
CA HIS F 79 13.51 -12.82 -25.34
C HIS F 79 14.89 -12.21 -25.43
N ILE F 80 15.72 -12.74 -26.33
CA ILE F 80 17.06 -12.20 -26.51
C ILE F 80 17.00 -10.70 -26.75
N GLU F 81 16.02 -10.23 -27.51
CA GLU F 81 15.99 -8.81 -27.86
C GLU F 81 15.64 -7.88 -26.68
N ASP F 82 15.42 -8.46 -25.49
CA ASP F 82 15.22 -7.65 -24.29
C ASP F 82 16.53 -7.25 -23.63
N GLU F 83 17.63 -7.88 -24.01
CA GLU F 83 18.96 -7.52 -23.52
C GLU F 83 19.18 -6.00 -23.62
N GLY F 84 19.74 -5.38 -22.60
CA GLY F 84 20.01 -3.94 -22.67
C GLY F 84 19.98 -3.26 -21.33
N ASP F 85 20.04 -1.95 -21.31
CA ASP F 85 19.96 -1.19 -20.06
C ASP F 85 18.57 -0.62 -19.84
N TYR F 86 18.02 -0.86 -18.66
CA TYR F 86 16.72 -0.31 -18.29
C TYR F 86 16.87 0.73 -17.20
N PHE F 87 16.17 1.84 -17.38
CA PHE F 87 16.16 2.90 -16.41
C PHE F 87 14.73 3.21 -16.07
N CYS F 88 14.45 3.28 -14.76
CA CYS F 88 13.16 3.81 -14.32
C CYS F 88 13.28 5.34 -14.21
N SER F 89 12.15 6.02 -14.08
CA SER F 89 12.19 7.47 -13.93
C SER F 89 10.92 7.89 -13.23
N SER F 90 10.95 9.04 -12.57
CA SER F 90 9.78 9.48 -11.85
C SER F 90 9.67 10.98 -11.86
N LEU F 91 8.43 11.46 -11.75
CA LEU F 91 8.16 12.86 -11.48
C LEU F 91 8.60 13.04 -10.04
N THR F 92 9.05 14.24 -9.67
CA THR F 92 9.41 14.55 -8.27
C THR F 92 8.56 15.70 -7.73
N ASP F 93 8.59 15.90 -6.41
CA ASP F 93 7.71 16.90 -5.80
C ASP F 93 8.25 18.33 -5.92
N ARG F 94 9.35 18.48 -6.67
CA ARG F 94 9.82 19.79 -7.08
C ARG F 94 9.44 20.05 -8.53
N SER F 95 8.72 19.09 -9.13
CA SER F 95 8.28 19.18 -10.52
C SER F 95 9.43 18.99 -11.49
N HIS F 96 10.36 18.12 -11.10
CA HIS F 96 11.48 17.75 -11.97
C HIS F 96 11.25 16.32 -12.43
N ARG F 97 12.24 15.72 -13.07
CA ARG F 97 12.24 14.29 -13.33
C ARG F 97 13.52 13.75 -12.73
N ILE F 98 13.50 12.50 -12.30
CA ILE F 98 14.74 11.85 -11.88
C ILE F 98 14.82 10.42 -12.40
N PHE F 99 16.02 9.99 -12.77
CA PHE F 99 16.24 8.64 -13.30
C PHE F 99 16.88 7.71 -12.28
N GLY F 100 16.80 6.41 -12.51
CA GLY F 100 17.51 5.47 -11.67
C GLY F 100 18.90 5.26 -12.26
N GLY F 101 19.79 4.67 -11.47
CA GLY F 101 21.15 4.46 -11.93
C GLY F 101 21.19 3.56 -13.13
N GLY F 102 20.14 2.76 -13.32
CA GLY F 102 20.07 1.82 -14.42
C GLY F 102 20.45 0.38 -14.07
N THR F 103 19.92 -0.55 -14.86
CA THR F 103 20.14 -1.98 -14.68
C THR F 103 20.49 -2.62 -16.02
N LYS F 104 21.57 -3.41 -16.04
CA LYS F 104 21.94 -4.15 -17.22
C LYS F 104 21.24 -5.50 -17.20
N VAL F 105 20.35 -5.74 -18.15
CA VAL F 105 19.68 -7.03 -18.25
C VAL F 105 20.45 -7.94 -19.19
N THR F 106 20.68 -9.18 -18.77
CA THR F 106 21.31 -10.18 -19.61
C THR F 106 20.35 -11.35 -19.84
N VAL F 107 20.28 -11.85 -21.07
CA VAL F 107 19.57 -13.09 -21.34
C VAL F 107 20.62 -14.19 -21.50
N LEU F 108 20.84 -14.91 -20.43
CA LEU F 108 21.90 -15.91 -20.36
C LEU F 108 21.83 -16.91 -21.50
N GLY F 109 22.92 -17.04 -22.24
CA GLY F 109 23.01 -18.00 -23.33
C GLY F 109 24.17 -18.97 -23.21
N GLN F 110 25.02 -18.79 -22.21
CA GLN F 110 26.14 -19.71 -22.03
C GLN F 110 26.41 -19.93 -20.55
N PRO F 111 27.12 -21.01 -20.23
CA PRO F 111 27.52 -21.29 -18.84
C PRO F 111 28.14 -20.06 -18.16
N LYS F 112 27.92 -19.95 -16.85
CA LYS F 112 28.61 -18.96 -16.05
C LYS F 112 30.09 -19.23 -16.13
N ALA F 113 30.88 -18.17 -16.19
CA ALA F 113 32.34 -18.28 -16.15
C ALA F 113 32.88 -17.17 -15.27
N ALA F 114 33.63 -17.53 -14.24
CA ALA F 114 34.10 -16.55 -13.27
C ALA F 114 35.20 -15.69 -13.84
N PRO F 115 35.29 -14.44 -13.37
CA PRO F 115 36.34 -13.57 -13.90
C PRO F 115 37.70 -14.17 -13.60
N SER F 116 38.65 -13.95 -14.50
CA SER F 116 40.04 -14.16 -14.15
C SER F 116 40.63 -12.78 -13.85
N VAL F 117 41.19 -12.57 -12.66
CA VAL F 117 41.68 -11.22 -12.34
C VAL F 117 43.20 -11.14 -12.13
N THR F 118 43.80 -10.05 -12.61
CA THR F 118 45.22 -9.83 -12.44
C THR F 118 45.46 -8.41 -11.93
N LEU F 119 46.23 -8.28 -10.85
CA LEU F 119 46.50 -6.98 -10.26
C LEU F 119 47.97 -6.63 -10.35
N PHE F 120 48.30 -5.57 -11.08
CA PHE F 120 49.70 -5.09 -11.17
C PHE F 120 49.92 -3.93 -10.23
N PRO F 121 51.10 -3.88 -9.61
CA PRO F 121 51.44 -2.70 -8.80
C PRO F 121 51.86 -1.53 -9.71
N PRO F 122 52.35 -0.44 -9.10
CA PRO F 122 52.99 0.60 -9.92
C PRO F 122 54.32 0.14 -10.51
N SER F 123 54.57 0.50 -11.77
CA SER F 123 55.86 0.22 -12.38
C SER F 123 56.91 1.09 -11.69
N SER F 124 58.10 0.53 -11.49
CA SER F 124 59.19 1.27 -10.83
C SER F 124 59.29 2.67 -11.42
N GLU F 125 58.96 2.77 -12.70
CA GLU F 125 59.24 3.96 -13.49
C GLU F 125 58.16 5.01 -13.32
N GLU F 126 56.95 4.56 -13.00
CA GLU F 126 55.86 5.47 -12.66
C GLU F 126 56.11 6.09 -11.28
N LEU F 127 56.58 5.28 -10.34
CA LEU F 127 56.91 5.78 -9.03
C LEU F 127 58.02 6.83 -9.16
N GLN F 128 59.01 6.56 -10.01
CA GLN F 128 60.06 7.53 -10.30
C GLN F 128 59.46 8.83 -10.83
N ALA F 129 58.32 8.72 -11.52
CA ALA F 129 57.63 9.88 -12.07
C ALA F 129 56.62 10.42 -11.05
N ASN F 130 56.85 10.06 -9.79
CA ASN F 130 56.04 10.53 -8.65
C ASN F 130 54.54 10.28 -8.80
N LYS F 131 54.20 9.25 -9.56
CA LYS F 131 52.83 8.81 -9.64
C LYS F 131 52.74 7.31 -9.31
N ALA F 132 51.51 6.84 -9.10
CA ALA F 132 51.24 5.43 -8.85
C ALA F 132 49.86 5.06 -9.39
N THR F 133 49.79 3.91 -10.08
CA THR F 133 48.51 3.36 -10.52
C THR F 133 48.46 1.86 -10.23
N LEU F 134 47.42 1.40 -9.54
CA LEU F 134 47.14 -0.03 -9.47
C LEU F 134 46.20 -0.41 -10.63
N VAL F 135 46.56 -1.44 -11.37
CA VAL F 135 45.84 -1.85 -12.55
C VAL F 135 45.23 -3.22 -12.32
N CYS F 136 43.91 -3.27 -12.32
CA CYS F 136 43.20 -4.50 -12.03
C CYS F 136 42.42 -4.93 -13.27
N LEU F 137 42.84 -6.03 -13.90
CA LEU F 137 42.31 -6.48 -15.19
C LEU F 137 41.45 -7.73 -15.04
N ILE F 138 40.37 -7.81 -15.79
CA ILE F 138 39.31 -8.77 -15.50
C ILE F 138 38.78 -9.31 -16.81
N SER F 139 38.84 -10.62 -17.01
CA SER F 139 38.55 -11.17 -18.32
C SER F 139 37.83 -12.50 -18.18
N ASP F 140 37.38 -13.00 -19.32
CA ASP F 140 36.83 -14.34 -19.39
C ASP F 140 35.67 -14.59 -18.44
N PHE F 141 34.87 -13.57 -18.15
CA PHE F 141 33.65 -13.79 -17.38
C PHE F 141 32.32 -13.70 -18.15
N TYR F 142 31.33 -14.46 -17.68
CA TYR F 142 29.97 -14.35 -18.20
C TYR F 142 28.94 -14.84 -17.17
N PRO F 143 27.83 -14.10 -17.00
CA PRO F 143 27.38 -12.90 -17.73
C PRO F 143 28.27 -11.69 -17.48
N GLY F 144 28.16 -10.72 -18.39
CA GLY F 144 29.04 -9.57 -18.38
C GLY F 144 28.64 -8.48 -17.43
N ALA F 145 28.63 -8.78 -16.13
CA ALA F 145 28.45 -7.76 -15.09
C ALA F 145 29.35 -8.06 -13.92
N VAL F 146 30.06 -7.04 -13.42
CA VAL F 146 30.84 -7.14 -12.17
C VAL F 146 30.82 -5.88 -11.36
N THR F 147 31.05 -6.05 -10.06
CA THR F 147 31.28 -4.96 -9.14
C THR F 147 32.71 -5.04 -8.65
N VAL F 148 33.40 -3.89 -8.64
CA VAL F 148 34.81 -3.86 -8.24
C VAL F 148 35.00 -3.09 -6.94
N ALA F 149 35.68 -3.70 -5.97
CA ALA F 149 35.89 -3.09 -4.66
C ALA F 149 37.37 -3.02 -4.32
N TRP F 150 37.86 -1.82 -3.99
CA TRP F 150 39.27 -1.65 -3.65
C TRP F 150 39.50 -1.53 -2.14
N LYS F 151 40.59 -2.08 -1.66
CA LYS F 151 40.89 -2.03 -0.24
C LYS F 151 42.37 -1.70 -0.01
N ALA F 152 42.62 -0.77 0.90
CA ALA F 152 43.97 -0.48 1.38
C ALA F 152 44.11 -1.18 2.71
N ASP F 153 45.04 -2.12 2.76
CA ASP F 153 45.10 -3.05 3.87
C ASP F 153 43.73 -3.71 3.90
N SER F 154 42.95 -3.49 4.94
CA SER F 154 41.62 -4.12 5.02
C SER F 154 40.48 -3.12 4.86
N SER F 155 40.80 -1.84 4.79
CA SER F 155 39.76 -0.81 4.77
C SER F 155 39.41 -0.35 3.36
N PRO F 156 38.11 -0.22 3.07
CA PRO F 156 37.60 0.23 1.77
C PRO F 156 38.17 1.55 1.30
N VAL F 157 38.72 1.56 0.09
CA VAL F 157 39.15 2.77 -0.59
C VAL F 157 38.15 3.05 -1.68
N LYS F 158 37.60 4.26 -1.73
CA LYS F 158 36.62 4.58 -2.76
C LYS F 158 37.08 5.75 -3.63
N ALA F 159 38.09 6.46 -3.14
CA ALA F 159 38.59 7.65 -3.83
C ALA F 159 39.58 7.27 -4.93
N GLY F 160 39.41 7.86 -6.11
CA GLY F 160 40.37 7.71 -7.18
C GLY F 160 40.23 6.42 -7.99
N VAL F 161 39.05 5.83 -7.96
CA VAL F 161 38.78 4.58 -8.68
C VAL F 161 38.15 4.87 -10.07
N GLU F 162 38.69 4.26 -11.11
CA GLU F 162 38.06 4.30 -12.44
C GLU F 162 37.83 2.87 -12.92
N THR F 163 36.58 2.53 -13.21
CA THR F 163 36.27 1.20 -13.72
C THR F 163 35.57 1.33 -15.07
N THR F 164 36.04 0.57 -16.05
CA THR F 164 35.46 0.55 -17.39
C THR F 164 34.25 -0.36 -17.47
N THR F 165 33.46 -0.19 -18.52
CA THR F 165 32.28 -1.04 -18.74
C THR F 165 32.68 -2.33 -19.45
N PRO F 166 32.12 -3.47 -18.99
CA PRO F 166 32.38 -4.79 -19.59
C PRO F 166 32.09 -4.83 -21.10
N SER F 167 33.09 -5.21 -21.88
CA SER F 167 32.92 -5.39 -23.32
C SER F 167 33.29 -6.82 -23.69
N LYS F 168 32.85 -7.28 -24.86
CA LYS F 168 32.98 -8.68 -25.27
C LYS F 168 34.27 -9.02 -25.96
N GLN F 169 34.80 -10.19 -25.65
CA GLN F 169 36.08 -10.62 -26.18
C GLN F 169 35.82 -11.41 -27.45
N SER F 170 36.87 -11.80 -28.18
CA SER F 170 36.67 -12.55 -29.41
C SER F 170 35.91 -13.83 -29.08
N ASN F 171 36.35 -14.55 -28.04
CA ASN F 171 35.51 -15.58 -27.43
C ASN F 171 34.41 -14.79 -26.80
N ASN F 172 33.25 -15.37 -26.63
CA ASN F 172 32.11 -14.53 -26.32
C ASN F 172 31.89 -14.28 -24.83
N LYS F 173 32.99 -14.15 -24.10
CA LYS F 173 32.91 -13.74 -22.70
C LYS F 173 33.33 -12.29 -22.58
N TYR F 174 33.40 -11.77 -21.37
CA TYR F 174 33.56 -10.34 -21.16
C TYR F 174 34.88 -9.96 -20.49
N ALA F 175 35.22 -8.68 -20.61
CA ALA F 175 36.43 -8.14 -20.02
C ALA F 175 36.12 -6.77 -19.44
N ALA F 176 36.82 -6.41 -18.38
CA ALA F 176 36.70 -5.10 -17.80
C ALA F 176 38.02 -4.81 -17.10
N SER F 177 38.22 -3.54 -16.74
CA SER F 177 39.44 -3.18 -16.06
C SER F 177 39.10 -2.10 -15.07
N SER F 178 39.95 -1.91 -14.07
CA SER F 178 39.70 -0.93 -13.03
C SER F 178 41.05 -0.39 -12.57
N TYR F 179 41.14 0.91 -12.32
CA TYR F 179 42.39 1.52 -11.93
C TYR F 179 42.23 2.27 -10.62
N LEU F 180 43.18 2.10 -9.72
CA LEU F 180 43.24 2.92 -8.52
C LEU F 180 44.45 3.85 -8.61
N SER F 181 44.22 5.15 -8.48
CA SER F 181 45.33 6.10 -8.50
C SER F 181 45.78 6.41 -7.09
N LEU F 182 47.09 6.36 -6.88
CA LEU F 182 47.68 6.62 -5.58
C LEU F 182 48.85 7.57 -5.71
N THR F 183 49.17 8.25 -4.61
CA THR F 183 50.43 8.96 -4.53
C THR F 183 51.48 7.94 -4.14
N PRO F 184 52.71 8.14 -4.63
CA PRO F 184 53.76 7.21 -4.22
C PRO F 184 53.78 6.97 -2.69
N GLU F 185 53.31 7.96 -1.93
CA GLU F 185 53.38 7.88 -0.47
C GLU F 185 52.33 6.95 0.11
N GLN F 186 51.09 7.14 -0.33
CA GLN F 186 49.99 6.28 0.08
C GLN F 186 50.34 4.83 -0.24
N TRP F 187 50.89 4.63 -1.43
CA TRP F 187 51.25 3.28 -1.87
C TRP F 187 52.29 2.71 -0.93
N LYS F 188 53.34 3.48 -0.66
CA LYS F 188 54.47 2.97 0.12
C LYS F 188 54.10 2.78 1.60
N SER F 189 53.10 3.51 2.08
CA SER F 189 52.82 3.59 3.51
C SER F 189 51.78 2.58 4.00
N HIS F 190 51.21 1.81 3.09
CA HIS F 190 50.28 0.75 3.47
C HIS F 190 50.97 -0.61 3.35
N LYS F 191 50.42 -1.60 4.05
CA LYS F 191 50.89 -2.97 3.96
C LYS F 191 50.64 -3.56 2.56
N SER F 192 49.39 -3.49 2.09
CA SER F 192 49.04 -4.02 0.79
C SER F 192 47.81 -3.33 0.21
N TYR F 193 47.45 -3.72 -1.00
CA TYR F 193 46.25 -3.19 -1.67
C TYR F 193 45.55 -4.30 -2.42
N SER F 194 44.23 -4.38 -2.29
CA SER F 194 43.49 -5.48 -2.87
C SER F 194 42.48 -5.03 -3.91
N CYS F 195 42.38 -5.80 -4.98
CA CYS F 195 41.29 -5.66 -5.93
C CYS F 195 40.28 -6.79 -5.68
N GLN F 196 39.02 -6.44 -5.48
CA GLN F 196 37.97 -7.43 -5.21
C GLN F 196 36.84 -7.36 -6.23
N VAL F 197 36.68 -8.43 -6.99
CA VAL F 197 35.72 -8.46 -8.07
C VAL F 197 34.60 -9.44 -7.72
N THR F 198 33.40 -8.92 -7.49
CA THR F 198 32.22 -9.76 -7.24
C THR F 198 31.51 -9.99 -8.55
N HIS F 199 31.00 -11.20 -8.74
CA HIS F 199 30.39 -11.60 -9.99
C HIS F 199 29.44 -12.77 -9.75
N GLU F 200 28.16 -12.59 -10.09
CA GLU F 200 27.15 -13.62 -9.84
C GLU F 200 27.32 -14.21 -8.43
N GLY F 201 27.58 -13.34 -7.47
CA GLY F 201 27.57 -13.75 -6.07
C GLY F 201 28.82 -14.42 -5.55
N SER F 202 29.92 -14.32 -6.29
CA SER F 202 31.20 -14.90 -5.87
C SER F 202 32.28 -13.87 -6.07
N THR F 203 33.12 -13.70 -5.05
CA THR F 203 34.18 -12.71 -5.10
C THR F 203 35.54 -13.33 -5.26
N VAL F 204 36.29 -12.78 -6.21
CA VAL F 204 37.67 -13.16 -6.45
C VAL F 204 38.54 -11.98 -6.03
N GLU F 205 39.56 -12.23 -5.23
CA GLU F 205 40.41 -11.15 -4.74
C GLU F 205 41.88 -11.36 -5.12
N LYS F 206 42.57 -10.27 -5.45
CA LYS F 206 44.00 -10.29 -5.72
C LYS F 206 44.61 -9.10 -5.00
N THR F 207 45.83 -9.26 -4.51
CA THR F 207 46.46 -8.25 -3.66
C THR F 207 47.90 -8.02 -4.07
N VAL F 208 48.38 -6.78 -3.96
CA VAL F 208 49.77 -6.45 -4.24
C VAL F 208 50.34 -5.68 -3.06
N ALA F 209 51.67 -5.65 -2.95
CA ALA F 209 52.33 -5.03 -1.80
C ALA F 209 53.63 -4.32 -2.19
N PRO F 210 53.86 -3.14 -1.60
CA PRO F 210 55.08 -2.34 -1.83
C PRO F 210 56.36 -3.16 -1.81
N THR F 211 57.30 -2.82 -2.68
CA THR F 211 58.58 -3.53 -2.80
C THR F 211 59.60 -3.13 -1.72
N GLN G 1 -20.27 -9.26 -35.64
CA GLN G 1 -19.23 -9.27 -34.56
C GLN G 1 -19.50 -10.40 -33.58
N GLU G 2 -19.01 -10.23 -32.36
CA GLU G 2 -19.16 -11.22 -31.29
C GLU G 2 -20.51 -11.08 -30.57
N GLN G 3 -21.17 -12.22 -30.34
CA GLN G 3 -22.55 -12.19 -29.87
C GLN G 3 -22.92 -13.37 -28.97
N LEU G 4 -23.94 -13.16 -28.15
CA LEU G 4 -24.49 -14.22 -27.32
C LEU G 4 -25.99 -13.95 -27.17
N VAL G 5 -26.80 -15.01 -27.23
CA VAL G 5 -28.24 -14.86 -27.10
C VAL G 5 -28.76 -16.05 -26.29
N GLU G 6 -29.53 -15.75 -25.24
CA GLU G 6 -29.98 -16.77 -24.30
C GLU G 6 -31.44 -17.13 -24.60
N SER G 7 -31.79 -18.39 -24.35
CA SER G 7 -33.16 -18.85 -24.46
C SER G 7 -33.50 -19.67 -23.23
N GLY G 8 -34.72 -20.17 -23.17
CA GLY G 8 -35.13 -21.07 -22.10
C GLY G 8 -35.96 -20.39 -21.04
N GLY G 9 -35.95 -19.06 -21.04
CA GLY G 9 -36.70 -18.29 -20.05
C GLY G 9 -38.21 -18.47 -20.14
N GLY G 10 -38.91 -17.88 -19.16
CA GLY G 10 -40.35 -17.97 -19.08
C GLY G 10 -40.83 -18.25 -17.66
N VAL G 11 -42.14 -18.32 -17.47
CA VAL G 11 -42.68 -18.65 -16.15
C VAL G 11 -42.49 -20.14 -15.85
N VAL G 12 -42.10 -20.45 -14.63
CA VAL G 12 -41.89 -21.83 -14.20
C VAL G 12 -42.17 -21.97 -12.71
N GLN G 13 -42.56 -23.16 -12.28
CA GLN G 13 -43.03 -23.34 -10.91
C GLN G 13 -41.92 -23.63 -9.93
N PRO G 14 -42.13 -23.25 -8.66
CA PRO G 14 -41.17 -23.52 -7.59
C PRO G 14 -40.94 -25.02 -7.43
N GLY G 15 -39.70 -25.43 -7.17
CA GLY G 15 -39.35 -26.84 -7.11
C GLY G 15 -39.00 -27.37 -8.49
N GLY G 16 -39.58 -26.75 -9.52
CA GLY G 16 -39.34 -27.13 -10.89
C GLY G 16 -37.92 -26.92 -11.39
N SER G 17 -37.52 -27.80 -12.31
CA SER G 17 -36.20 -27.80 -12.89
C SER G 17 -36.21 -27.01 -14.19
N LEU G 18 -35.16 -26.24 -14.45
CA LEU G 18 -35.13 -25.34 -15.61
C LEU G 18 -33.76 -25.32 -16.29
N ARG G 19 -33.76 -25.37 -17.63
CA ARG G 19 -32.50 -25.37 -18.37
C ARG G 19 -32.41 -24.20 -19.35
N LEU G 20 -31.45 -23.32 -19.12
CA LEU G 20 -31.22 -22.15 -19.97
C LEU G 20 -30.13 -22.46 -20.99
N SER G 21 -30.17 -21.79 -22.14
CA SER G 21 -29.20 -22.03 -23.19
C SER G 21 -28.62 -20.70 -23.65
N CYS G 22 -27.39 -20.75 -24.15
CA CYS G 22 -26.73 -19.55 -24.63
C CYS G 22 -26.04 -19.90 -25.93
N LEU G 23 -26.53 -19.32 -27.03
CA LEU G 23 -25.93 -19.54 -28.34
C LEU G 23 -24.84 -18.51 -28.62
N ALA G 24 -23.63 -18.98 -28.93
CA ALA G 24 -22.50 -18.11 -29.21
C ALA G 24 -22.18 -18.06 -30.69
N SER G 25 -21.93 -16.86 -31.20
CA SER G 25 -21.48 -16.68 -32.58
C SER G 25 -20.51 -15.50 -32.63
N GLY G 26 -19.70 -15.45 -33.68
CA GLY G 26 -18.81 -14.33 -33.89
C GLY G 26 -17.43 -14.50 -33.27
N PHE G 27 -17.18 -15.65 -32.66
CA PHE G 27 -15.83 -15.98 -32.18
C PHE G 27 -15.63 -17.49 -32.03
N THR G 28 -14.39 -17.89 -31.76
CA THR G 28 -14.08 -19.31 -31.54
C THR G 28 -14.52 -19.70 -30.15
N PHE G 29 -15.76 -20.14 -30.06
CA PHE G 29 -16.42 -20.41 -28.79
C PHE G 29 -15.58 -21.27 -27.86
N HIS G 30 -14.96 -22.31 -28.41
CA HIS G 30 -14.35 -23.30 -27.55
C HIS G 30 -13.04 -22.83 -26.92
N LYS G 31 -12.62 -21.62 -27.25
CA LYS G 31 -11.33 -21.12 -26.78
C LYS G 31 -11.45 -20.29 -25.51
N TYR G 32 -12.66 -19.86 -25.18
CA TYR G 32 -12.88 -19.00 -24.03
C TYR G 32 -13.68 -19.69 -22.91
N GLY G 33 -13.40 -19.36 -21.65
CA GLY G 33 -14.28 -19.76 -20.57
C GLY G 33 -15.57 -18.95 -20.69
N MET G 34 -16.68 -19.46 -20.17
CA MET G 34 -17.97 -18.77 -20.22
C MET G 34 -18.63 -18.70 -18.85
N HIS G 35 -19.20 -17.54 -18.51
CA HIS G 35 -19.95 -17.34 -17.26
C HIS G 35 -21.46 -17.27 -17.42
N TRP G 36 -22.17 -17.48 -16.31
CA TRP G 36 -23.55 -17.06 -16.15
C TRP G 36 -23.64 -16.03 -15.04
N VAL G 37 -24.43 -14.98 -15.23
CA VAL G 37 -24.55 -13.93 -14.25
C VAL G 37 -26.02 -13.57 -14.19
N ARG G 38 -26.60 -13.46 -12.99
CA ARG G 38 -28.04 -13.17 -12.90
C ARG G 38 -28.29 -11.77 -12.37
N GLN G 39 -29.54 -11.35 -12.40
CA GLN G 39 -29.92 -10.02 -11.90
C GLN G 39 -31.42 -9.97 -11.58
N ALA G 40 -31.75 -10.14 -10.30
CA ALA G 40 -33.13 -10.05 -9.84
C ALA G 40 -33.64 -8.70 -10.28
N PRO G 41 -34.95 -8.54 -10.41
CA PRO G 41 -35.49 -7.28 -10.92
C PRO G 41 -35.11 -6.08 -10.05
N GLY G 42 -34.52 -5.06 -10.67
CA GLY G 42 -34.13 -3.86 -9.95
C GLY G 42 -32.95 -4.02 -9.01
N LYS G 43 -32.41 -5.23 -8.89
CA LYS G 43 -31.23 -5.49 -8.07
C LYS G 43 -29.94 -5.49 -8.90
N GLY G 44 -28.88 -6.02 -8.31
CA GLY G 44 -27.55 -5.89 -8.88
C GLY G 44 -27.07 -7.18 -9.46
N LEU G 45 -26.05 -7.12 -10.30
CA LEU G 45 -25.56 -8.33 -10.92
C LEU G 45 -25.04 -9.26 -9.83
N GLU G 46 -25.18 -10.55 -10.05
CA GLU G 46 -24.70 -11.56 -9.14
C GLU G 46 -24.12 -12.71 -9.97
N TRP G 47 -22.87 -13.08 -9.69
CA TRP G 47 -22.20 -14.14 -10.44
C TRP G 47 -22.80 -15.48 -10.10
N VAL G 48 -23.03 -16.29 -11.14
CA VAL G 48 -23.64 -17.60 -10.96
C VAL G 48 -22.65 -18.75 -11.16
N ALA G 49 -21.82 -18.72 -12.21
CA ALA G 49 -20.92 -19.84 -12.51
C ALA G 49 -19.99 -19.61 -13.68
N LEU G 50 -18.90 -20.37 -13.70
CA LEU G 50 -17.85 -20.29 -14.72
C LEU G 50 -17.54 -21.69 -15.19
N ILE G 51 -17.23 -21.84 -16.48
CA ILE G 51 -16.84 -23.13 -17.02
C ILE G 51 -15.68 -22.93 -18.00
N SER G 52 -14.61 -23.68 -17.79
CA SER G 52 -13.43 -23.59 -18.63
C SER G 52 -13.77 -23.81 -20.09
N ASP G 53 -12.85 -23.42 -20.97
CA ASP G 53 -13.00 -23.54 -22.41
C ASP G 53 -13.43 -24.93 -22.88
N ASP G 54 -12.81 -25.97 -22.31
CA ASP G 54 -13.07 -27.34 -22.70
C ASP G 54 -14.16 -27.97 -21.82
N GLY G 55 -14.77 -27.16 -20.98
CA GLY G 55 -15.85 -27.61 -20.11
C GLY G 55 -15.44 -28.69 -19.13
N MET G 56 -14.14 -28.77 -18.83
CA MET G 56 -13.62 -29.77 -17.89
C MET G 56 -13.50 -29.19 -16.46
N ARG G 57 -13.59 -27.87 -16.36
CA ARG G 57 -13.30 -27.14 -15.14
C ARG G 57 -14.52 -26.28 -14.80
N LYS G 58 -15.20 -26.55 -13.68
CA LYS G 58 -16.40 -25.79 -13.30
C LYS G 58 -16.29 -25.09 -11.93
N TYR G 59 -16.95 -23.94 -11.83
CA TYR G 59 -16.97 -23.15 -10.62
C TYR G 59 -18.35 -22.58 -10.46
N HIS G 60 -19.00 -22.84 -9.33
CA HIS G 60 -20.35 -22.32 -9.08
C HIS G 60 -20.34 -21.44 -7.85
N SER G 61 -21.21 -20.42 -7.86
CA SER G 61 -21.42 -19.58 -6.70
C SER G 61 -21.83 -20.41 -5.51
N ASP G 62 -21.23 -20.14 -4.35
CA ASP G 62 -21.54 -20.88 -3.13
C ASP G 62 -22.92 -20.58 -2.60
N SER G 63 -23.45 -19.42 -2.99
CA SER G 63 -24.73 -18.97 -2.50
C SER G 63 -25.90 -19.60 -3.28
N MET G 64 -25.58 -20.47 -4.22
CA MET G 64 -26.60 -21.25 -4.92
C MET G 64 -26.82 -22.62 -4.26
N TRP G 65 -25.94 -22.95 -3.31
CA TRP G 65 -25.99 -24.23 -2.59
C TRP G 65 -26.16 -25.44 -3.49
N GLY G 66 -25.39 -25.49 -4.57
CA GLY G 66 -25.33 -26.66 -5.42
C GLY G 66 -26.52 -26.86 -6.33
N ARG G 67 -27.37 -25.84 -6.45
CA ARG G 67 -28.62 -25.98 -7.21
C ARG G 67 -28.43 -25.81 -8.72
N VAL G 68 -27.44 -25.05 -9.15
CA VAL G 68 -27.23 -24.83 -10.58
C VAL G 68 -26.08 -25.68 -11.08
N THR G 69 -26.12 -26.01 -12.36
CA THR G 69 -25.06 -26.78 -12.97
C THR G 69 -24.76 -26.23 -14.35
N ILE G 70 -23.51 -25.82 -14.55
CA ILE G 70 -23.11 -25.23 -15.82
C ILE G 70 -22.51 -26.32 -16.69
N SER G 71 -22.70 -26.20 -18.00
CA SER G 71 -22.11 -27.14 -18.97
C SER G 71 -22.03 -26.47 -20.32
N ARG G 72 -21.39 -27.13 -21.27
CA ARG G 72 -21.27 -26.57 -22.62
C ARG G 72 -21.12 -27.65 -23.68
N ASP G 73 -21.81 -27.43 -24.79
CA ASP G 73 -21.64 -28.28 -25.96
C ASP G 73 -20.87 -27.49 -27.02
N ASN G 74 -19.55 -27.62 -26.98
CA ASN G 74 -18.69 -26.89 -27.90
C ASN G 74 -18.96 -27.14 -29.39
N SER G 75 -19.51 -28.31 -29.69
CA SER G 75 -19.81 -28.65 -31.07
C SER G 75 -21.06 -27.94 -31.52
N LYS G 76 -21.87 -27.51 -30.55
CA LYS G 76 -23.07 -26.75 -30.84
C LYS G 76 -22.89 -25.27 -30.50
N ASN G 77 -21.68 -24.89 -30.10
CA ASN G 77 -21.44 -23.51 -29.69
C ASN G 77 -22.40 -23.03 -28.59
N THR G 78 -22.92 -23.94 -27.79
CA THR G 78 -23.92 -23.58 -26.77
C THR G 78 -23.40 -23.76 -25.33
N LEU G 79 -23.84 -22.89 -24.44
CA LEU G 79 -23.58 -23.00 -23.01
C LEU G 79 -24.93 -23.19 -22.31
N TYR G 80 -24.93 -24.02 -21.26
CA TYR G 80 -26.18 -24.37 -20.58
C TYR G 80 -26.14 -24.07 -19.09
N LEU G 81 -27.32 -23.91 -18.52
CA LEU G 81 -27.45 -23.76 -17.09
C LEU G 81 -28.64 -24.59 -16.64
N GLN G 82 -28.35 -25.66 -15.91
CA GLN G 82 -29.38 -26.53 -15.37
C GLN G 82 -29.71 -26.12 -13.92
N PHE G 83 -30.96 -25.77 -13.67
CA PHE G 83 -31.39 -25.50 -12.30
C PHE G 83 -32.02 -26.71 -11.64
N SER G 84 -32.68 -26.42 -10.53
CA SER G 84 -33.45 -27.40 -9.78
C SER G 84 -33.92 -26.68 -8.53
N SER G 85 -34.99 -27.18 -7.93
CA SER G 85 -35.48 -26.60 -6.69
C SER G 85 -35.66 -25.07 -6.80
N LEU G 86 -36.15 -24.60 -7.95
CA LEU G 86 -36.42 -23.17 -8.15
C LEU G 86 -37.26 -22.56 -7.02
N LYS G 87 -36.76 -21.48 -6.42
CA LYS G 87 -37.52 -20.79 -5.39
C LYS G 87 -37.99 -19.45 -5.93
N VAL G 88 -38.95 -18.84 -5.23
CA VAL G 88 -39.50 -17.59 -5.73
C VAL G 88 -38.41 -16.52 -5.87
N GLU G 89 -37.41 -16.57 -5.01
CA GLU G 89 -36.37 -15.53 -4.99
C GLU G 89 -35.35 -15.69 -6.11
N ASP G 90 -35.49 -16.74 -6.92
CA ASP G 90 -34.59 -16.94 -8.04
C ASP G 90 -35.03 -16.17 -9.28
N THR G 91 -36.26 -15.67 -9.22
CA THR G 91 -36.81 -14.83 -10.28
C THR G 91 -35.79 -13.80 -10.72
N ALA G 92 -35.29 -13.91 -11.95
CA ALA G 92 -34.28 -12.96 -12.40
C ALA G 92 -33.99 -13.01 -13.90
N MET G 93 -33.31 -11.98 -14.38
CA MET G 93 -32.78 -12.00 -15.72
C MET G 93 -31.43 -12.71 -15.73
N PHE G 94 -31.24 -13.64 -16.64
CA PHE G 94 -29.98 -14.38 -16.71
C PHE G 94 -29.17 -13.99 -17.94
N PHE G 95 -27.91 -13.65 -17.68
CA PHE G 95 -26.98 -13.19 -18.68
C PHE G 95 -25.91 -14.23 -18.90
N CYS G 96 -25.47 -14.33 -20.14
CA CYS G 96 -24.42 -15.20 -20.56
C CYS G 96 -23.26 -14.26 -20.81
N ALA G 97 -22.04 -14.60 -20.39
CA ALA G 97 -20.92 -13.68 -20.64
C ALA G 97 -19.57 -14.35 -20.85
N ARG G 98 -18.84 -13.93 -21.87
CA ARG G 98 -17.53 -14.51 -22.17
C ARG G 98 -16.42 -14.02 -21.23
N GLU G 99 -15.57 -14.95 -20.83
CA GLU G 99 -14.38 -14.64 -20.06
C GLU G 99 -13.32 -14.19 -21.04
N ALA G 100 -12.95 -12.91 -20.99
CA ALA G 100 -11.85 -12.42 -21.81
C ALA G 100 -10.70 -13.40 -21.68
N GLY G 101 -10.00 -13.63 -22.79
CA GLY G 101 -8.89 -14.55 -22.81
C GLY G 101 -7.98 -14.33 -23.99
N GLY G 102 -7.00 -15.20 -24.15
CA GLY G 102 -6.05 -15.08 -25.23
C GLY G 102 -4.73 -15.70 -24.86
N PRO G 103 -3.74 -15.59 -25.75
CA PRO G 103 -2.40 -16.16 -25.50
C PRO G 103 -1.70 -15.49 -24.32
N ILE G 104 -0.43 -15.84 -24.11
CA ILE G 104 0.39 -15.25 -23.06
C ILE G 104 0.41 -16.13 -21.82
N ASN G 115 -4.06 -22.12 -31.35
CA ASN G 115 -4.81 -23.35 -31.12
C ASN G 115 -4.48 -23.96 -29.75
N ASP G 116 -3.20 -23.94 -29.40
CA ASP G 116 -2.70 -24.57 -28.19
C ASP G 116 -3.52 -24.33 -26.91
N GLY G 117 -3.65 -23.07 -26.47
CA GLY G 117 -4.39 -22.79 -25.26
C GLY G 117 -4.45 -21.32 -24.84
N TYR G 118 -5.61 -20.89 -24.36
CA TYR G 118 -5.83 -19.52 -23.87
C TYR G 118 -5.74 -19.45 -22.35
N TYR G 119 -5.32 -18.28 -21.86
CA TYR G 119 -5.30 -18.00 -20.43
C TYR G 119 -6.38 -16.98 -20.14
N ASN G 120 -7.09 -17.17 -19.03
CA ASN G 120 -8.11 -16.22 -18.61
C ASN G 120 -7.53 -14.85 -18.25
N TYR G 121 -8.29 -13.80 -18.57
CA TYR G 121 -7.86 -12.42 -18.27
C TYR G 121 -8.65 -11.83 -17.10
N HIS G 122 -9.66 -12.56 -16.63
CA HIS G 122 -10.32 -12.28 -15.35
C HIS G 122 -11.27 -11.10 -15.40
N TYR G 123 -11.80 -10.80 -16.58
CA TYR G 123 -12.96 -9.93 -16.68
C TYR G 123 -13.88 -10.49 -17.76
N MET G 124 -15.10 -9.99 -17.84
CA MET G 124 -16.05 -10.48 -18.83
C MET G 124 -16.25 -9.48 -19.95
N ASP G 125 -15.77 -9.81 -21.16
CA ASP G 125 -15.71 -8.84 -22.23
C ASP G 125 -16.89 -8.90 -23.20
N VAL G 126 -17.61 -10.02 -23.24
CA VAL G 126 -18.76 -10.12 -24.13
C VAL G 126 -20.01 -10.55 -23.36
N TRP G 127 -21.10 -9.82 -23.53
CA TRP G 127 -22.34 -10.10 -22.84
C TRP G 127 -23.47 -10.21 -23.83
N GLY G 128 -24.46 -11.04 -23.52
CA GLY G 128 -25.68 -11.02 -24.29
C GLY G 128 -26.67 -10.14 -23.58
N LYS G 129 -27.76 -9.76 -24.24
CA LYS G 129 -28.88 -9.25 -23.49
C LYS G 129 -29.38 -10.52 -22.82
N GLY G 130 -30.33 -10.45 -21.90
CA GLY G 130 -30.60 -11.62 -21.07
C GLY G 130 -31.77 -12.48 -21.52
N THR G 131 -32.24 -13.33 -20.60
CA THR G 131 -33.50 -14.06 -20.76
C THR G 131 -34.17 -14.03 -19.40
N THR G 132 -35.45 -13.67 -19.37
CA THR G 132 -36.12 -13.55 -18.09
C THR G 132 -36.57 -14.91 -17.58
N VAL G 133 -36.35 -15.14 -16.29
CA VAL G 133 -36.82 -16.34 -15.64
C VAL G 133 -37.73 -15.89 -14.51
N THR G 134 -38.96 -16.40 -14.50
CA THR G 134 -39.92 -16.00 -13.49
C THR G 134 -40.45 -17.20 -12.74
N VAL G 135 -40.17 -17.25 -11.44
CA VAL G 135 -40.62 -18.34 -10.60
C VAL G 135 -41.90 -17.93 -9.87
N SER G 136 -43.03 -18.44 -10.33
CA SER G 136 -44.32 -18.11 -9.73
C SER G 136 -45.19 -19.35 -9.66
N SER G 137 -45.61 -19.69 -8.44
CA SER G 137 -46.42 -20.87 -8.21
C SER G 137 -47.86 -20.67 -8.65
N ALA G 138 -48.35 -19.44 -8.53
CA ALA G 138 -49.72 -19.12 -8.90
C ALA G 138 -49.99 -19.17 -10.41
N SER G 139 -51.24 -19.43 -10.76
CA SER G 139 -51.70 -19.26 -12.12
C SER G 139 -52.17 -17.82 -12.24
N THR G 140 -52.85 -17.49 -13.32
CA THR G 140 -53.40 -16.15 -13.47
C THR G 140 -54.15 -15.83 -12.20
N LYS G 141 -53.78 -14.74 -11.54
CA LYS G 141 -54.44 -14.32 -10.32
C LYS G 141 -54.93 -12.87 -10.36
N GLY G 142 -56.24 -12.69 -10.20
CA GLY G 142 -56.84 -11.37 -10.14
C GLY G 142 -56.57 -10.70 -8.80
N PRO G 143 -56.63 -9.36 -8.78
CA PRO G 143 -56.26 -8.56 -7.60
C PRO G 143 -57.34 -8.40 -6.53
N SER G 144 -56.92 -7.98 -5.35
CA SER G 144 -57.82 -7.54 -4.30
C SER G 144 -57.58 -6.03 -4.10
N VAL G 145 -58.64 -5.22 -4.09
CA VAL G 145 -58.48 -3.77 -4.03
C VAL G 145 -58.99 -3.16 -2.73
N PHE G 146 -58.08 -2.48 -2.02
CA PHE G 146 -58.38 -1.88 -0.72
C PHE G 146 -58.21 -0.37 -0.79
N PRO G 147 -59.13 0.39 -0.15
CA PRO G 147 -59.08 1.86 -0.17
C PRO G 147 -57.94 2.43 0.67
N LEU G 148 -57.36 3.50 0.16
CA LEU G 148 -56.31 4.22 0.89
C LEU G 148 -56.94 5.54 1.28
N ALA G 149 -57.65 5.50 2.39
CA ALA G 149 -58.50 6.62 2.79
C ALA G 149 -57.62 7.80 3.13
N PRO G 150 -58.08 9.00 2.73
CA PRO G 150 -57.43 10.23 3.16
C PRO G 150 -57.81 10.58 4.59
N SER G 151 -56.86 11.06 5.38
CA SER G 151 -57.14 11.65 6.68
C SER G 151 -55.84 11.85 7.43
N SER G 152 -55.78 12.89 8.26
CA SER G 152 -56.82 13.92 8.31
C SER G 152 -56.24 15.20 7.71
N THR G 159 -54.75 20.46 -0.48
CA THR G 159 -54.87 19.21 -1.23
C THR G 159 -54.78 17.99 -0.31
N ALA G 160 -55.51 16.93 -0.65
CA ALA G 160 -55.52 15.68 0.10
C ALA G 160 -55.11 14.55 -0.81
N ALA G 161 -54.52 13.51 -0.25
CA ALA G 161 -54.08 12.37 -1.04
C ALA G 161 -54.87 11.12 -0.66
N LEU G 162 -55.47 10.47 -1.65
CA LEU G 162 -56.26 9.24 -1.44
C LEU G 162 -56.08 8.32 -2.64
N GLY G 163 -56.12 7.01 -2.42
CA GLY G 163 -55.81 6.09 -3.50
C GLY G 163 -56.35 4.68 -3.31
N CYS G 164 -55.82 3.75 -4.09
CA CYS G 164 -56.17 2.33 -3.99
C CYS G 164 -54.92 1.45 -3.95
N LEU G 165 -54.94 0.46 -3.06
CA LEU G 165 -53.90 -0.54 -2.98
C LEU G 165 -54.36 -1.78 -3.75
N VAL G 166 -53.62 -2.11 -4.80
CA VAL G 166 -53.94 -3.24 -5.66
C VAL G 166 -52.99 -4.37 -5.36
N LYS G 167 -53.38 -5.30 -4.49
CA LYS G 167 -52.40 -6.32 -4.06
C LYS G 167 -52.72 -7.77 -4.43
N ASP G 168 -51.68 -8.58 -4.46
CA ASP G 168 -51.75 -10.00 -4.80
C ASP G 168 -52.33 -10.30 -6.18
N TYR G 169 -51.59 -9.94 -7.23
CA TYR G 169 -52.03 -10.25 -8.58
C TYR G 169 -50.87 -10.71 -9.44
N PHE G 170 -51.18 -11.43 -10.52
CA PHE G 170 -50.16 -12.02 -11.36
C PHE G 170 -50.78 -12.49 -12.69
N PRO G 171 -50.11 -12.17 -13.80
CA PRO G 171 -48.86 -11.43 -13.88
C PRO G 171 -49.17 -10.00 -14.21
N GLU G 172 -48.16 -9.16 -14.33
CA GLU G 172 -48.35 -7.87 -14.94
C GLU G 172 -49.15 -8.09 -16.21
N PRO G 173 -49.78 -7.03 -16.74
CA PRO G 173 -49.85 -5.70 -16.14
C PRO G 173 -51.24 -5.46 -15.57
N VAL G 174 -51.38 -4.38 -14.81
CA VAL G 174 -52.66 -3.95 -14.28
C VAL G 174 -52.88 -2.48 -14.68
N THR G 175 -54.12 -2.17 -15.03
CA THR G 175 -54.54 -0.83 -15.41
C THR G 175 -55.43 -0.21 -14.33
N VAL G 176 -55.17 1.03 -13.95
CA VAL G 176 -55.98 1.74 -12.97
C VAL G 176 -56.37 3.12 -13.50
N SER G 177 -57.67 3.39 -13.56
CA SER G 177 -58.13 4.74 -13.84
C SER G 177 -58.96 5.21 -12.64
N TRP G 178 -59.30 6.50 -12.61
CA TRP G 178 -60.14 7.09 -11.56
C TRP G 178 -61.38 7.73 -12.13
N ASN G 179 -62.52 7.50 -11.49
CA ASN G 179 -63.78 8.03 -11.94
C ASN G 179 -64.04 7.72 -13.41
N SER G 180 -63.65 6.51 -13.82
CA SER G 180 -63.85 6.06 -15.19
C SER G 180 -63.13 6.96 -16.18
N GLY G 181 -61.96 7.45 -15.81
CA GLY G 181 -61.19 8.29 -16.68
C GLY G 181 -61.50 9.77 -16.54
N ALA G 182 -62.61 10.09 -15.86
CA ALA G 182 -62.98 11.50 -15.64
C ALA G 182 -61.90 12.30 -14.91
N LEU G 183 -61.05 11.58 -14.18
CA LEU G 183 -60.00 12.15 -13.38
C LEU G 183 -58.67 11.74 -13.94
N THR G 184 -57.87 12.70 -14.40
CA THR G 184 -56.57 12.39 -15.01
C THR G 184 -55.41 13.12 -14.36
N SER G 185 -55.62 14.37 -13.95
CA SER G 185 -54.59 15.10 -13.19
C SER G 185 -54.41 14.53 -11.78
N GLY G 186 -53.29 14.86 -11.16
CA GLY G 186 -53.01 14.45 -9.78
C GLY G 186 -52.86 12.95 -9.60
N VAL G 187 -53.09 12.19 -10.67
CA VAL G 187 -53.03 10.73 -10.60
C VAL G 187 -51.64 10.16 -10.82
N HIS G 188 -50.96 9.73 -9.76
CA HIS G 188 -49.75 8.94 -10.00
C HIS G 188 -50.03 7.49 -9.65
N THR G 189 -49.83 6.62 -10.64
CA THR G 189 -50.01 5.19 -10.47
C THR G 189 -48.62 4.57 -10.42
N PHE G 190 -48.20 4.12 -9.24
CA PHE G 190 -46.83 3.65 -9.06
C PHE G 190 -46.62 2.26 -9.65
N PRO G 191 -45.41 2.03 -10.20
CA PRO G 191 -44.93 0.72 -10.68
C PRO G 191 -45.08 -0.39 -9.62
N ALA G 192 -45.40 -1.60 -10.05
CA ALA G 192 -45.62 -2.70 -9.12
C ALA G 192 -44.33 -3.13 -8.45
N VAL G 193 -44.42 -4.19 -7.66
CA VAL G 193 -43.27 -4.82 -7.03
C VAL G 193 -43.68 -6.24 -6.68
N LEU G 194 -42.81 -7.22 -6.96
CA LEU G 194 -43.14 -8.59 -6.62
C LEU G 194 -42.83 -8.87 -5.16
N GLN G 195 -43.87 -8.96 -4.35
CA GLN G 195 -43.70 -9.29 -2.95
C GLN G 195 -43.04 -10.65 -2.79
N SER G 196 -42.62 -10.97 -1.57
CA SER G 196 -41.93 -12.22 -1.28
C SER G 196 -42.75 -13.42 -1.72
N SER G 197 -44.07 -13.27 -1.69
CA SER G 197 -45.00 -14.36 -2.01
C SER G 197 -44.93 -14.82 -3.47
N GLY G 198 -44.24 -14.03 -4.30
CA GLY G 198 -44.22 -14.28 -5.73
C GLY G 198 -45.37 -13.63 -6.46
N LEU G 199 -46.10 -12.75 -5.76
CA LEU G 199 -47.21 -12.03 -6.36
C LEU G 199 -46.91 -10.53 -6.40
N TYR G 200 -47.61 -9.81 -7.27
CA TYR G 200 -47.39 -8.39 -7.44
C TYR G 200 -48.30 -7.53 -6.56
N SER G 201 -47.91 -6.28 -6.39
CA SER G 201 -48.80 -5.28 -5.81
C SER G 201 -48.40 -3.91 -6.32
N LEU G 202 -49.38 -3.04 -6.59
CA LEU G 202 -49.07 -1.63 -6.84
C LEU G 202 -50.08 -0.70 -6.16
N SER G 203 -49.86 0.60 -6.28
CA SER G 203 -50.75 1.58 -5.66
C SER G 203 -51.01 2.71 -6.62
N SER G 204 -52.20 3.29 -6.56
CA SER G 204 -52.50 4.47 -7.33
C SER G 204 -53.07 5.51 -6.38
N VAL G 205 -52.66 6.75 -6.55
CA VAL G 205 -53.17 7.81 -5.71
C VAL G 205 -53.51 8.98 -6.60
N VAL G 206 -54.63 9.62 -6.30
CA VAL G 206 -55.02 10.84 -6.99
C VAL G 206 -54.93 11.94 -5.94
N THR G 207 -54.43 13.10 -6.34
CA THR G 207 -54.32 14.25 -5.45
C THR G 207 -55.47 15.22 -5.74
N VAL G 208 -56.18 15.66 -4.71
CA VAL G 208 -57.44 16.37 -4.90
C VAL G 208 -57.61 17.52 -3.91
N PRO G 209 -58.37 18.55 -4.30
CA PRO G 209 -58.70 19.58 -3.31
C PRO G 209 -59.33 18.96 -2.06
N SER G 210 -58.91 19.41 -0.88
CA SER G 210 -59.49 18.94 0.38
C SER G 210 -60.97 19.31 0.48
N SER G 211 -61.31 20.47 -0.09
CA SER G 211 -62.69 20.96 -0.12
C SER G 211 -63.63 20.00 -0.83
N SER G 212 -63.07 19.20 -1.75
CA SER G 212 -63.90 18.28 -2.53
C SER G 212 -64.38 17.11 -1.67
N LEU G 213 -63.53 16.66 -0.75
CA LEU G 213 -63.88 15.52 0.11
C LEU G 213 -65.28 15.72 0.68
N GLY G 214 -66.15 14.74 0.48
CA GLY G 214 -67.52 14.89 0.91
C GLY G 214 -68.47 15.16 -0.24
N THR G 215 -68.10 16.06 -1.15
CA THR G 215 -68.96 16.32 -2.29
C THR G 215 -68.59 15.44 -3.48
N GLN G 216 -67.34 15.48 -3.92
CA GLN G 216 -66.90 14.63 -5.02
C GLN G 216 -66.87 13.17 -4.56
N THR G 217 -67.10 12.25 -5.50
CA THR G 217 -67.05 10.83 -5.23
C THR G 217 -65.81 10.26 -5.91
N TYR G 218 -65.08 9.37 -5.23
CA TYR G 218 -63.83 8.82 -5.79
C TYR G 218 -63.85 7.31 -5.92
N ILE G 219 -63.71 6.84 -7.16
CA ILE G 219 -63.74 5.41 -7.43
C ILE G 219 -62.55 5.09 -8.30
N CYS G 220 -61.84 4.03 -7.93
CA CYS G 220 -60.73 3.59 -8.74
C CYS G 220 -61.19 2.38 -9.54
N ASN G 221 -61.02 2.45 -10.85
CA ASN G 221 -61.36 1.35 -11.72
C ASN G 221 -60.13 0.51 -11.99
N VAL G 222 -60.08 -0.63 -11.34
CA VAL G 222 -58.93 -1.52 -11.42
C VAL G 222 -59.22 -2.69 -12.36
N ASN G 223 -58.52 -2.69 -13.49
CA ASN G 223 -58.65 -3.75 -14.47
C ASN G 223 -57.37 -4.60 -14.49
N HIS G 224 -57.53 -5.92 -14.50
CA HIS G 224 -56.40 -6.84 -14.64
C HIS G 224 -56.74 -7.83 -15.77
N LYS G 225 -56.36 -7.49 -17.00
CA LYS G 225 -56.82 -8.23 -18.18
C LYS G 225 -56.40 -9.70 -18.19
N PRO G 226 -55.20 -10.02 -17.68
CA PRO G 226 -54.80 -11.43 -17.62
C PRO G 226 -55.80 -12.33 -16.92
N SER G 227 -56.51 -11.86 -15.90
CA SER G 227 -57.49 -12.71 -15.22
C SER G 227 -58.93 -12.20 -15.40
N ASN G 228 -59.13 -11.34 -16.39
CA ASN G 228 -60.46 -10.78 -16.68
C ASN G 228 -61.20 -10.30 -15.44
N THR G 229 -60.52 -9.49 -14.65
CA THR G 229 -61.04 -9.05 -13.36
C THR G 229 -61.15 -7.54 -13.33
N LYS G 230 -62.38 -7.04 -13.26
CA LYS G 230 -62.61 -5.59 -13.17
C LYS G 230 -63.33 -5.21 -11.89
N VAL G 231 -62.56 -4.81 -10.89
CA VAL G 231 -63.08 -4.31 -9.62
C VAL G 231 -63.16 -2.79 -9.60
N ASP G 232 -64.19 -2.24 -8.94
CA ASP G 232 -64.27 -0.81 -8.66
C ASP G 232 -64.36 -0.57 -7.17
N LYS G 233 -63.45 0.23 -6.64
CA LYS G 233 -63.48 0.50 -5.21
C LYS G 233 -63.74 1.98 -4.99
N ARG G 234 -64.72 2.28 -4.16
CA ARG G 234 -64.96 3.67 -3.78
C ARG G 234 -64.12 3.96 -2.55
N VAL G 235 -63.58 5.16 -2.49
CA VAL G 235 -62.62 5.53 -1.46
C VAL G 235 -63.14 6.74 -0.69
N GLU G 236 -63.45 6.55 0.59
CA GLU G 236 -63.99 7.62 1.42
C GLU G 236 -63.10 7.95 2.62
N PRO G 237 -63.18 9.19 3.10
CA PRO G 237 -62.47 9.64 4.31
C PRO G 237 -62.66 8.69 5.49
N ALA H 1 -21.25 -9.80 -1.01
CA ALA H 1 -21.18 -8.77 -2.05
C ALA H 1 -20.28 -7.61 -1.63
N LEU H 2 -19.56 -7.05 -2.61
CA LEU H 2 -18.64 -5.95 -2.37
C LEU H 2 -19.49 -4.71 -2.13
N THR H 3 -19.01 -3.82 -1.26
CA THR H 3 -19.83 -2.70 -0.83
C THR H 3 -19.60 -1.43 -1.63
N GLN H 4 -20.60 -1.04 -2.40
CA GLN H 4 -20.58 0.23 -3.12
C GLN H 4 -21.68 1.15 -2.60
N PRO H 5 -21.45 2.46 -2.65
CA PRO H 5 -22.48 3.45 -2.32
C PRO H 5 -23.70 3.31 -3.27
N ALA H 6 -24.92 3.32 -2.75
CA ALA H 6 -26.12 3.06 -3.56
C ALA H 6 -26.23 4.01 -4.75
N SER H 7 -25.84 5.27 -4.55
CA SER H 7 -25.88 6.23 -5.65
C SER H 7 -24.78 7.27 -5.54
N VAL H 8 -24.29 7.76 -6.67
CA VAL H 8 -23.50 8.97 -6.67
C VAL H 8 -23.91 9.88 -7.84
N SER H 9 -23.84 11.19 -7.62
CA SER H 9 -24.29 12.16 -8.60
C SER H 9 -23.24 13.23 -8.84
N GLY H 10 -23.08 13.63 -10.10
CA GLY H 10 -22.14 14.68 -10.44
C GLY H 10 -22.66 15.51 -11.59
N SER H 11 -22.24 16.76 -11.64
CA SER H 11 -22.61 17.66 -12.71
C SER H 11 -21.80 17.33 -13.95
N PRO H 12 -22.27 17.78 -15.13
CA PRO H 12 -21.52 17.51 -16.36
C PRO H 12 -20.10 18.06 -16.28
N GLY H 13 -19.14 17.32 -16.83
CA GLY H 13 -17.77 17.78 -16.90
C GLY H 13 -17.03 17.64 -15.57
N GLN H 14 -17.76 17.41 -14.48
CA GLN H 14 -17.12 17.27 -13.18
C GLN H 14 -16.61 15.85 -13.00
N THR H 15 -15.84 15.65 -11.94
CA THR H 15 -15.25 14.34 -11.65
C THR H 15 -15.98 13.68 -10.51
N ILE H 16 -15.88 12.36 -10.49
CA ILE H 16 -16.77 11.52 -9.71
C ILE H 16 -16.07 10.19 -9.43
N THR H 17 -16.13 9.72 -8.18
CA THR H 17 -15.45 8.49 -7.80
C THR H 17 -16.40 7.58 -7.05
N ILE H 18 -16.27 6.28 -7.32
CA ILE H 18 -17.18 5.29 -6.80
C ILE H 18 -16.35 4.25 -6.10
N SER H 19 -16.60 4.06 -4.80
CA SER H 19 -15.76 3.18 -4.01
C SER H 19 -16.30 1.77 -4.14
N CYS H 20 -15.50 0.78 -3.77
CA CYS H 20 -15.89 -0.62 -3.95
C CYS H 20 -15.09 -1.39 -2.92
N ASN H 21 -15.70 -1.51 -1.76
CA ASN H 21 -15.03 -1.92 -0.57
C ASN H 21 -15.32 -3.41 -0.37
N GLY H 22 -14.30 -4.23 -0.63
CA GLY H 22 -14.37 -5.66 -0.39
C GLY H 22 -13.43 -6.05 0.75
N THR H 23 -12.87 -7.25 0.65
CA THR H 23 -11.99 -7.80 1.68
C THR H 23 -10.71 -8.41 1.07
N SER H 24 -9.86 -8.95 1.93
CA SER H 24 -8.56 -9.47 1.52
C SER H 24 -8.66 -10.81 0.77
N SER H 25 -9.85 -11.39 0.74
CA SER H 25 -10.08 -12.59 -0.05
C SER H 25 -10.50 -12.27 -1.48
N ASP H 26 -10.73 -10.99 -1.79
CA ASP H 26 -11.09 -10.59 -3.14
C ASP H 26 -10.28 -9.38 -3.59
N VAL H 27 -10.85 -8.19 -3.42
CA VAL H 27 -10.23 -6.97 -3.92
C VAL H 27 -8.80 -6.82 -3.40
N GLY H 28 -8.60 -7.10 -2.11
CA GLY H 28 -7.31 -6.98 -1.48
C GLY H 28 -6.43 -8.21 -1.66
N GLY H 29 -6.87 -9.13 -2.50
CA GLY H 29 -6.15 -10.38 -2.67
C GLY H 29 -5.63 -10.61 -4.07
N PHE H 30 -6.06 -9.78 -5.01
CA PHE H 30 -5.63 -9.89 -6.41
C PHE H 30 -5.63 -8.53 -7.07
N ASP H 31 -4.95 -8.43 -8.20
CA ASP H 31 -5.03 -7.23 -9.00
C ASP H 31 -5.94 -7.50 -10.19
N SER H 32 -7.13 -8.01 -9.89
CA SER H 32 -8.08 -8.35 -10.91
C SER H 32 -9.49 -7.85 -10.59
N VAL H 33 -9.61 -6.54 -10.44
CA VAL H 33 -10.88 -5.89 -10.26
C VAL H 33 -11.33 -5.33 -11.58
N SER H 34 -12.55 -5.66 -12.00
CA SER H 34 -13.10 -5.07 -13.21
C SER H 34 -14.33 -4.25 -12.87
N TRP H 35 -14.67 -3.31 -13.73
CA TRP H 35 -15.87 -2.49 -13.57
C TRP H 35 -16.77 -2.56 -14.79
N TYR H 36 -18.08 -2.42 -14.58
CA TYR H 36 -19.05 -2.61 -15.63
C TYR H 36 -20.10 -1.50 -15.63
N GLN H 37 -20.46 -1.05 -16.83
CA GLN H 37 -21.47 -0.04 -16.95
C GLN H 37 -22.70 -0.69 -17.52
N GLN H 38 -23.86 -0.34 -16.99
CA GLN H 38 -25.10 -0.92 -17.48
C GLN H 38 -26.09 0.18 -17.70
N SER H 39 -26.37 0.49 -18.96
CA SER H 39 -27.32 1.54 -19.28
C SER H 39 -28.73 0.95 -19.27
N PRO H 40 -29.73 1.79 -18.97
CA PRO H 40 -31.09 1.25 -18.85
C PRO H 40 -31.48 0.48 -20.10
N GLY H 41 -31.87 -0.77 -19.91
CA GLY H 41 -32.29 -1.62 -21.00
C GLY H 41 -31.17 -2.44 -21.61
N LYS H 42 -29.98 -1.85 -21.73
CA LYS H 42 -28.84 -2.56 -22.34
C LYS H 42 -28.22 -3.59 -21.38
N ALA H 43 -27.23 -4.31 -21.88
CA ALA H 43 -26.52 -5.28 -21.06
C ALA H 43 -25.23 -4.67 -20.55
N PRO H 44 -24.63 -5.27 -19.53
CA PRO H 44 -23.42 -4.71 -18.96
C PRO H 44 -22.31 -4.61 -19.99
N LYS H 45 -21.46 -3.61 -19.85
CA LYS H 45 -20.36 -3.36 -20.77
C LYS H 45 -19.10 -3.14 -19.94
N VAL H 46 -18.03 -3.89 -20.17
CA VAL H 46 -16.79 -3.67 -19.40
C VAL H 46 -16.23 -2.27 -19.60
N MET H 47 -15.79 -1.63 -18.52
CA MET H 47 -15.12 -0.35 -18.62
C MET H 47 -13.67 -0.40 -18.16
N VAL H 48 -13.38 -1.27 -17.19
CA VAL H 48 -12.04 -1.36 -16.59
C VAL H 48 -11.76 -2.78 -16.14
N PHE H 49 -10.52 -3.22 -16.29
CA PHE H 49 -10.15 -4.55 -15.80
C PHE H 49 -8.77 -4.55 -15.18
N ASP H 50 -8.43 -5.61 -14.47
CA ASP H 50 -7.14 -5.68 -13.78
C ASP H 50 -6.87 -4.39 -13.05
N VAL H 51 -7.90 -3.89 -12.37
CA VAL H 51 -7.82 -2.71 -11.52
C VAL H 51 -7.82 -1.39 -12.32
N SER H 52 -6.82 -1.18 -13.18
CA SER H 52 -6.63 0.14 -13.79
C SER H 52 -6.53 0.20 -15.31
N HIS H 53 -6.80 -0.90 -16.00
CA HIS H 53 -6.60 -0.98 -17.45
C HIS H 53 -7.89 -0.86 -18.23
N ARG H 54 -7.84 -0.09 -19.32
CA ARG H 54 -9.01 0.08 -20.17
C ARG H 54 -8.96 -0.81 -21.39
N PRO H 55 -10.09 -1.45 -21.72
CA PRO H 55 -10.30 -2.17 -22.98
C PRO H 55 -10.15 -1.23 -24.16
N SER H 56 -9.82 -1.78 -25.32
CA SER H 56 -9.79 -0.99 -26.54
C SER H 56 -11.14 -0.32 -26.74
N GLY H 57 -11.14 1.00 -26.95
CA GLY H 57 -12.37 1.69 -27.26
C GLY H 57 -13.00 2.49 -26.14
N ILE H 58 -12.67 2.16 -24.89
CA ILE H 58 -13.19 2.93 -23.76
C ILE H 58 -12.42 4.24 -23.56
N SER H 59 -13.17 5.31 -23.40
CA SER H 59 -12.59 6.63 -23.16
C SER H 59 -11.61 6.65 -22.00
N ASN H 60 -10.69 7.60 -22.02
CA ASN H 60 -9.68 7.74 -20.98
C ASN H 60 -10.24 8.45 -19.75
N ARG H 61 -11.49 8.92 -19.85
CA ARG H 61 -12.15 9.54 -18.71
C ARG H 61 -12.43 8.54 -17.59
N PHE H 62 -12.43 7.25 -17.91
CA PHE H 62 -12.63 6.21 -16.91
C PHE H 62 -11.31 5.62 -16.41
N SER H 63 -11.06 5.69 -15.10
CA SER H 63 -9.83 5.12 -14.55
C SER H 63 -10.11 4.40 -13.25
N GLY H 64 -9.32 3.36 -12.99
CA GLY H 64 -9.47 2.57 -11.80
C GLY H 64 -8.24 2.68 -10.94
N SER H 65 -8.41 2.58 -9.63
CA SER H 65 -7.29 2.44 -8.73
C SER H 65 -7.69 1.48 -7.63
N LYS H 66 -6.75 1.18 -6.75
CA LYS H 66 -7.00 0.28 -5.63
C LYS H 66 -6.13 0.70 -4.46
N SER H 67 -6.61 0.47 -3.25
CA SER H 67 -5.85 0.77 -2.05
C SER H 67 -6.30 -0.18 -0.98
N GLY H 68 -5.44 -1.13 -0.64
CA GLY H 68 -5.80 -2.13 0.35
C GLY H 68 -6.96 -2.96 -0.11
N ASN H 69 -8.11 -2.80 0.53
CA ASN H 69 -9.28 -3.64 0.26
C ASN H 69 -10.38 -2.90 -0.46
N THR H 70 -10.12 -1.67 -0.88
CA THR H 70 -11.13 -0.96 -1.64
C THR H 70 -10.61 -0.43 -2.99
N ALA H 71 -11.34 -0.80 -4.04
CA ALA H 71 -11.10 -0.29 -5.38
C ALA H 71 -11.94 0.95 -5.61
N SER H 72 -11.54 1.79 -6.54
CA SER H 72 -12.30 2.98 -6.88
C SER H 72 -12.32 3.16 -8.38
N LEU H 73 -13.44 3.66 -8.89
CA LEU H 73 -13.54 4.01 -10.29
C LEU H 73 -13.77 5.50 -10.34
N THR H 74 -12.89 6.20 -11.04
CA THR H 74 -13.02 7.64 -11.19
C THR H 74 -13.45 7.99 -12.61
N ILE H 75 -14.50 8.80 -12.72
CA ILE H 75 -15.00 9.22 -14.01
C ILE H 75 -14.84 10.70 -14.06
N SER H 76 -13.91 11.18 -14.90
CA SER H 76 -13.71 12.60 -15.00
C SER H 76 -14.44 13.14 -16.24
N GLY H 77 -14.75 14.43 -16.21
CA GLY H 77 -15.45 15.05 -17.31
C GLY H 77 -16.74 14.31 -17.61
N LEU H 78 -17.60 14.18 -16.61
CA LEU H 78 -18.89 13.50 -16.77
C LEU H 78 -19.70 13.92 -17.99
N HIS H 79 -20.10 12.95 -18.78
CA HIS H 79 -20.99 13.15 -19.93
C HIS H 79 -22.33 12.55 -19.58
N ILE H 80 -23.39 12.99 -20.24
CA ILE H 80 -24.70 12.41 -19.99
C ILE H 80 -24.71 10.91 -20.25
N GLU H 81 -23.98 10.44 -21.25
CA GLU H 81 -24.04 9.03 -21.63
C GLU H 81 -23.40 8.16 -20.55
N ASP H 82 -22.83 8.81 -19.55
CA ASP H 82 -22.25 8.10 -18.42
C ASP H 82 -23.30 7.59 -17.42
N GLU H 83 -24.49 8.17 -17.43
CA GLU H 83 -25.56 7.71 -16.53
C GLU H 83 -25.78 6.22 -16.65
N GLY H 84 -26.13 5.57 -15.55
CA GLY H 84 -26.44 4.16 -15.57
C GLY H 84 -25.97 3.52 -14.30
N ASP H 85 -26.04 2.20 -14.20
CA ASP H 85 -25.58 1.50 -13.01
C ASP H 85 -24.19 0.95 -13.22
N TYR H 86 -23.28 1.21 -12.29
CA TYR H 86 -21.96 0.61 -12.31
C TYR H 86 -21.76 -0.48 -11.24
N PHE H 87 -21.11 -1.57 -11.64
CA PHE H 87 -20.78 -2.66 -10.73
C PHE H 87 -19.31 -2.99 -10.82
N CYS H 88 -18.66 -3.11 -9.67
CA CYS H 88 -17.29 -3.60 -9.65
C CYS H 88 -17.38 -5.11 -9.58
N SER H 89 -16.24 -5.79 -9.64
CA SER H 89 -16.25 -7.22 -9.51
C SER H 89 -14.82 -7.68 -9.34
N SER H 90 -14.61 -8.75 -8.60
CA SER H 90 -13.27 -9.24 -8.35
C SER H 90 -13.22 -10.75 -8.42
N LEU H 91 -12.03 -11.25 -8.73
CA LEU H 91 -11.68 -12.64 -8.51
C LEU H 91 -11.68 -12.82 -7.01
N THR H 92 -11.94 -14.04 -6.55
CA THR H 92 -11.89 -14.33 -5.11
C THR H 92 -10.97 -15.51 -4.87
N ASP H 93 -10.60 -15.72 -3.62
CA ASP H 93 -9.58 -16.73 -3.29
C ASP H 93 -10.16 -18.14 -3.17
N ARG H 94 -11.38 -18.31 -3.68
CA ARG H 94 -11.95 -19.62 -3.92
C ARG H 94 -12.06 -19.79 -5.44
N SER H 95 -11.41 -18.90 -6.17
CA SER H 95 -11.43 -18.93 -7.63
C SER H 95 -12.83 -18.75 -8.18
N HIS H 96 -13.62 -17.92 -7.51
CA HIS H 96 -14.98 -17.60 -7.92
C HIS H 96 -14.94 -16.14 -8.37
N ARG H 97 -16.08 -15.57 -8.73
CA ARG H 97 -16.17 -14.14 -9.00
C ARG H 97 -17.20 -13.55 -8.07
N ILE H 98 -17.02 -12.28 -7.71
CA ILE H 98 -17.96 -11.61 -6.84
C ILE H 98 -18.25 -10.20 -7.37
N PHE H 99 -19.51 -9.80 -7.30
CA PHE H 99 -19.95 -8.45 -7.72
C PHE H 99 -20.30 -7.55 -6.55
N GLY H 100 -20.10 -6.24 -6.71
CA GLY H 100 -20.62 -5.29 -5.74
C GLY H 100 -22.12 -5.06 -5.94
N GLY H 101 -22.77 -4.48 -4.93
CA GLY H 101 -24.21 -4.31 -4.99
C GLY H 101 -24.60 -3.31 -6.05
N GLY H 102 -23.63 -2.54 -6.53
CA GLY H 102 -23.89 -1.59 -7.60
C GLY H 102 -24.20 -0.17 -7.16
N THR H 103 -23.94 0.76 -8.07
CA THR H 103 -24.06 2.20 -7.84
C THR H 103 -24.78 2.89 -9.00
N LYS H 104 -25.86 3.61 -8.71
CA LYS H 104 -26.54 4.39 -9.72
C LYS H 104 -25.85 5.74 -9.90
N VAL H 105 -25.26 5.97 -11.07
CA VAL H 105 -24.67 7.26 -11.38
C VAL H 105 -25.70 8.15 -12.07
N THR H 106 -25.91 9.35 -11.54
CA THR H 106 -26.73 10.36 -12.19
C THR H 106 -25.82 11.50 -12.65
N VAL H 107 -26.12 12.10 -13.80
CA VAL H 107 -25.49 13.32 -14.24
C VAL H 107 -26.50 14.47 -14.08
N LEU H 108 -26.42 15.16 -12.95
CA LEU H 108 -27.45 16.12 -12.58
C LEU H 108 -27.75 17.11 -13.71
N GLY H 109 -29.02 17.29 -14.03
CA GLY H 109 -29.43 18.19 -15.11
C GLY H 109 -30.50 19.19 -14.74
N GLN H 110 -31.06 19.06 -13.55
CA GLN H 110 -32.05 20.00 -13.03
C GLN H 110 -31.80 20.17 -11.55
N PRO H 111 -32.37 21.23 -10.97
CA PRO H 111 -32.32 21.50 -9.52
C PRO H 111 -32.71 20.31 -8.65
N LYS H 112 -32.05 20.19 -7.50
CA LYS H 112 -32.49 19.22 -6.50
C LYS H 112 -33.93 19.52 -6.11
N ALA H 113 -34.72 18.46 -5.96
CA ALA H 113 -36.11 18.59 -5.55
C ALA H 113 -36.39 17.46 -4.58
N ALA H 114 -36.84 17.78 -3.37
CA ALA H 114 -36.93 16.78 -2.31
C ALA H 114 -38.18 15.88 -2.42
N PRO H 115 -38.09 14.64 -1.91
CA PRO H 115 -39.22 13.70 -1.95
C PRO H 115 -40.44 14.32 -1.29
N SER H 116 -41.60 14.06 -1.87
CA SER H 116 -42.84 14.35 -1.21
C SER H 116 -43.42 13.02 -0.79
N VAL H 117 -43.54 12.78 0.51
CA VAL H 117 -43.89 11.44 0.99
C VAL H 117 -45.23 11.39 1.70
N THR H 118 -46.00 10.35 1.39
CA THR H 118 -47.32 10.14 1.97
C THR H 118 -47.37 8.71 2.45
N LEU H 119 -47.78 8.50 3.70
CA LEU H 119 -47.80 7.16 4.29
C LEU H 119 -49.21 6.79 4.68
N PHE H 120 -49.68 5.64 4.21
CA PHE H 120 -51.04 5.19 4.52
C PHE H 120 -50.99 4.07 5.54
N PRO H 121 -51.97 4.06 6.45
CA PRO H 121 -52.15 2.90 7.34
C PRO H 121 -52.91 1.79 6.61
N PRO H 122 -53.08 0.63 7.26
CA PRO H 122 -53.96 -0.40 6.72
C PRO H 122 -55.40 0.08 6.57
N SER H 123 -56.01 -0.21 5.43
CA SER H 123 -57.43 0.04 5.23
C SER H 123 -58.20 -0.66 6.33
N SER H 124 -59.39 -0.14 6.65
CA SER H 124 -60.24 -0.83 7.63
C SER H 124 -60.46 -2.26 7.16
N GLU H 125 -60.48 -2.42 5.84
CA GLU H 125 -60.99 -3.63 5.20
C GLU H 125 -59.91 -4.68 5.02
N GLU H 126 -58.66 -4.26 4.98
CA GLU H 126 -57.54 -5.19 4.92
C GLU H 126 -57.41 -5.88 6.28
N LEU H 127 -57.45 -5.09 7.35
CA LEU H 127 -57.45 -5.61 8.70
C LEU H 127 -58.63 -6.56 8.93
N GLN H 128 -59.79 -6.25 8.36
CA GLN H 128 -60.93 -7.17 8.39
C GLN H 128 -60.52 -8.46 7.69
N ALA H 129 -59.70 -8.35 6.66
CA ALA H 129 -59.22 -9.50 5.90
C ALA H 129 -57.95 -10.09 6.52
N ASN H 130 -57.70 -9.73 7.77
CA ASN H 130 -56.65 -10.33 8.60
C ASN H 130 -55.23 -10.07 8.09
N LYS H 131 -55.05 -8.94 7.43
CA LYS H 131 -53.73 -8.55 6.95
C LYS H 131 -53.51 -7.05 7.14
N ALA H 132 -52.24 -6.63 7.14
CA ALA H 132 -51.88 -5.22 7.26
C ALA H 132 -50.76 -4.87 6.28
N THR H 133 -50.92 -3.73 5.60
CA THR H 133 -49.88 -3.20 4.73
C THR H 133 -49.77 -1.69 4.88
N LEU H 134 -48.61 -1.20 5.29
CA LEU H 134 -48.33 0.23 5.29
C LEU H 134 -47.78 0.63 3.92
N VAL H 135 -48.32 1.73 3.36
CA VAL H 135 -47.97 2.16 2.01
C VAL H 135 -47.24 3.51 2.01
N CYS H 136 -45.97 3.50 1.65
CA CYS H 136 -45.20 4.72 1.70
C CYS H 136 -44.86 5.13 0.29
N LEU H 137 -45.40 6.28 -0.14
CA LEU H 137 -45.35 6.69 -1.53
C LEU H 137 -44.51 7.95 -1.69
N ILE H 138 -43.57 7.95 -2.63
CA ILE H 138 -42.55 8.96 -2.71
C ILE H 138 -42.48 9.51 -4.13
N SER H 139 -42.54 10.83 -4.28
CA SER H 139 -42.73 11.39 -5.61
C SER H 139 -42.04 12.75 -5.74
N ASP H 140 -41.95 13.25 -6.96
CA ASP H 140 -41.41 14.57 -7.22
C ASP H 140 -40.01 14.82 -6.65
N PHE H 141 -39.16 13.81 -6.59
CA PHE H 141 -37.77 14.08 -6.23
C PHE H 141 -36.73 14.02 -7.37
N TYR H 142 -35.56 14.62 -7.13
CA TYR H 142 -34.46 14.57 -8.09
C TYR H 142 -33.13 15.01 -7.44
N PRO H 143 -32.05 14.25 -7.64
CA PRO H 143 -31.88 13.03 -8.45
C PRO H 143 -32.73 11.86 -8.00
N GLY H 144 -32.97 10.94 -8.93
CA GLY H 144 -33.76 9.76 -8.67
C GLY H 144 -33.06 8.71 -7.82
N ALA H 145 -32.64 9.08 -6.62
CA ALA H 145 -32.08 8.11 -5.71
C ALA H 145 -32.63 8.40 -4.32
N VAL H 146 -33.18 7.37 -3.67
CA VAL H 146 -33.53 7.48 -2.26
C VAL H 146 -33.24 6.21 -1.47
N THR H 147 -33.30 6.37 -0.16
CA THR H 147 -33.10 5.29 0.80
C THR H 147 -34.29 5.31 1.74
N VAL H 148 -34.95 4.16 1.91
CA VAL H 148 -36.15 4.09 2.77
C VAL H 148 -35.88 3.27 4.04
N ALA H 149 -36.26 3.82 5.19
CA ALA H 149 -36.06 3.15 6.47
C ALA H 149 -37.35 3.11 7.28
N TRP H 150 -37.71 1.92 7.79
CA TRP H 150 -38.97 1.76 8.51
C TRP H 150 -38.77 1.57 10.02
N LYS H 151 -39.65 2.18 10.80
CA LYS H 151 -39.53 2.11 12.24
C LYS H 151 -40.86 1.77 12.91
N ALA H 152 -40.82 0.84 13.85
CA ALA H 152 -41.95 0.55 14.74
C ALA H 152 -41.69 1.29 16.04
N ASP H 153 -42.55 2.26 16.31
CA ASP H 153 -42.30 3.27 17.33
C ASP H 153 -41.00 3.97 16.95
N SER H 154 -39.91 3.59 17.60
CA SER H 154 -38.60 4.18 17.37
C SER H 154 -37.64 3.11 16.85
N SER H 155 -38.05 1.85 16.96
CA SER H 155 -37.15 0.72 16.68
C SER H 155 -37.10 0.35 15.20
N PRO H 156 -35.89 0.33 14.62
CA PRO H 156 -35.74 -0.09 13.22
C PRO H 156 -36.40 -1.43 12.93
N VAL H 157 -37.03 -1.52 11.76
CA VAL H 157 -37.83 -2.67 11.35
C VAL H 157 -37.41 -3.05 9.94
N LYS H 158 -36.58 -4.07 9.81
CA LYS H 158 -36.07 -4.46 8.51
C LYS H 158 -36.88 -5.57 7.85
N ALA H 159 -37.70 -6.26 8.64
CA ALA H 159 -38.48 -7.39 8.14
C ALA H 159 -39.76 -6.97 7.42
N GLY H 160 -40.00 -7.53 6.25
CA GLY H 160 -41.25 -7.31 5.53
C GLY H 160 -41.26 -6.08 4.64
N VAL H 161 -40.08 -5.57 4.30
CA VAL H 161 -40.00 -4.37 3.48
C VAL H 161 -39.79 -4.69 1.99
N GLU H 162 -40.64 -4.12 1.14
CA GLU H 162 -40.45 -4.17 -0.31
C GLU H 162 -40.43 -2.75 -0.85
N THR H 163 -39.42 -2.42 -1.65
CA THR H 163 -39.28 -1.06 -2.17
C THR H 163 -38.99 -1.08 -3.66
N THR H 164 -39.68 -0.22 -4.40
CA THR H 164 -39.53 -0.18 -5.84
C THR H 164 -38.41 0.76 -6.26
N THR H 165 -37.89 0.54 -7.45
CA THR H 165 -36.85 1.39 -8.01
C THR H 165 -37.49 2.68 -8.51
N PRO H 166 -36.79 3.80 -8.35
CA PRO H 166 -37.28 5.09 -8.83
C PRO H 166 -37.43 5.10 -10.35
N SER H 167 -38.56 5.62 -10.83
CA SER H 167 -38.78 5.76 -12.25
C SER H 167 -39.26 7.18 -12.55
N LYS H 168 -39.12 7.61 -13.80
CA LYS H 168 -39.43 8.97 -14.22
C LYS H 168 -40.91 9.28 -14.35
N GLN H 169 -41.28 10.43 -13.82
CA GLN H 169 -42.64 10.94 -13.93
C GLN H 169 -42.72 11.79 -15.18
N SER H 170 -43.92 12.21 -15.54
CA SER H 170 -44.09 13.10 -16.68
C SER H 170 -43.18 14.31 -16.54
N ASN H 171 -43.09 14.84 -15.32
CA ASN H 171 -42.40 16.11 -15.07
C ASN H 171 -40.89 15.93 -14.89
N ASN H 172 -40.38 14.77 -15.28
CA ASN H 172 -38.95 14.49 -15.27
C ASN H 172 -38.33 14.44 -13.89
N LYS H 173 -39.17 14.32 -12.86
CA LYS H 173 -38.65 13.96 -11.55
C LYS H 173 -39.02 12.50 -11.32
N TYR H 174 -38.65 11.93 -10.18
CA TYR H 174 -38.78 10.50 -9.95
C TYR H 174 -39.84 10.11 -8.88
N ALA H 175 -40.23 8.84 -8.92
CA ALA H 175 -41.24 8.31 -8.03
C ALA H 175 -40.81 6.91 -7.59
N ALA H 176 -40.97 6.63 -6.30
CA ALA H 176 -40.80 5.29 -5.78
C ALA H 176 -41.91 5.02 -4.78
N SER H 177 -42.00 3.77 -4.35
CA SER H 177 -42.98 3.41 -3.36
C SER H 177 -42.32 2.35 -2.50
N SER H 178 -42.85 2.11 -1.31
CA SER H 178 -42.28 1.15 -0.40
C SER H 178 -43.39 0.61 0.49
N TYR H 179 -43.32 -0.67 0.83
CA TYR H 179 -44.41 -1.36 1.49
C TYR H 179 -43.91 -2.12 2.71
N LEU H 180 -44.58 -1.94 3.84
CA LEU H 180 -44.29 -2.75 5.01
C LEU H 180 -45.46 -3.68 5.30
N SER H 181 -45.22 -4.98 5.25
CA SER H 181 -46.29 -5.94 5.51
C SER H 181 -46.28 -6.29 6.98
N LEU H 182 -47.40 -6.03 7.63
CA LEU H 182 -47.58 -6.35 9.04
C LEU H 182 -48.69 -7.35 9.21
N THR H 183 -48.68 -8.00 10.37
CA THR H 183 -49.81 -8.77 10.82
C THR H 183 -50.71 -7.82 11.58
N PRO H 184 -52.02 -8.05 11.56
CA PRO H 184 -52.85 -7.16 12.37
C PRO H 184 -52.29 -6.97 13.78
N GLU H 185 -51.65 -8.00 14.33
CA GLU H 185 -51.23 -7.98 15.73
C GLU H 185 -50.07 -7.02 15.97
N GLN H 186 -49.11 -7.04 15.07
CA GLN H 186 -47.99 -6.12 15.15
C GLN H 186 -48.48 -4.69 14.99
N TRP H 187 -49.49 -4.49 14.14
CA TRP H 187 -49.96 -3.15 13.82
C TRP H 187 -50.67 -2.53 15.01
N LYS H 188 -51.51 -3.30 15.68
CA LYS H 188 -52.29 -2.81 16.81
C LYS H 188 -51.42 -2.66 18.06
N SER H 189 -50.39 -3.49 18.17
CA SER H 189 -49.62 -3.59 19.41
C SER H 189 -48.56 -2.51 19.57
N HIS H 190 -48.33 -1.73 18.52
CA HIS H 190 -47.37 -0.63 18.61
C HIS H 190 -48.07 0.71 18.72
N LYS H 191 -47.33 1.72 19.15
CA LYS H 191 -47.83 3.08 19.25
C LYS H 191 -47.99 3.73 17.87
N SER H 192 -46.95 3.66 17.05
CA SER H 192 -46.98 4.21 15.70
C SER H 192 -45.86 3.63 14.84
N TYR H 193 -45.98 3.76 13.53
CA TYR H 193 -44.93 3.36 12.60
C TYR H 193 -44.52 4.53 11.72
N SER H 194 -43.24 4.59 11.35
CA SER H 194 -42.73 5.72 10.60
C SER H 194 -41.98 5.30 9.36
N CYS H 195 -42.34 5.91 8.23
CA CYS H 195 -41.58 5.77 6.99
C CYS H 195 -40.55 6.91 6.91
N GLN H 196 -39.29 6.57 6.72
CA GLN H 196 -38.21 7.56 6.66
C GLN H 196 -37.47 7.52 5.32
N VAL H 197 -37.55 8.62 4.59
CA VAL H 197 -37.01 8.70 3.24
C VAL H 197 -35.82 9.65 3.21
N THR H 198 -34.62 9.10 3.08
CA THR H 198 -33.41 9.92 2.95
C THR H 198 -33.08 10.16 1.49
N HIS H 199 -32.74 11.41 1.16
CA HIS H 199 -32.51 11.81 -0.22
C HIS H 199 -31.49 12.94 -0.28
N GLU H 200 -30.36 12.69 -0.93
CA GLU H 200 -29.32 13.70 -1.02
C GLU H 200 -29.00 14.34 0.35
N GLY H 201 -28.83 13.52 1.38
CA GLY H 201 -28.47 14.04 2.70
C GLY H 201 -29.60 14.46 3.64
N SER H 202 -30.79 14.72 3.12
CA SER H 202 -31.95 15.13 3.93
C SER H 202 -33.00 14.04 4.10
N THR H 203 -33.48 13.89 5.33
CA THR H 203 -34.53 12.92 5.62
C THR H 203 -35.90 13.55 5.81
N VAL H 204 -36.89 13.00 5.11
CA VAL H 204 -38.28 13.35 5.32
C VAL H 204 -38.97 12.16 5.98
N GLU H 205 -39.83 12.42 6.96
CA GLU H 205 -40.50 11.33 7.68
C GLU H 205 -42.00 11.55 7.86
N LYS H 206 -42.77 10.49 7.70
CA LYS H 206 -44.20 10.50 7.98
C LYS H 206 -44.48 9.32 8.92
N THR H 207 -45.51 9.45 9.75
CA THR H 207 -45.81 8.44 10.76
C THR H 207 -47.32 8.17 10.82
N VAL H 208 -47.72 6.91 10.96
CA VAL H 208 -49.13 6.58 11.13
C VAL H 208 -49.36 5.81 12.43
N ALA H 209 -50.58 5.85 12.95
CA ALA H 209 -50.90 5.25 14.24
C ALA H 209 -52.20 4.43 14.21
N PRO H 210 -52.25 3.33 14.96
CA PRO H 210 -53.31 2.32 15.01
C PRO H 210 -54.76 2.82 15.03
N THR H 211 -55.17 3.56 16.06
CA THR H 211 -56.59 3.92 16.19
C THR H 211 -56.80 5.43 16.40
C1 NAG I . 18.73 47.53 10.68
C2 NAG I . 19.60 48.71 11.15
C3 NAG I . 18.66 49.80 11.65
C4 NAG I . 17.71 50.22 10.53
C5 NAG I . 17.21 49.08 9.63
C6 NAG I . 16.85 49.67 8.26
C7 NAG I . 21.89 48.74 11.97
C8 NAG I . 22.45 49.78 12.88
N2 NAG I . 20.62 48.38 12.15
O3 NAG I . 19.42 50.90 12.11
O4 NAG I . 16.55 50.83 11.09
O5 NAG I . 18.14 48.03 9.48
O6 NAG I . 16.41 48.70 7.34
O7 NAG I . 22.59 48.26 11.10
C1 NAG J . -14.12 -47.49 16.18
C2 NAG J . -14.57 -48.22 14.90
C3 NAG J . -14.26 -49.71 14.97
C4 NAG J . -12.77 -49.87 15.23
C5 NAG J . -12.42 -49.24 16.58
C6 NAG J . -10.92 -49.26 16.86
C7 NAG J . -16.39 -47.64 13.39
C8 NAG J . -16.93 -48.73 12.52
N2 NAG J . -15.98 -48.01 14.62
O3 NAG J . -14.61 -50.35 13.76
O4 NAG J . -12.42 -51.24 15.15
O5 NAG J . -12.86 -47.91 16.69
O6 NAG J . -10.37 -47.97 17.07
O7 NAG J . -16.33 -46.48 12.98
C1 NAG K . 14.62 0.54 -0.78
C2 NAG K . 14.26 -0.79 -0.11
C3 NAG K . 14.18 -0.60 1.40
C4 NAG K . 15.41 0.18 1.86
C5 NAG K . 15.35 1.58 1.25
C6 NAG K . 16.70 2.10 0.80
C7 NAG K . 12.97 -2.59 -1.06
C8 NAG K . 11.70 -3.33 -0.75
N2 NAG K . 13.02 -1.33 -0.62
O3 NAG K . 14.10 -1.85 2.06
O4 NAG K . 15.46 0.25 3.27
O5 NAG K . 14.44 1.59 0.16
O6 NAG K . 16.52 3.34 0.13
O7 NAG K . 13.89 -3.14 -1.66
C1 NAG L . -14.16 -0.58 3.97
C2 NAG L . -13.71 0.79 4.52
C3 NAG L . -13.14 0.68 5.94
C4 NAG L . -14.07 -0.13 6.83
C5 NAG L . -14.41 -1.44 6.14
C6 NAG L . -15.29 -2.36 6.99
C7 NAG L . -13.03 2.62 3.13
C8 NAG L . -11.85 3.43 2.67
N2 NAG L . -12.76 1.42 3.63
O3 NAG L . -12.93 1.97 6.47
O4 NAG L . -13.44 -0.40 8.07
O5 NAG L . -15.04 -1.16 4.91
O6 NAG L . -15.35 -3.64 6.37
O7 NAG L . -14.18 3.08 3.05
#